data_6R1U
#
_entry.id   6R1U
#
_cell.length_a   1
_cell.length_b   1
_cell.length_c   1
_cell.angle_alpha   90
_cell.angle_beta   90
_cell.angle_gamma   90
#
_symmetry.space_group_name_H-M   'P 1'
#
loop_
_entity.id
_entity.type
_entity.pdbx_description
1 polymer 'Histone H3.2'
2 polymer 'Histone H4'
3 polymer 'Histone H2A'
4 polymer 'Histone H2B 1.1'
5 polymer 'DNA (147-MER)'
6 polymer 'DNA (147-MER)'
7 polymer 'Lysine-specific histone demethylase 1B'
8 polymer 'Putative oxidoreductase GLYR1'
9 polymer 'Histone H3'
10 non-polymer 'FLAVIN-ADENINE DINUCLEOTIDE'
11 non-polymer 'ZINC ION'
#
loop_
_entity_poly.entity_id
_entity_poly.type
_entity_poly.pdbx_seq_one_letter_code
_entity_poly.pdbx_strand_id
1 'polypeptide(L)'
;ARTKQTARKSTGGKAPRKQLATKAARKSAPATGGVKKPHRYRPGTVALREIRRYQKSTELLIRKLPFQRLVREIAQDFKT
DLRFQSSAVMALQEASEAYLVALFEDTNLCAIHAKRVTIMPKDIQLARRIRGERA
;
A,E
2 'polypeptide(L)'
;SGRGKGGKGLGKGGAKRHRKVLRDNIQGITKPAIRRLARRGGVKRISGLIYEETRGVLKVFLENVIRDAVTYTEHAKRKT
VTAMDVVYALKRQGRTLYGFGG
;
B,F
3 'polypeptide(L)'
;SGRGKQGGKTRAKAKTRSSRAGLQFPVGRVHRLLRKGNYAERVGAGAPVYLAAVLEYLTAEILELAGNAARDNKKTRIIP
RHLQLAVRNDEELNKLLGRVTIAQGGVLPNIQSVLLPKKTESSKSAKSK
;
C,G
4 'polypeptide(L)'
;AKSAPAPKKGSKKAVTKTQKKDGKKRRKTRKESYAIYVYKVLKQVHPDTGISSKAMSIMNSFVNDVFERIAGEASRLAHY
NKRSTITSREIQTAVRLLLPGELAKHAVSEGTKAVTKYTSAK
;
D,H
5 'polydeoxyribonucleotide'
;(DA)(DT)(DC)(DG)(DG)(DA)(DT)(DG)(DT)(DA)(DT)(DA)(DT)(DA)(DT)(DC)(DT)(DG)(DA)(DC)
(DA)(DC)(DG)(DT)(DG)(DC)(DC)(DT)(DG)(DG)(DA)(DG)(DA)(DC)(DT)(DA)(DG)(DG)(DG)(DA)
(DG)(DT)(DA)(DA)(DT)(DC)(DC)(DC)(DC)(DT)(DT)(DG)(DG)(DC)(DG)(DG)(DT)(DT)(DA)(DA)
(DA)(DA)(DC)(DG)(DC)(DG)(DG)(DG)(DG)(DG)(DA)(DC)(DA)(DG)(DC)(DG)(DC)(DG)(DT)(DA)
(DC)(DG)(DT)(DG)(DC)(DG)(DT)(DT)(DT)(DA)(DA)(DG)(DC)(DG)(DG)(DT)(DG)(DC)(DT)(DA)
(DG)(DA)(DG)(DC)(DT)(DG)(DT)(DC)(DT)(DA)(DC)(DG)(DA)(DC)(DC)(DA)(DA)(DT)(DT)(DG)
(DA)(DG)(DC)(DG)(DG)(DC)(DC)(DT)(DC)(DG)(DG)(DC)(DA)(DC)(DC)(DG)(DG)(DG)(DA)(DT)
(DT)(DC)(DT)(DC)(DG)(DA)(DT)
;
I
6 'polydeoxyribonucleotide'
;(DA)(DT)(DC)(DG)(DA)(DG)(DA)(DA)(DT)(DC)(DC)(DC)(DG)(DG)(DT)(DG)(DC)(DC)(DG)(DA)
(DG)(DG)(DC)(DC)(DG)(DC)(DT)(DC)(DA)(DA)(DT)(DT)(DG)(DG)(DT)(DC)(DG)(DT)(DA)(DG)
(DA)(DC)(DA)(DG)(DC)(DT)(DC)(DT)(DA)(DG)(DC)(DA)(DC)(DC)(DG)(DC)(DT)(DT)(DA)(DA)
(DA)(DC)(DG)(DC)(DA)(DC)(DG)(DT)(DA)(DC)(DG)(DC)(DG)(DC)(DT)(DG)(DT)(DC)(DC)(DC)
(DC)(DC)(DG)(DC)(DG)(DT)(DT)(DT)(DT)(DA)(DA)(DC)(DC)(DG)(DC)(DC)(DA)(DA)(DG)(DG)
(DG)(DG)(DA)(DT)(DT)(DA)(DC)(DT)(DC)(DC)(DC)(DT)(DA)(DG)(DT)(DC)(DT)(DC)(DC)(DA)
(DG)(DG)(DC)(DA)(DC)(DG)(DT)(DG)(DT)(DC)(DA)(DG)(DA)(DT)(DA)(DT)(DA)(DT)(DA)(DC)
(DA)(DT)(DC)(DC)(DG)(DA)(DT)
;
J
7 'polypeptide(L)'
;PLGSRKCEKAGCTATCPVCFASASERCAKNGYTSRWYHLSCGEHFCNECFDHYYRSHKDGYDKYTTWKKIWTSNGKTEPS
PKAFMADQQLPYWVQCTKPECRKWRQLTKEIQLTPQIAKTYRCGMKPNTAIKPETSDHCSLPEDLRVLEVSNHWWYSMLI
LPPLLKDSVAAPLLSAYYPDCVGMSPSCTSTNRAAATGNASPGKLEHSKAALSVHVPGMNRYFQPFYQPNECGKALCVRP
DVMELDELYEFPEYSRDPTMYLALRNLILALWYTNCKEALTPQKCIPHIIVRGLVRIRCVQEVERILYFMTRKGLINTGV
LSVGADQYLLPKDYHNKSVIIIGAGPAGLAAARQLHNFGIKVTVLEAKDRIGGRVWDDKSFKGVTVGRGAQIVNGCINNP
VALMCEQLGISMHKFGERCDLIQEGGRITDPTIDKRMDFHFNALLDVVSEWRKDKTQLQDVPLGEKIEEIYKAFIKESGI
QFSELEGQVLQFHLSNLEYACGSNLHQVSARSWDHNEFFAQFAGDHTLLTPGYSVIIEKLAEGLDIQLKSPVQCIDYSGD
EVQVTTTDGTGYSAQKVLVTVPLALLQKGAIQFNPPLSEKKMKAINSLGAGIIEKIALQFPYRFWDSKVQGADFFGHVPP
SASKRGLFAVFYDMDPQKKHSVLMSVIAGEAVASVRTLDDKQVLQQCMATLRELFKEQEVPDPTKYFVTRWSTDPWIQMA
YSFVKTGGSGEAYDIIAEDIQGTVFFAGEATNRHFPQTVTGAYLSGVREASKIAAF
;
K
8 'polypeptide(L)'
;PLGSPEFSERGSKSPLKRAQEQSPRKRGRPPKDEKDLTIPESSTVKGMMAGPMAAFKWQPTASEPVKDADPHFHHFLLSQ
TEKPAVCYQAITKKLKICEEETGSTSIQAADSTAVNGSITPTDK
;
L
9 'polypeptide(L)'
;ARTMQTARKSTGGKAPRKQLATKAARKSAPATGGVKKPHRYRPGTVALREIRRYQKSTELLIRKLPFQRLVREIAQDFKT
DLRFQSSAVMALQEASEAYLVALFEDTNLCAIHAKRVTIMPKDIQLARRIRGERA
;
M
#
# COMPACT_ATOMS: atom_id res chain seq x y z
N LYS A 37 -10.57 -37.84 -14.31
CA LYS A 37 -9.43 -36.89 -14.31
C LYS A 37 -9.34 -36.20 -12.93
N PRO A 38 -8.95 -36.93 -11.86
CA PRO A 38 -8.84 -36.33 -10.52
C PRO A 38 -7.98 -35.06 -10.55
N HIS A 39 -8.47 -33.99 -9.91
CA HIS A 39 -7.72 -32.70 -9.88
C HIS A 39 -8.18 -31.86 -8.69
N ARG A 40 -7.35 -31.80 -7.64
CA ARG A 40 -7.69 -30.99 -6.44
C ARG A 40 -7.66 -29.50 -6.82
N TYR A 41 -8.56 -28.71 -6.23
CA TYR A 41 -8.62 -27.25 -6.53
C TYR A 41 -7.23 -26.62 -6.35
N ARG A 42 -6.69 -26.67 -5.14
CA ARG A 42 -5.39 -26.09 -4.88
C ARG A 42 -5.16 -25.86 -3.38
N PRO A 43 -3.92 -25.59 -2.98
CA PRO A 43 -3.68 -25.15 -1.60
C PRO A 43 -4.16 -23.74 -1.37
N GLY A 44 -5.42 -23.57 -0.99
CA GLY A 44 -5.96 -22.25 -0.77
C GLY A 44 -7.43 -22.12 -1.09
N THR A 45 -7.95 -22.98 -1.97
CA THR A 45 -9.38 -22.94 -2.22
C THR A 45 -10.14 -23.63 -1.09
N VAL A 46 -9.67 -24.79 -0.65
CA VAL A 46 -10.20 -25.41 0.56
C VAL A 46 -9.96 -24.51 1.77
N ALA A 47 -8.81 -23.83 1.77
CA ALA A 47 -8.48 -22.93 2.87
C ALA A 47 -9.41 -21.73 2.90
N LEU A 48 -9.48 -20.95 1.82
CA LEU A 48 -10.26 -19.71 1.86
C LEU A 48 -11.76 -19.96 1.85
N ARG A 49 -12.21 -20.97 1.09
CA ARG A 49 -13.62 -21.34 1.14
C ARG A 49 -14.00 -21.84 2.52
N GLU A 50 -13.11 -22.64 3.13
CA GLU A 50 -13.40 -23.17 4.45
C GLU A 50 -13.26 -22.11 5.54
N ILE A 51 -12.47 -21.07 5.29
CA ILE A 51 -12.47 -19.87 6.14
C ILE A 51 -13.80 -19.15 6.02
N ARG A 52 -14.38 -19.11 4.82
CA ARG A 52 -15.69 -18.49 4.68
C ARG A 52 -16.76 -19.27 5.44
N ARG A 53 -16.67 -20.60 5.42
CA ARG A 53 -17.62 -21.38 6.20
C ARG A 53 -17.42 -21.22 7.69
N TYR A 54 -16.23 -21.52 8.19
CA TYR A 54 -16.03 -21.51 9.63
C TYR A 54 -15.91 -20.11 10.22
N GLN A 55 -15.79 -19.06 9.41
CA GLN A 55 -16.13 -17.75 9.94
C GLN A 55 -17.63 -17.54 9.91
N LYS A 56 -18.31 -18.10 8.92
CA LYS A 56 -19.72 -17.80 8.76
C LYS A 56 -20.58 -18.54 9.79
N SER A 57 -20.16 -19.72 10.23
CA SER A 57 -20.98 -20.48 11.16
C SER A 57 -20.80 -19.98 12.58
N THR A 58 -21.58 -20.56 13.50
CA THR A 58 -21.71 -20.05 14.85
C THR A 58 -21.42 -21.05 15.94
N GLU A 59 -21.45 -22.36 15.65
CA GLU A 59 -21.54 -23.33 16.72
C GLU A 59 -20.17 -23.61 17.33
N LEU A 60 -20.15 -24.51 18.30
CA LEU A 60 -18.99 -24.76 19.14
C LEU A 60 -18.25 -25.97 18.61
N LEU A 61 -16.93 -25.88 18.54
CA LEU A 61 -16.20 -26.79 17.67
C LEU A 61 -15.72 -28.04 18.38
N ILE A 62 -14.87 -27.88 19.39
CA ILE A 62 -14.18 -29.03 19.96
C ILE A 62 -15.14 -29.84 20.81
N ARG A 63 -15.00 -31.15 20.73
CA ARG A 63 -16.08 -32.07 21.04
C ARG A 63 -16.35 -32.13 22.54
N LYS A 64 -17.56 -32.58 22.88
CA LYS A 64 -18.11 -32.34 24.21
C LYS A 64 -17.43 -33.22 25.26
N LEU A 65 -17.35 -34.52 25.01
CA LEU A 65 -16.75 -35.42 25.99
C LEU A 65 -15.23 -35.32 26.16
N PRO A 66 -14.39 -35.14 25.12
CA PRO A 66 -12.97 -34.91 25.40
C PRO A 66 -12.70 -33.61 26.12
N PHE A 67 -13.44 -32.56 25.78
CA PHE A 67 -13.27 -31.30 26.49
C PHE A 67 -13.74 -31.41 27.93
N GLN A 68 -14.84 -32.12 28.14
CA GLN A 68 -15.38 -32.31 29.49
C GLN A 68 -14.41 -33.10 30.36
N ARG A 69 -13.83 -34.15 29.80
CA ARG A 69 -12.79 -34.90 30.51
C ARG A 69 -11.55 -34.05 30.75
N LEU A 70 -11.27 -33.10 29.86
CA LEU A 70 -10.13 -32.21 30.07
C LEU A 70 -10.35 -31.30 31.27
N VAL A 71 -11.52 -30.67 31.33
CA VAL A 71 -11.84 -29.77 32.43
C VAL A 71 -11.88 -30.52 33.75
N ARG A 72 -12.38 -31.75 33.74
CA ARG A 72 -12.37 -32.55 34.97
C ARG A 72 -10.96 -32.94 35.38
N GLU A 73 -10.10 -33.21 34.39
CA GLU A 73 -8.73 -33.63 34.71
C GLU A 73 -7.93 -32.48 35.30
N ILE A 74 -8.02 -31.29 34.70
CA ILE A 74 -7.35 -30.13 35.27
C ILE A 74 -8.00 -29.76 36.60
N ALA A 75 -9.29 -30.06 36.74
CA ALA A 75 -10.00 -29.76 37.97
C ALA A 75 -9.60 -30.67 39.12
N GLN A 76 -9.08 -31.87 38.84
CA GLN A 76 -8.72 -32.77 39.94
C GLN A 76 -7.50 -32.29 40.72
N ASP A 77 -6.70 -31.39 40.15
CA ASP A 77 -5.46 -31.02 40.81
C ASP A 77 -5.70 -30.11 42.00
N PHE A 78 -6.59 -29.13 41.86
CA PHE A 78 -6.79 -28.18 42.94
C PHE A 78 -7.70 -28.72 44.01
N LYS A 79 -8.53 -29.70 43.69
CA LYS A 79 -9.46 -30.29 44.63
C LYS A 79 -9.88 -31.64 44.07
N THR A 80 -10.08 -32.61 44.96
CA THR A 80 -10.53 -33.92 44.53
C THR A 80 -12.05 -34.00 44.49
N ASP A 81 -12.55 -34.81 43.55
CA ASP A 81 -13.95 -35.26 43.47
C ASP A 81 -14.92 -34.10 43.32
N LEU A 82 -14.79 -33.39 42.21
CA LEU A 82 -15.67 -32.27 41.92
C LEU A 82 -16.92 -32.72 41.17
N ARG A 83 -17.78 -31.76 40.87
CA ARG A 83 -18.96 -31.97 40.06
C ARG A 83 -19.19 -30.72 39.23
N PHE A 84 -19.66 -30.90 38.00
CA PHE A 84 -19.91 -29.79 37.09
C PHE A 84 -21.36 -29.77 36.62
N GLN A 85 -21.96 -28.60 36.60
CA GLN A 85 -23.13 -28.41 35.76
C GLN A 85 -22.69 -28.47 34.30
N SER A 86 -23.59 -28.92 33.44
CA SER A 86 -23.24 -29.11 32.04
C SER A 86 -23.03 -27.76 31.33
N SER A 87 -23.87 -26.78 31.66
CA SER A 87 -23.77 -25.47 31.03
C SER A 87 -22.49 -24.76 31.41
N ALA A 88 -21.93 -25.05 32.58
CA ALA A 88 -20.64 -24.49 32.93
C ALA A 88 -19.53 -25.07 32.08
N VAL A 89 -19.65 -26.34 31.70
CA VAL A 89 -18.69 -26.92 30.77
C VAL A 89 -18.85 -26.25 29.41
N MET A 90 -20.08 -25.93 29.02
CA MET A 90 -20.28 -25.15 27.80
C MET A 90 -19.69 -23.76 27.94
N ALA A 91 -19.66 -23.21 29.15
CA ALA A 91 -19.15 -21.86 29.36
C ALA A 91 -17.64 -21.82 29.24
N LEU A 92 -16.96 -22.79 29.85
CA LEU A 92 -15.52 -22.90 29.69
C LEU A 92 -15.15 -23.22 28.25
N GLN A 93 -16.02 -23.95 27.56
CA GLN A 93 -15.82 -24.20 26.14
C GLN A 93 -15.90 -22.93 25.34
N GLU A 94 -16.84 -22.05 25.70
CA GLU A 94 -17.06 -20.85 24.91
C GLU A 94 -15.96 -19.82 25.14
N ALA A 95 -15.58 -19.62 26.39
CA ALA A 95 -14.49 -18.68 26.64
C ALA A 95 -13.17 -19.21 26.14
N SER A 96 -12.99 -20.53 26.16
CA SER A 96 -11.73 -21.10 25.71
C SER A 96 -11.59 -21.02 24.20
N GLU A 97 -12.68 -21.28 23.47
CA GLU A 97 -12.61 -21.07 22.03
C GLU A 97 -12.46 -19.61 21.67
N ALA A 98 -13.08 -18.70 22.43
CA ALA A 98 -12.98 -17.30 22.06
C ALA A 98 -11.59 -16.74 22.35
N TYR A 99 -10.96 -17.23 23.40
CA TYR A 99 -9.60 -16.80 23.69
C TYR A 99 -8.61 -17.38 22.68
N LEU A 100 -8.77 -18.65 22.29
CA LEU A 100 -7.88 -19.19 21.26
C LEU A 100 -8.09 -18.51 19.91
N VAL A 101 -9.36 -18.30 19.53
CA VAL A 101 -9.70 -17.66 18.26
C VAL A 101 -9.11 -16.26 18.19
N ALA A 102 -9.23 -15.47 19.27
CA ALA A 102 -8.62 -14.15 19.28
C ALA A 102 -7.11 -14.24 19.23
N LEU A 103 -6.55 -15.27 19.85
CA LEU A 103 -5.11 -15.48 19.73
C LEU A 103 -4.68 -15.79 18.30
N PHE A 104 -5.51 -16.49 17.52
CA PHE A 104 -5.11 -16.74 16.13
C PHE A 104 -5.34 -15.53 15.24
N GLU A 105 -6.33 -14.69 15.57
CA GLU A 105 -6.47 -13.38 14.94
C GLU A 105 -5.17 -12.61 15.06
N ASP A 106 -4.67 -12.53 16.29
CA ASP A 106 -3.55 -11.65 16.52
C ASP A 106 -2.23 -12.25 16.02
N THR A 107 -2.05 -13.56 16.17
CA THR A 107 -0.84 -14.17 15.63
C THR A 107 -0.88 -14.20 14.10
N ASN A 108 -2.07 -14.12 13.51
CA ASN A 108 -2.16 -13.97 12.07
C ASN A 108 -1.69 -12.61 11.64
N LEU A 109 -2.05 -11.56 12.38
CA LEU A 109 -1.50 -10.24 12.09
C LEU A 109 0.00 -10.20 12.33
N CYS A 110 0.49 -10.97 13.29
CA CYS A 110 1.92 -11.07 13.53
C CYS A 110 2.65 -11.65 12.33
N ALA A 111 2.24 -12.83 11.87
CA ALA A 111 2.97 -13.48 10.79
C ALA A 111 2.76 -12.79 9.45
N ILE A 112 1.60 -12.16 9.24
CA ILE A 112 1.44 -11.32 8.05
C ILE A 112 2.36 -10.12 8.12
N HIS A 113 2.63 -9.64 9.33
CA HIS A 113 3.57 -8.53 9.43
C HIS A 113 5.03 -8.96 9.23
N ALA A 114 5.30 -10.25 9.02
CA ALA A 114 6.61 -10.73 8.61
C ALA A 114 6.69 -11.05 7.13
N LYS A 115 5.67 -10.66 6.35
CA LYS A 115 5.44 -11.10 4.98
C LYS A 115 5.49 -12.62 4.86
N ARG A 116 4.77 -13.27 5.76
CA ARG A 116 4.50 -14.71 5.73
C ARG A 116 3.01 -14.93 5.82
N VAL A 117 2.56 -16.07 5.30
CA VAL A 117 1.15 -16.44 5.37
C VAL A 117 1.01 -17.74 6.13
N THR A 118 1.91 -17.99 7.07
CA THR A 118 1.85 -19.22 7.83
C THR A 118 2.18 -18.95 9.29
N ILE A 119 1.31 -19.40 10.18
CA ILE A 119 1.53 -19.27 11.61
C ILE A 119 2.66 -20.19 12.04
N MET A 120 3.64 -19.64 12.74
CA MET A 120 4.74 -20.38 13.31
C MET A 120 4.81 -20.07 14.80
N PRO A 121 5.38 -20.97 15.63
CA PRO A 121 5.16 -20.86 17.07
C PRO A 121 5.77 -19.63 17.73
N LYS A 122 6.85 -19.08 17.17
CA LYS A 122 7.39 -17.85 17.71
C LYS A 122 6.48 -16.66 17.49
N ASP A 123 5.57 -16.73 16.51
CA ASP A 123 4.56 -15.69 16.37
C ASP A 123 3.53 -15.75 17.49
N ILE A 124 3.12 -16.96 17.84
CA ILE A 124 2.26 -17.19 19.01
C ILE A 124 2.91 -16.64 20.26
N GLN A 125 4.21 -16.91 20.43
CA GLN A 125 4.97 -16.38 21.56
C GLN A 125 5.04 -14.86 21.53
N LEU A 126 5.07 -14.27 20.32
CA LEU A 126 5.10 -12.81 20.23
C LEU A 126 3.79 -12.21 20.72
N ALA A 127 2.66 -12.68 20.17
CA ALA A 127 1.38 -12.09 20.54
C ALA A 127 1.05 -12.32 22.01
N ARG A 128 1.48 -13.46 22.56
CA ARG A 128 1.33 -13.65 24.00
C ARG A 128 2.22 -12.70 24.79
N ARG A 129 3.33 -12.30 24.19
CA ARG A 129 4.28 -11.36 24.83
C ARG A 129 3.82 -9.92 24.58
N ILE A 130 3.46 -9.60 23.33
CA ILE A 130 3.01 -8.23 22.98
C ILE A 130 1.75 -7.90 23.79
N ARG A 131 0.74 -8.77 23.72
CA ARG A 131 -0.53 -8.55 24.46
C ARG A 131 -0.23 -8.37 25.95
N GLY A 132 0.60 -9.25 26.50
CA GLY A 132 0.97 -9.24 27.93
C GLY A 132 0.81 -10.62 28.53
N GLU A 133 0.29 -11.56 27.73
CA GLU A 133 0.07 -12.97 28.16
C GLU A 133 1.37 -13.52 28.76
N ARG A 134 2.49 -13.36 28.05
CA ARG A 134 3.80 -13.86 28.54
C ARG A 134 4.05 -13.32 29.94
N ALA A 135 3.79 -14.13 30.97
CA ALA A 135 3.99 -13.72 32.37
C ALA A 135 5.39 -13.12 32.55
N ARG B 17 -14.52 -53.17 26.56
CA ARG B 17 -14.34 -51.74 26.39
C ARG B 17 -14.02 -51.40 24.94
N HIS B 18 -13.50 -52.37 24.20
CA HIS B 18 -13.14 -52.16 22.81
C HIS B 18 -12.24 -50.94 22.67
N ARG B 19 -10.93 -51.17 22.75
CA ARG B 19 -9.93 -50.11 22.64
C ARG B 19 -10.26 -48.93 23.56
N LYS B 20 -10.57 -47.79 22.95
CA LYS B 20 -10.91 -46.54 23.65
C LYS B 20 -10.06 -46.23 24.89
N VAL B 21 -8.75 -46.31 24.73
CA VAL B 21 -7.83 -46.04 25.84
C VAL B 21 -7.49 -44.55 25.91
N LEU B 22 -6.71 -44.17 26.91
CA LEU B 22 -6.31 -42.78 27.10
C LEU B 22 -5.66 -42.23 25.83
N ARG B 23 -4.63 -42.92 25.36
CA ARG B 23 -3.90 -42.53 24.15
C ARG B 23 -3.50 -41.05 24.16
N ASP B 24 -4.45 -40.20 24.52
CA ASP B 24 -4.19 -38.76 24.57
C ASP B 24 -4.88 -38.15 25.78
N ASN B 25 -4.09 -37.80 26.79
CA ASN B 25 -4.62 -37.20 28.01
C ASN B 25 -5.26 -35.84 27.75
N ILE B 26 -4.43 -34.83 27.51
CA ILE B 26 -4.91 -33.49 27.25
C ILE B 26 -4.74 -33.13 25.78
N GLN B 27 -4.95 -34.11 24.90
CA GLN B 27 -4.82 -33.89 23.47
C GLN B 27 -6.14 -34.05 22.74
N GLY B 28 -7.24 -33.94 23.48
CA GLY B 28 -8.57 -34.07 22.89
C GLY B 28 -8.73 -33.08 21.75
N ILE B 29 -8.23 -31.87 21.97
CA ILE B 29 -8.30 -30.78 20.95
C ILE B 29 -7.57 -31.28 19.69
N THR B 30 -8.06 -32.38 19.11
CA THR B 30 -7.44 -32.96 17.93
C THR B 30 -6.78 -31.90 17.08
N LYS B 31 -5.88 -32.35 16.23
CA LYS B 31 -5.30 -31.51 15.18
C LYS B 31 -6.33 -30.85 14.27
N PRO B 32 -7.37 -31.53 13.73
CA PRO B 32 -8.37 -30.78 12.96
C PRO B 32 -9.23 -29.86 13.79
N ALA B 33 -9.33 -30.06 15.11
CA ALA B 33 -10.11 -29.14 15.92
C ALA B 33 -9.39 -27.79 16.07
N ILE B 34 -8.08 -27.83 16.30
CA ILE B 34 -7.28 -26.63 16.28
C ILE B 34 -7.26 -26.01 14.89
N ARG B 35 -7.31 -26.85 13.84
CA ARG B 35 -7.50 -26.31 12.50
C ARG B 35 -8.83 -25.57 12.37
N ARG B 36 -9.89 -26.10 12.98
CA ARG B 36 -11.20 -25.48 12.82
C ARG B 36 -11.28 -24.17 13.58
N LEU B 37 -10.66 -24.10 14.77
CA LEU B 37 -10.63 -22.83 15.49
C LEU B 37 -9.76 -21.80 14.78
N ALA B 38 -8.65 -22.23 14.21
CA ALA B 38 -7.79 -21.30 13.49
C ALA B 38 -8.47 -20.79 12.23
N ARG B 39 -9.22 -21.65 11.55
CA ARG B 39 -9.94 -21.20 10.38
C ARG B 39 -11.17 -20.38 10.71
N ARG B 40 -11.72 -20.50 11.92
CA ARG B 40 -12.64 -19.47 12.36
C ARG B 40 -11.90 -18.17 12.59
N GLY B 41 -10.68 -18.24 13.07
CA GLY B 41 -9.92 -17.02 13.23
C GLY B 41 -9.41 -16.40 11.95
N GLY B 42 -9.58 -17.06 10.81
CA GLY B 42 -9.03 -16.54 9.60
C GLY B 42 -7.54 -16.80 9.48
N VAL B 43 -7.18 -18.08 9.41
CA VAL B 43 -5.79 -18.52 9.32
C VAL B 43 -5.69 -19.52 8.19
N LYS B 44 -4.78 -19.27 7.25
CA LYS B 44 -4.72 -20.10 6.05
C LYS B 44 -3.88 -21.35 6.26
N ARG B 45 -2.61 -21.20 6.61
CA ARG B 45 -1.66 -22.30 6.66
C ARG B 45 -1.07 -22.40 8.06
N ILE B 46 -1.05 -23.62 8.60
CA ILE B 46 -0.65 -23.88 9.97
C ILE B 46 0.61 -24.73 9.96
N SER B 47 1.63 -24.32 10.71
CA SER B 47 2.85 -25.10 10.76
C SER B 47 2.67 -26.34 11.62
N GLY B 48 3.78 -27.05 11.85
CA GLY B 48 3.73 -28.37 12.42
C GLY B 48 3.67 -28.40 13.94
N LEU B 49 4.51 -27.60 14.58
CA LEU B 49 4.56 -27.61 16.04
C LEU B 49 3.51 -26.70 16.67
N ILE B 50 2.59 -26.16 15.88
CA ILE B 50 1.56 -25.26 16.38
C ILE B 50 0.63 -25.98 17.35
N TYR B 51 0.41 -27.28 17.12
CA TYR B 51 -0.64 -27.97 17.83
C TYR B 51 -0.27 -28.23 19.28
N GLU B 52 0.98 -28.63 19.52
CA GLU B 52 1.44 -28.91 20.88
C GLU B 52 1.48 -27.63 21.71
N GLU B 53 1.95 -26.53 21.11
CA GLU B 53 1.93 -25.24 21.78
C GLU B 53 0.51 -24.76 22.01
N THR B 54 -0.41 -25.11 21.11
CA THR B 54 -1.79 -24.69 21.28
C THR B 54 -2.42 -25.43 22.45
N ARG B 55 -2.10 -26.72 22.60
CA ARG B 55 -2.52 -27.47 23.77
C ARG B 55 -1.93 -26.88 25.04
N GLY B 56 -0.69 -26.38 24.96
CA GLY B 56 -0.07 -25.77 26.13
C GLY B 56 -0.75 -24.47 26.52
N VAL B 57 -1.06 -23.61 25.55
CA VAL B 57 -1.68 -22.32 25.84
C VAL B 57 -3.09 -22.52 26.39
N LEU B 58 -3.85 -23.41 25.76
CA LEU B 58 -5.18 -23.75 26.25
C LEU B 58 -5.11 -24.33 27.65
N LYS B 59 -4.06 -25.12 27.92
CA LYS B 59 -3.90 -25.69 29.25
C LYS B 59 -3.62 -24.61 30.29
N VAL B 60 -2.80 -23.61 29.94
CA VAL B 60 -2.50 -22.53 30.89
C VAL B 60 -3.74 -21.70 31.16
N PHE B 61 -4.49 -21.40 30.11
CA PHE B 61 -5.70 -20.59 30.26
C PHE B 61 -6.74 -21.30 31.12
N LEU B 62 -6.95 -22.59 30.86
CA LEU B 62 -7.91 -23.33 31.68
C LEU B 62 -7.42 -23.53 33.10
N GLU B 63 -6.10 -23.70 33.30
CA GLU B 63 -5.56 -23.81 34.65
C GLU B 63 -5.83 -22.56 35.47
N ASN B 64 -5.65 -21.38 34.86
CA ASN B 64 -5.95 -20.17 35.60
C ASN B 64 -7.44 -20.01 35.83
N VAL B 65 -8.26 -20.29 34.81
CA VAL B 65 -9.69 -20.00 34.91
C VAL B 65 -10.37 -20.93 35.90
N ILE B 66 -10.04 -22.22 35.88
CA ILE B 66 -10.73 -23.09 36.83
C ILE B 66 -9.99 -23.19 38.15
N ARG B 67 -8.71 -22.78 38.22
CA ARG B 67 -8.12 -22.51 39.53
C ARG B 67 -8.88 -21.40 40.24
N ASP B 68 -9.25 -20.37 39.50
CA ASP B 68 -10.01 -19.30 40.14
C ASP B 68 -11.46 -19.70 40.34
N ALA B 69 -12.00 -20.56 39.49
CA ALA B 69 -13.40 -20.93 39.61
C ALA B 69 -13.63 -21.90 40.76
N VAL B 70 -12.68 -22.81 40.98
CA VAL B 70 -12.82 -23.79 42.05
C VAL B 70 -12.76 -23.12 43.41
N THR B 71 -12.15 -21.94 43.51
CA THR B 71 -12.12 -21.24 44.77
C THR B 71 -13.48 -20.62 45.08
N TYR B 72 -14.16 -20.13 44.05
CA TYR B 72 -15.55 -19.71 44.21
C TYR B 72 -16.44 -20.86 44.59
N THR B 73 -16.15 -22.06 44.06
CA THR B 73 -16.97 -23.19 44.46
C THR B 73 -16.60 -23.65 45.87
N GLU B 74 -15.37 -23.39 46.31
CA GLU B 74 -15.00 -23.79 47.66
C GLU B 74 -15.51 -22.81 48.71
N HIS B 75 -15.69 -21.54 48.36
CA HIS B 75 -16.07 -20.57 49.37
C HIS B 75 -17.50 -20.75 49.84
N ALA B 76 -18.38 -21.17 48.95
CA ALA B 76 -19.74 -21.52 49.35
C ALA B 76 -19.81 -22.90 49.99
N LYS B 77 -18.67 -23.59 50.15
CA LYS B 77 -18.54 -24.92 50.75
C LYS B 77 -19.34 -25.96 49.97
N ARG B 78 -19.48 -25.74 48.67
CA ARG B 78 -20.25 -26.60 47.79
C ARG B 78 -19.30 -27.42 46.93
N LYS B 79 -19.75 -28.61 46.56
CA LYS B 79 -18.91 -29.56 45.86
C LYS B 79 -19.23 -29.61 44.37
N THR B 80 -20.09 -28.72 43.88
CA THR B 80 -20.51 -28.71 42.48
C THR B 80 -20.24 -27.35 41.88
N VAL B 81 -19.40 -27.32 40.84
CA VAL B 81 -19.13 -26.09 40.12
C VAL B 81 -20.33 -25.75 39.24
N THR B 82 -20.78 -24.50 39.30
CA THR B 82 -21.92 -24.05 38.52
C THR B 82 -21.47 -23.13 37.40
N ALA B 83 -22.45 -22.60 36.67
CA ALA B 83 -22.17 -21.71 35.56
C ALA B 83 -21.87 -20.30 36.03
N MET B 84 -22.59 -19.84 37.06
CA MET B 84 -22.32 -18.55 37.67
C MET B 84 -20.91 -18.47 38.22
N ASP B 85 -20.39 -19.60 38.72
CA ASP B 85 -19.01 -19.71 39.18
C ASP B 85 -18.03 -19.27 38.10
N VAL B 86 -18.07 -19.94 36.96
CA VAL B 86 -17.09 -19.64 35.94
C VAL B 86 -17.37 -18.35 35.20
N VAL B 87 -18.62 -17.88 35.12
CA VAL B 87 -18.83 -16.58 34.49
C VAL B 87 -18.30 -15.47 35.37
N TYR B 88 -18.47 -15.61 36.70
CA TYR B 88 -17.89 -14.64 37.63
C TYR B 88 -16.37 -14.67 37.59
N ALA B 89 -15.76 -15.86 37.58
CA ALA B 89 -14.31 -15.94 37.53
C ALA B 89 -13.76 -15.51 36.17
N LEU B 90 -14.55 -15.61 35.11
CA LEU B 90 -14.11 -15.04 33.84
C LEU B 90 -14.21 -13.52 33.86
N LYS B 91 -15.26 -13.00 34.50
CA LYS B 91 -15.43 -11.56 34.62
C LYS B 91 -14.27 -10.92 35.35
N ARG B 92 -13.79 -11.58 36.40
CA ARG B 92 -12.72 -11.02 37.21
C ARG B 92 -11.42 -10.96 36.43
N GLN B 93 -11.19 -11.90 35.52
CA GLN B 93 -9.99 -11.85 34.71
C GLN B 93 -10.12 -10.95 33.50
N GLY B 94 -11.16 -10.12 33.43
CA GLY B 94 -11.32 -9.21 32.31
C GLY B 94 -11.69 -9.88 31.01
N ARG B 95 -12.44 -10.97 31.06
CA ARG B 95 -12.84 -11.73 29.87
C ARG B 95 -14.31 -12.07 29.97
N THR B 96 -15.14 -11.06 30.21
CA THR B 96 -16.54 -11.29 30.57
C THR B 96 -17.34 -11.88 29.42
N LEU B 97 -18.23 -12.79 29.77
CA LEU B 97 -18.88 -13.70 28.83
C LEU B 97 -20.36 -13.75 29.17
N TYR B 98 -21.20 -13.18 28.33
CA TYR B 98 -22.62 -13.16 28.65
C TYR B 98 -23.24 -14.50 28.26
N GLY B 99 -24.55 -14.61 28.41
CA GLY B 99 -25.24 -15.79 27.97
C GLY B 99 -25.31 -16.92 28.97
N PHE B 100 -24.88 -16.70 30.20
CA PHE B 100 -25.11 -17.68 31.26
C PHE B 100 -25.58 -17.07 32.55
N GLY B 101 -25.47 -15.75 32.73
CA GLY B 101 -25.92 -15.10 33.93
C GLY B 101 -25.21 -13.79 34.21
N THR C 16 -4.05 -0.40 71.21
CA THR C 16 -3.11 -1.11 70.35
C THR C 16 -3.54 -2.54 70.16
N ARG C 17 -4.57 -2.75 69.33
CA ARG C 17 -5.01 -4.09 69.00
C ARG C 17 -4.02 -4.82 68.11
N SER C 18 -3.08 -4.09 67.50
CA SER C 18 -1.88 -4.70 66.95
C SER C 18 -1.15 -5.51 68.02
N SER C 19 -1.02 -4.95 69.23
CA SER C 19 -0.42 -5.70 70.32
C SER C 19 -1.34 -6.79 70.84
N ARG C 20 -2.66 -6.63 70.68
CA ARG C 20 -3.57 -7.73 70.95
C ARG C 20 -3.49 -8.82 69.90
N ALA C 21 -2.83 -8.57 68.77
CA ALA C 21 -2.63 -9.61 67.78
C ALA C 21 -1.17 -9.85 67.41
N GLY C 22 -0.23 -9.03 67.88
CA GLY C 22 1.16 -9.26 67.56
C GLY C 22 1.59 -8.71 66.22
N LEU C 23 1.06 -7.57 65.80
CA LEU C 23 1.43 -7.00 64.52
C LEU C 23 1.86 -5.56 64.70
N GLN C 24 2.05 -4.83 63.61
CA GLN C 24 2.41 -3.42 63.67
C GLN C 24 1.61 -2.60 62.67
N PHE C 25 0.35 -2.94 62.42
CA PHE C 25 -0.56 -2.23 61.54
C PHE C 25 -1.82 -1.77 62.27
N PRO C 26 -2.42 -0.65 61.87
CA PRO C 26 -3.58 -0.13 62.60
C PRO C 26 -4.83 -0.94 62.31
N VAL C 27 -5.26 -1.73 63.28
CA VAL C 27 -6.47 -2.51 63.11
C VAL C 27 -7.68 -1.60 63.12
N GLY C 28 -7.64 -0.54 63.93
CA GLY C 28 -8.80 0.33 64.03
C GLY C 28 -8.95 1.23 62.83
N ARG C 29 -7.84 1.74 62.30
CA ARG C 29 -7.92 2.63 61.13
C ARG C 29 -8.35 1.85 59.89
N VAL C 30 -7.78 0.66 59.70
CA VAL C 30 -8.20 -0.21 58.61
C VAL C 30 -9.65 -0.64 58.81
N HIS C 31 -10.04 -0.88 60.06
CA HIS C 31 -11.42 -1.27 60.38
C HIS C 31 -12.41 -0.17 60.05
N ARG C 32 -12.04 1.07 60.35
CA ARG C 32 -12.79 2.23 59.88
C ARG C 32 -12.90 2.21 58.37
N LEU C 33 -11.78 1.96 57.68
CA LEU C 33 -11.78 2.07 56.23
C LEU C 33 -12.55 0.92 55.57
N LEU C 34 -12.71 -0.20 56.26
CA LEU C 34 -13.63 -1.21 55.76
C LEU C 34 -15.07 -0.83 56.05
N ARG C 35 -15.33 -0.17 57.18
CA ARG C 35 -16.72 0.16 57.46
C ARG C 35 -17.20 1.37 56.67
N LYS C 36 -16.29 2.23 56.25
CA LYS C 36 -16.70 3.50 55.67
C LYS C 36 -16.33 3.59 54.20
N GLY C 37 -16.56 2.51 53.47
CA GLY C 37 -16.37 2.53 52.05
C GLY C 37 -17.55 1.91 51.35
N ASN C 38 -18.57 1.54 52.13
CA ASN C 38 -19.78 0.86 51.67
C ASN C 38 -19.43 -0.41 50.88
N TYR C 39 -18.88 -1.39 51.57
CA TYR C 39 -18.57 -2.66 50.94
C TYR C 39 -19.63 -3.71 51.27
N ALA C 40 -19.85 -3.98 52.54
CA ALA C 40 -21.00 -4.73 53.02
C ALA C 40 -21.88 -3.79 53.81
N GLU C 41 -22.97 -4.33 54.36
CA GLU C 41 -23.69 -3.55 55.34
C GLU C 41 -23.01 -3.63 56.70
N ARG C 42 -22.25 -4.70 56.94
CA ARG C 42 -21.65 -4.92 58.25
C ARG C 42 -20.38 -5.74 58.09
N VAL C 43 -19.42 -5.50 58.99
CA VAL C 43 -18.08 -6.06 58.90
C VAL C 43 -17.78 -6.80 60.19
N GLY C 44 -17.38 -8.06 60.07
CA GLY C 44 -17.10 -8.91 61.23
C GLY C 44 -15.94 -8.49 62.11
N ALA C 45 -15.60 -9.33 63.08
CA ALA C 45 -14.60 -8.92 64.05
C ALA C 45 -13.19 -9.18 63.54
N GLY C 46 -12.93 -10.39 63.05
CA GLY C 46 -11.57 -10.81 62.78
C GLY C 46 -10.97 -10.25 61.51
N ALA C 47 -11.80 -9.64 60.66
CA ALA C 47 -11.36 -9.31 59.30
C ALA C 47 -10.25 -8.26 59.20
N PRO C 48 -10.26 -7.11 59.91
CA PRO C 48 -9.14 -6.18 59.73
C PRO C 48 -7.83 -6.69 60.29
N VAL C 49 -7.88 -7.60 61.25
CA VAL C 49 -6.69 -8.32 61.70
C VAL C 49 -6.11 -9.12 60.55
N TYR C 50 -6.99 -9.77 59.78
CA TYR C 50 -6.54 -10.62 58.69
C TYR C 50 -5.92 -9.78 57.58
N LEU C 51 -6.64 -8.74 57.14
CA LEU C 51 -6.18 -7.91 56.05
C LEU C 51 -4.92 -7.13 56.41
N ALA C 52 -4.83 -6.72 57.68
CA ALA C 52 -3.63 -6.06 58.16
C ALA C 52 -2.43 -7.01 58.15
N ALA C 53 -2.67 -8.28 58.47
CA ALA C 53 -1.58 -9.25 58.42
C ALA C 53 -1.08 -9.46 57.00
N VAL C 54 -2.01 -9.54 56.04
CA VAL C 54 -1.64 -9.74 54.65
C VAL C 54 -0.84 -8.56 54.12
N LEU C 55 -1.30 -7.35 54.44
CA LEU C 55 -0.60 -6.16 53.95
C LEU C 55 0.75 -5.97 54.62
N GLU C 56 0.90 -6.44 55.87
CA GLU C 56 2.22 -6.38 56.49
C GLU C 56 3.17 -7.37 55.84
N TYR C 57 2.66 -8.52 55.43
CA TYR C 57 3.49 -9.48 54.68
C TYR C 57 3.99 -8.87 53.37
N LEU C 58 3.06 -8.37 52.56
CA LEU C 58 3.38 -7.84 51.23
C LEU C 58 4.34 -6.65 51.34
N THR C 59 4.01 -5.73 52.25
CA THR C 59 4.88 -4.60 52.59
C THR C 59 6.27 -5.07 53.01
N ALA C 60 6.33 -6.17 53.76
CA ALA C 60 7.58 -6.63 54.33
C ALA C 60 8.54 -7.14 53.26
N GLU C 61 8.06 -8.02 52.37
CA GLU C 61 9.04 -8.50 51.39
C GLU C 61 9.28 -7.51 50.27
N ILE C 62 8.35 -6.58 50.02
CA ILE C 62 8.64 -5.58 48.99
C ILE C 62 9.70 -4.61 49.50
N LEU C 63 9.64 -4.27 50.79
CA LEU C 63 10.69 -3.45 51.37
C LEU C 63 11.96 -4.24 51.59
N GLU C 64 11.88 -5.57 51.67
CA GLU C 64 13.09 -6.37 51.81
C GLU C 64 13.86 -6.41 50.49
N LEU C 65 13.14 -6.64 49.39
CA LEU C 65 13.80 -6.66 48.09
C LEU C 65 14.28 -5.28 47.70
N ALA C 66 13.59 -4.23 48.17
CA ALA C 66 14.16 -2.91 48.07
C ALA C 66 15.31 -2.73 49.05
N GLY C 67 15.40 -3.60 50.06
CA GLY C 67 16.50 -3.50 51.01
C GLY C 67 17.80 -4.04 50.44
N ASN C 68 17.78 -5.27 49.95
CA ASN C 68 18.96 -5.83 49.29
C ASN C 68 19.26 -5.08 48.01
N ALA C 69 18.24 -4.84 47.19
CA ALA C 69 18.45 -4.09 45.96
C ALA C 69 18.62 -2.59 46.23
N ALA C 70 18.54 -2.16 47.48
CA ALA C 70 19.02 -0.83 47.84
C ALA C 70 20.49 -0.89 48.26
N ARG C 71 20.89 -1.98 48.93
CA ARG C 71 22.28 -2.11 49.32
C ARG C 71 23.17 -2.35 48.11
N ASP C 72 22.61 -2.89 47.02
CA ASP C 72 23.40 -3.06 45.81
C ASP C 72 23.77 -1.75 45.16
N ASN C 73 23.00 -0.68 45.38
CA ASN C 73 23.42 0.66 45.00
C ASN C 73 24.21 1.36 46.10
N LYS C 74 24.56 0.64 47.16
CA LYS C 74 25.47 1.07 48.22
C LYS C 74 24.95 2.29 48.97
N LYS C 75 23.65 2.53 48.96
CA LYS C 75 23.03 3.67 49.59
C LYS C 75 22.55 3.31 50.98
N THR C 76 21.87 4.24 51.63
CA THR C 76 21.04 3.95 52.79
C THR C 76 19.59 4.33 52.61
N ARG C 77 19.26 5.24 51.72
CA ARG C 77 17.89 5.65 51.50
C ARG C 77 17.35 4.99 50.23
N ILE C 78 16.22 4.28 50.38
CA ILE C 78 15.54 3.71 49.24
C ILE C 78 14.85 4.82 48.46
N ILE C 79 15.14 4.91 47.16
CA ILE C 79 14.46 5.86 46.30
C ILE C 79 13.50 5.04 45.44
N PRO C 80 12.54 5.63 44.73
CA PRO C 80 11.64 4.84 43.88
C PRO C 80 12.29 4.00 42.79
N ARG C 81 13.55 4.24 42.40
CA ARG C 81 14.24 3.32 41.51
C ARG C 81 14.37 1.95 42.13
N HIS C 82 14.63 1.92 43.43
CA HIS C 82 14.77 0.66 44.12
C HIS C 82 13.43 -0.05 44.24
N LEU C 83 12.33 0.71 44.29
CA LEU C 83 11.01 0.07 44.24
C LEU C 83 10.68 -0.41 42.84
N GLN C 84 11.19 0.30 41.82
CA GLN C 84 11.00 -0.12 40.44
C GLN C 84 11.62 -1.49 40.19
N LEU C 85 12.94 -1.61 40.37
CA LEU C 85 13.50 -2.92 40.05
C LEU C 85 13.26 -3.92 41.15
N ALA C 86 12.96 -3.45 42.38
CA ALA C 86 12.62 -4.37 43.45
C ALA C 86 11.31 -5.07 43.16
N VAL C 87 10.35 -4.36 42.56
CA VAL C 87 9.14 -5.05 42.12
C VAL C 87 9.43 -5.88 40.88
N ARG C 88 10.03 -5.27 39.85
CA ARG C 88 10.09 -5.91 38.54
C ARG C 88 11.08 -7.07 38.47
N ASN C 89 11.86 -7.32 39.53
CA ASN C 89 12.74 -8.49 39.47
C ASN C 89 12.06 -9.78 39.88
N ASP C 90 11.25 -9.77 40.93
CA ASP C 90 10.50 -10.97 41.27
C ASP C 90 9.34 -11.13 40.30
N GLU C 91 8.98 -12.39 40.05
CA GLU C 91 7.85 -12.66 39.15
C GLU C 91 6.53 -12.28 39.79
N GLU C 92 6.33 -12.67 41.05
CA GLU C 92 4.99 -12.61 41.63
C GLU C 92 4.58 -11.18 41.96
N LEU C 93 5.53 -10.40 42.46
CA LEU C 93 5.26 -8.99 42.71
C LEU C 93 5.04 -8.23 41.41
N ASN C 94 5.68 -8.66 40.33
CA ASN C 94 5.45 -8.05 39.04
C ASN C 94 4.06 -8.40 38.53
N LYS C 95 3.63 -9.66 38.72
CA LYS C 95 2.31 -10.07 38.26
C LYS C 95 1.21 -9.46 39.12
N LEU C 96 1.51 -9.08 40.35
CA LEU C 96 0.53 -8.33 41.11
C LEU C 96 0.46 -6.89 40.62
N LEU C 97 1.54 -6.38 40.06
CA LEU C 97 1.65 -4.96 39.74
C LEU C 97 1.93 -4.70 38.26
N GLY C 98 1.48 -5.59 37.40
CA GLY C 98 1.84 -5.51 35.99
C GLY C 98 1.15 -4.42 35.21
N ARG C 99 0.11 -3.81 35.77
CA ARG C 99 -0.60 -2.72 35.13
C ARG C 99 -0.34 -1.39 35.81
N VAL C 100 0.66 -1.32 36.69
CA VAL C 100 0.89 -0.16 37.53
C VAL C 100 2.19 0.51 37.13
N THR C 101 2.10 1.76 36.73
CA THR C 101 3.30 2.55 36.50
C THR C 101 3.76 3.08 37.85
N ILE C 102 5.08 3.13 38.04
CA ILE C 102 5.70 3.77 39.18
C ILE C 102 6.37 5.04 38.69
N ALA C 103 6.04 6.17 39.31
CA ALA C 103 6.66 7.43 38.92
C ALA C 103 8.10 7.46 39.38
N GLN C 104 8.96 8.07 38.57
CA GLN C 104 10.42 8.07 38.74
C GLN C 104 10.99 6.66 38.88
N GLY C 105 10.43 5.72 38.10
CA GLY C 105 10.92 4.36 38.16
C GLY C 105 11.91 4.01 37.07
N GLY C 106 11.57 4.31 35.83
CA GLY C 106 12.40 3.86 34.72
C GLY C 106 12.10 2.41 34.36
N VAL C 107 13.14 1.73 33.85
CA VAL C 107 13.02 0.35 33.39
C VAL C 107 14.15 -0.49 33.96
N LEU C 108 13.95 -1.80 33.94
CA LEU C 108 15.04 -2.73 34.09
C LEU C 108 15.92 -2.69 32.83
N PRO C 109 17.22 -2.93 32.96
CA PRO C 109 18.06 -3.03 31.76
C PRO C 109 17.78 -4.26 30.92
N ASN C 110 16.68 -4.23 30.18
CA ASN C 110 16.39 -5.24 29.18
C ASN C 110 17.03 -4.79 27.87
N ILE C 111 17.81 -5.68 27.26
CA ILE C 111 18.41 -5.46 25.95
C ILE C 111 18.13 -6.70 25.12
N GLN C 112 17.49 -6.52 23.97
CA GLN C 112 17.26 -7.65 23.09
C GLN C 112 18.58 -8.11 22.47
N SER C 113 18.71 -9.43 22.34
CA SER C 113 20.01 -10.03 22.06
C SER C 113 20.49 -9.77 20.64
N VAL C 114 19.59 -9.40 19.74
CA VAL C 114 20.02 -9.07 18.39
C VAL C 114 20.69 -7.71 18.35
N LEU C 115 20.44 -6.86 19.35
CA LEU C 115 21.08 -5.56 19.38
C LEU C 115 22.50 -5.60 19.91
N LEU C 116 22.85 -6.69 20.57
CA LEU C 116 24.24 -6.85 21.11
C LEU C 116 25.21 -6.93 19.93
N PRO C 117 26.12 -5.96 19.74
CA PRO C 117 27.06 -5.98 18.62
C PRO C 117 28.06 -7.14 18.76
N LYS C 118 27.96 -8.13 17.87
CA LYS C 118 28.87 -9.30 17.86
C LYS C 118 30.03 -9.04 16.90
N LYS C 119 31.02 -9.94 16.88
CA LYS C 119 32.20 -9.80 15.99
C LYS C 119 33.27 -10.84 16.39
N THR C 120 34.51 -10.63 15.95
CA THR C 120 35.63 -11.56 16.28
C THR C 120 36.56 -10.90 17.29
N ARG D 26 -5.01 30.54 63.02
CA ARG D 26 -5.65 29.25 62.68
C ARG D 26 -4.62 28.33 62.01
N ARG D 27 -4.68 27.02 62.29
CA ARG D 27 -3.73 26.03 61.71
C ARG D 27 -4.31 25.49 60.40
N LYS D 28 -4.41 24.16 60.29
CA LYS D 28 -4.95 23.51 59.07
C LYS D 28 -5.31 22.05 59.38
N THR D 29 -6.19 21.46 58.58
CA THR D 29 -6.62 20.04 58.77
C THR D 29 -5.39 19.13 58.66
N ARG D 30 -5.60 17.89 58.19
CA ARG D 30 -4.49 16.90 58.05
C ARG D 30 -4.87 15.86 56.99
N LYS D 31 -4.67 14.58 57.30
CA LYS D 31 -4.99 13.50 56.38
C LYS D 31 -3.99 12.40 56.64
N GLU D 32 -4.48 11.22 57.02
CA GLU D 32 -3.63 10.15 57.49
C GLU D 32 -2.80 9.56 56.36
N SER D 33 -1.90 8.65 56.71
CA SER D 33 -1.10 7.92 55.73
C SER D 33 -0.78 6.57 56.32
N TYR D 34 0.16 5.87 55.71
CA TYR D 34 0.71 4.64 56.27
C TYR D 34 2.19 4.79 56.59
N ALA D 35 2.71 6.02 56.52
CA ALA D 35 4.15 6.24 56.43
C ALA D 35 4.89 5.83 57.69
N ILE D 36 4.26 6.01 58.86
CA ILE D 36 4.87 5.57 60.10
C ILE D 36 4.88 4.04 60.14
N TYR D 37 3.83 3.42 59.61
CA TYR D 37 3.76 1.97 59.65
C TYR D 37 4.73 1.33 58.66
N VAL D 38 4.82 1.89 57.45
CA VAL D 38 5.81 1.46 56.46
C VAL D 38 7.22 1.65 57.02
N TYR D 39 7.41 2.74 57.75
CA TYR D 39 8.68 2.97 58.41
C TYR D 39 8.95 1.90 59.47
N LYS D 40 7.89 1.41 60.13
CA LYS D 40 8.08 0.41 61.17
C LYS D 40 8.42 -0.96 60.59
N VAL D 41 7.81 -1.31 59.45
CA VAL D 41 8.16 -2.60 58.86
C VAL D 41 9.55 -2.54 58.27
N LEU D 42 9.93 -1.38 57.74
CA LEU D 42 11.32 -1.17 57.30
C LEU D 42 12.29 -1.32 58.47
N LYS D 43 11.90 -0.83 59.65
CA LYS D 43 12.70 -1.09 60.84
C LYS D 43 12.67 -2.55 61.27
N GLN D 44 11.65 -3.32 60.89
CA GLN D 44 11.71 -4.73 61.20
C GLN D 44 12.68 -5.48 60.29
N VAL D 45 12.77 -5.10 59.02
CA VAL D 45 13.48 -5.94 58.06
C VAL D 45 14.96 -5.60 57.95
N HIS D 46 15.28 -4.37 57.53
CA HIS D 46 16.66 -3.89 57.48
C HIS D 46 16.73 -2.62 58.30
N PRO D 47 17.03 -2.72 59.60
CA PRO D 47 16.69 -1.63 60.52
C PRO D 47 17.58 -0.41 60.42
N ASP D 48 18.82 -0.56 59.94
CA ASP D 48 19.77 0.55 59.90
C ASP D 48 19.85 1.15 58.51
N THR D 49 18.73 1.20 57.79
CA THR D 49 18.71 1.53 56.38
C THR D 49 17.44 2.33 56.11
N GLY D 50 17.59 3.57 55.70
CA GLY D 50 16.47 4.50 55.62
C GLY D 50 15.69 4.46 54.32
N ILE D 51 14.86 5.49 54.14
CA ILE D 51 13.84 5.55 53.11
C ILE D 51 13.66 7.01 52.68
N SER D 52 13.45 7.23 51.39
CA SER D 52 13.23 8.59 50.88
C SER D 52 11.75 8.85 50.68
N SER D 53 11.40 10.12 50.50
CA SER D 53 10.01 10.56 50.65
C SER D 53 9.14 10.20 49.47
N LYS D 54 9.68 10.31 48.25
CA LYS D 54 8.93 9.88 47.08
C LYS D 54 8.62 8.39 47.14
N ALA D 55 9.57 7.61 47.62
CA ALA D 55 9.32 6.19 47.78
C ALA D 55 8.36 5.93 48.91
N MET D 56 8.33 6.81 49.90
CA MET D 56 7.37 6.69 50.98
C MET D 56 5.95 6.93 50.48
N SER D 57 5.75 7.95 49.65
CA SER D 57 4.43 8.19 49.10
C SER D 57 4.05 7.13 48.07
N ILE D 58 5.03 6.54 47.39
CA ILE D 58 4.72 5.45 46.48
C ILE D 58 4.27 4.22 47.23
N MET D 59 4.95 3.89 48.34
CA MET D 59 4.49 2.79 49.18
C MET D 59 3.12 3.08 49.75
N ASN D 60 2.85 4.34 50.08
CA ASN D 60 1.55 4.74 50.61
C ASN D 60 0.42 4.46 49.63
N SER D 61 0.56 4.95 48.39
CA SER D 61 -0.47 4.68 47.40
C SER D 61 -0.46 3.23 46.95
N PHE D 62 0.64 2.52 47.15
CA PHE D 62 0.66 1.09 46.88
C PHE D 62 -0.24 0.33 47.82
N VAL D 63 -0.14 0.62 49.11
CA VAL D 63 -0.92 -0.13 50.07
C VAL D 63 -2.38 0.34 50.04
N ASN D 64 -2.64 1.58 49.61
CA ASN D 64 -4.03 1.93 49.30
C ASN D 64 -4.56 1.18 48.09
N ASP D 65 -3.71 0.93 47.08
CA ASP D 65 -4.15 0.18 45.90
C ASP D 65 -4.49 -1.27 46.25
N VAL D 66 -3.60 -1.94 46.97
CA VAL D 66 -3.86 -3.33 47.34
C VAL D 66 -5.03 -3.40 48.31
N PHE D 67 -5.17 -2.41 49.18
CA PHE D 67 -6.30 -2.35 50.09
C PHE D 67 -7.62 -2.25 49.35
N GLU D 68 -7.65 -1.49 48.25
CA GLU D 68 -8.90 -1.37 47.51
C GLU D 68 -9.15 -2.56 46.59
N ARG D 69 -8.08 -3.23 46.13
CA ARG D 69 -8.29 -4.46 45.40
C ARG D 69 -8.87 -5.55 46.29
N ILE D 70 -8.34 -5.71 47.49
CA ILE D 70 -8.78 -6.80 48.36
C ILE D 70 -10.15 -6.48 48.95
N ALA D 71 -10.37 -5.24 49.38
CA ALA D 71 -11.70 -4.86 49.86
C ALA D 71 -12.73 -4.92 48.74
N GLY D 72 -12.34 -4.55 47.53
CA GLY D 72 -13.26 -4.66 46.40
C GLY D 72 -13.62 -6.09 46.07
N GLU D 73 -12.62 -6.99 46.07
CA GLU D 73 -12.89 -8.40 45.86
C GLU D 73 -13.72 -9.00 46.98
N ALA D 74 -13.57 -8.47 48.20
CA ALA D 74 -14.46 -8.88 49.27
C ALA D 74 -15.87 -8.43 49.01
N SER D 75 -16.04 -7.28 48.36
CA SER D 75 -17.39 -6.83 48.03
C SER D 75 -18.01 -7.70 46.95
N ARG D 76 -17.23 -7.99 45.89
CA ARG D 76 -17.77 -8.78 44.80
C ARG D 76 -17.97 -10.22 45.21
N LEU D 77 -17.23 -10.68 46.23
CA LEU D 77 -17.38 -12.06 46.67
C LEU D 77 -18.51 -12.20 47.66
N ALA D 78 -18.70 -11.21 48.53
CA ALA D 78 -19.87 -11.25 49.41
C ALA D 78 -21.15 -11.03 48.62
N HIS D 79 -21.07 -10.33 47.49
CA HIS D 79 -22.25 -9.99 46.72
C HIS D 79 -22.74 -11.15 45.84
N TYR D 80 -22.22 -12.35 46.04
CA TYR D 80 -22.68 -13.53 45.33
C TYR D 80 -23.39 -14.54 46.20
N ASN D 81 -22.95 -14.69 47.45
CA ASN D 81 -23.46 -15.75 48.30
C ASN D 81 -24.66 -15.33 49.12
N LYS D 82 -25.35 -14.26 48.71
CA LYS D 82 -26.49 -13.66 49.43
C LYS D 82 -26.11 -13.31 50.87
N ARG D 83 -24.88 -12.86 51.07
CA ARG D 83 -24.39 -12.50 52.38
C ARG D 83 -23.94 -11.05 52.39
N SER D 84 -24.12 -10.41 53.54
CA SER D 84 -23.87 -8.99 53.71
C SER D 84 -22.90 -8.74 54.86
N THR D 85 -21.91 -9.62 55.00
CA THR D 85 -20.95 -9.55 56.10
C THR D 85 -19.58 -9.95 55.59
N ILE D 86 -18.57 -9.17 55.91
CA ILE D 86 -17.21 -9.44 55.51
C ILE D 86 -16.46 -9.91 56.75
N THR D 87 -16.38 -11.22 56.94
CA THR D 87 -15.56 -11.81 57.98
C THR D 87 -14.15 -12.06 57.42
N SER D 88 -13.29 -12.68 58.20
CA SER D 88 -11.91 -12.89 57.75
C SER D 88 -11.80 -13.94 56.68
N ARG D 89 -12.76 -14.88 56.63
CA ARG D 89 -12.67 -15.98 55.68
C ARG D 89 -12.83 -15.49 54.25
N GLU D 90 -13.66 -14.46 54.04
CA GLU D 90 -13.78 -13.86 52.73
C GLU D 90 -12.50 -13.16 52.33
N ILE D 91 -11.79 -12.59 53.29
CA ILE D 91 -10.50 -12.01 52.98
C ILE D 91 -9.50 -13.10 52.65
N GLN D 92 -9.64 -14.28 53.26
CA GLN D 92 -8.78 -15.41 52.92
C GLN D 92 -9.00 -15.86 51.49
N THR D 93 -10.26 -16.00 51.08
CA THR D 93 -10.55 -16.40 49.72
C THR D 93 -10.10 -15.34 48.72
N ALA D 94 -10.38 -14.07 49.02
CA ALA D 94 -10.06 -12.99 48.08
C ALA D 94 -8.55 -12.80 47.94
N VAL D 95 -7.80 -13.02 49.01
CA VAL D 95 -6.35 -13.06 48.88
C VAL D 95 -5.93 -14.26 48.06
N ARG D 96 -6.59 -15.40 48.25
CA ARG D 96 -6.29 -16.56 47.41
C ARG D 96 -6.80 -16.44 45.99
N LEU D 97 -7.45 -15.34 45.63
CA LEU D 97 -7.69 -15.03 44.23
C LEU D 97 -6.78 -13.94 43.68
N LEU D 98 -6.37 -12.97 44.50
CA LEU D 98 -5.54 -11.91 43.93
C LEU D 98 -4.08 -12.32 43.85
N LEU D 99 -3.48 -12.63 44.98
CA LEU D 99 -2.03 -12.82 45.02
C LEU D 99 -1.65 -14.15 44.40
N PRO D 100 -0.66 -14.19 43.52
CA PRO D 100 -0.35 -15.41 42.78
C PRO D 100 0.57 -16.35 43.56
N GLY D 101 0.02 -17.47 44.01
CA GLY D 101 0.85 -18.61 44.37
C GLY D 101 1.57 -18.58 45.70
N GLU D 102 2.89 -18.35 45.66
CA GLU D 102 3.74 -18.52 46.82
C GLU D 102 3.44 -17.48 47.90
N LEU D 103 3.38 -16.21 47.51
CA LEU D 103 3.08 -15.17 48.48
C LEU D 103 1.60 -15.19 48.87
N ALA D 104 0.76 -15.87 48.09
CA ALA D 104 -0.58 -16.18 48.58
C ALA D 104 -0.52 -17.18 49.72
N LYS D 105 0.38 -18.18 49.60
CA LYS D 105 0.50 -19.19 50.65
C LYS D 105 1.00 -18.57 51.94
N HIS D 106 2.10 -17.81 51.87
CA HIS D 106 2.63 -17.23 53.10
C HIS D 106 1.77 -16.08 53.59
N ALA D 107 1.07 -15.40 52.68
CA ALA D 107 0.15 -14.36 53.08
C ALA D 107 -1.01 -14.92 53.90
N VAL D 108 -1.66 -15.96 53.37
CA VAL D 108 -2.77 -16.59 54.07
C VAL D 108 -2.29 -17.30 55.34
N SER D 109 -1.07 -17.82 55.33
CA SER D 109 -0.52 -18.47 56.52
C SER D 109 -0.26 -17.45 57.63
N GLU D 110 0.26 -16.28 57.28
CA GLU D 110 0.37 -15.21 58.26
C GLU D 110 -0.99 -14.69 58.70
N GLY D 111 -2.00 -14.78 57.83
CA GLY D 111 -3.33 -14.39 58.22
C GLY D 111 -3.92 -15.31 59.28
N THR D 112 -3.72 -16.62 59.11
CA THR D 112 -4.14 -17.55 60.15
C THR D 112 -3.32 -17.37 61.41
N LYS D 113 -2.05 -17.00 61.27
CA LYS D 113 -1.22 -16.67 62.42
C LYS D 113 -1.75 -15.47 63.19
N ALA D 114 -2.36 -14.50 62.49
CA ALA D 114 -2.82 -13.31 63.19
C ALA D 114 -4.25 -13.44 63.72
N VAL D 115 -5.10 -14.20 63.05
CA VAL D 115 -6.40 -14.53 63.62
C VAL D 115 -6.23 -15.38 64.86
N THR D 116 -5.48 -16.48 64.75
CA THR D 116 -5.31 -17.39 65.86
C THR D 116 -4.46 -16.77 66.96
N LYS D 117 -3.42 -16.03 66.58
CA LYS D 117 -2.61 -15.31 67.56
C LYS D 117 -3.42 -14.19 68.20
N TYR D 118 -4.44 -13.67 67.51
CA TYR D 118 -5.33 -12.70 68.12
C TYR D 118 -6.22 -13.36 69.16
N THR D 119 -7.02 -14.34 68.74
CA THR D 119 -8.08 -14.84 69.59
C THR D 119 -7.59 -15.74 70.72
N SER D 120 -6.39 -16.33 70.61
CA SER D 120 -5.87 -17.13 71.70
C SER D 120 -5.46 -16.28 72.89
N ALA D 121 -5.25 -14.98 72.68
CA ALA D 121 -4.98 -14.07 73.77
C ALA D 121 -6.26 -13.79 74.55
N LYS E 36 43.45 10.91 13.17
CA LYS E 36 43.83 12.31 12.85
C LYS E 36 42.57 13.12 12.57
N LYS E 37 41.54 12.48 12.02
CA LYS E 37 40.26 13.16 11.70
C LYS E 37 39.10 12.16 11.80
N PRO E 38 39.38 10.83 11.74
CA PRO E 38 38.32 9.82 11.83
C PRO E 38 37.67 9.77 13.21
N HIS E 39 38.36 9.14 14.18
CA HIS E 39 37.85 9.02 15.57
C HIS E 39 36.40 8.51 15.56
N ARG E 40 35.50 9.28 14.94
CA ARG E 40 34.10 8.89 14.88
C ARG E 40 33.89 7.50 15.45
N TYR E 41 32.64 7.07 15.41
CA TYR E 41 32.24 5.77 15.89
C TYR E 41 31.32 5.14 14.86
N ARG E 42 31.05 3.85 15.05
CA ARG E 42 30.05 3.18 14.24
C ARG E 42 28.67 3.78 14.48
N PRO E 43 27.78 3.67 13.53
CA PRO E 43 26.39 3.97 13.80
C PRO E 43 25.76 2.88 14.64
N GLY E 44 25.85 3.02 15.95
CA GLY E 44 25.34 2.02 16.85
C GLY E 44 26.09 1.94 18.16
N THR E 45 27.33 2.44 18.21
CA THR E 45 28.01 2.53 19.49
C THR E 45 27.42 3.64 20.33
N VAL E 46 27.22 4.82 19.73
CA VAL E 46 26.51 5.91 20.41
C VAL E 46 25.08 5.49 20.72
N ALA E 47 24.50 4.65 19.86
CA ALA E 47 23.16 4.14 20.12
C ALA E 47 23.14 3.20 21.32
N LEU E 48 24.02 2.18 21.34
CA LEU E 48 23.93 1.17 22.39
C LEU E 48 24.44 1.70 23.73
N ARG E 49 25.52 2.49 23.71
CA ARG E 49 25.94 3.18 24.91
C ARG E 49 24.88 4.16 25.37
N GLU E 50 24.17 4.77 24.41
CA GLU E 50 23.08 5.66 24.76
C GLU E 50 21.90 4.90 25.36
N ILE E 51 21.71 3.64 24.96
CA ILE E 51 20.69 2.79 25.58
C ILE E 51 21.11 2.44 27.00
N ARG E 52 22.40 2.25 27.23
CA ARG E 52 22.83 2.01 28.60
C ARG E 52 22.62 3.23 29.48
N ARG E 53 22.82 4.43 28.93
CA ARG E 53 22.59 5.62 29.74
C ARG E 53 21.11 5.87 29.96
N TYR E 54 20.32 5.93 28.90
CA TYR E 54 18.93 6.30 29.08
C TYR E 54 18.05 5.17 29.58
N GLN E 55 18.50 3.91 29.52
CA GLN E 55 17.86 2.92 30.37
C GLN E 55 18.36 3.05 31.80
N LYS E 56 19.59 3.53 31.97
CA LYS E 56 20.17 3.55 33.31
C LYS E 56 19.57 4.67 34.15
N SER E 57 19.39 5.85 33.58
CA SER E 57 18.88 6.97 34.36
C SER E 57 17.36 6.93 34.41
N THR E 58 16.77 7.91 35.12
CA THR E 58 15.36 7.88 35.47
C THR E 58 14.62 9.20 35.26
N GLU E 59 15.30 10.30 34.97
CA GLU E 59 14.68 11.59 35.16
C GLU E 59 13.75 11.92 33.98
N LEU E 60 13.09 13.06 34.10
CA LEU E 60 12.04 13.44 33.16
C LEU E 60 12.66 14.27 32.05
N LEU E 61 12.31 13.95 30.82
CA LEU E 61 13.18 14.28 29.71
C LEU E 61 12.46 14.78 28.47
N ILE E 62 11.18 15.13 28.58
CA ILE E 62 10.54 16.05 27.65
C ILE E 62 10.41 17.37 28.40
N ARG E 63 10.77 18.47 27.73
CA ARG E 63 10.98 19.74 28.41
C ARG E 63 9.67 20.31 28.94
N LYS E 64 9.74 20.95 30.11
CA LYS E 64 8.55 21.12 30.93
C LYS E 64 7.63 22.22 30.40
N LEU E 65 8.20 23.30 29.85
CA LEU E 65 7.32 24.31 29.27
C LEU E 65 6.68 23.96 27.92
N PRO E 66 7.37 23.31 26.96
CA PRO E 66 6.61 22.87 25.77
C PRO E 66 5.60 21.79 26.07
N PHE E 67 5.91 20.89 26.99
CA PHE E 67 4.94 19.87 27.39
C PHE E 67 3.76 20.51 28.09
N GLN E 68 4.02 21.50 28.95
CA GLN E 68 2.98 22.17 29.69
C GLN E 68 2.06 22.94 28.76
N ARG E 69 2.63 23.65 27.79
CA ARG E 69 1.82 24.32 26.77
C ARG E 69 1.03 23.32 25.92
N LEU E 70 1.60 22.13 25.71
CA LEU E 70 0.89 21.11 24.94
C LEU E 70 -0.33 20.60 25.68
N VAL E 71 -0.19 20.37 26.98
CA VAL E 71 -1.31 19.90 27.79
C VAL E 71 -2.39 20.97 27.89
N ARG E 72 -1.97 22.24 27.98
CA ARG E 72 -2.96 23.32 28.04
C ARG E 72 -3.70 23.48 26.73
N GLU E 73 -2.99 23.36 25.60
CA GLU E 73 -3.64 23.56 24.31
C GLU E 73 -4.57 22.40 23.96
N ILE E 74 -4.19 21.18 24.32
CA ILE E 74 -5.14 20.07 24.20
C ILE E 74 -6.30 20.26 25.17
N ALA E 75 -6.04 20.87 26.31
CA ALA E 75 -7.07 21.06 27.32
C ALA E 75 -8.07 22.14 26.97
N GLN E 76 -7.73 23.08 26.07
CA GLN E 76 -8.64 24.16 25.75
C GLN E 76 -9.85 23.71 24.95
N ASP E 77 -9.79 22.55 24.32
CA ASP E 77 -10.85 22.13 23.42
C ASP E 77 -12.09 21.71 24.18
N PHE E 78 -11.93 20.98 25.28
CA PHE E 78 -13.09 20.46 25.98
C PHE E 78 -13.75 21.53 26.82
N LYS E 79 -12.95 22.44 27.37
CA LYS E 79 -13.47 23.53 28.19
C LYS E 79 -12.39 24.61 28.17
N THR E 80 -12.80 25.85 28.42
CA THR E 80 -11.92 26.99 28.25
C THR E 80 -11.54 27.59 29.60
N ASP E 81 -10.47 28.40 29.57
CA ASP E 81 -10.02 29.23 30.70
C ASP E 81 -9.69 28.37 31.93
N LEU E 82 -8.66 27.55 31.77
CA LEU E 82 -8.31 26.53 32.75
C LEU E 82 -7.20 26.97 33.68
N ARG E 83 -6.95 26.12 34.68
CA ARG E 83 -5.86 26.27 35.63
C ARG E 83 -5.39 24.88 36.05
N PHE E 84 -4.07 24.70 36.09
CA PHE E 84 -3.43 23.43 36.39
C PHE E 84 -2.55 23.52 37.63
N GLN E 85 -2.61 22.50 38.48
CA GLN E 85 -1.51 22.32 39.42
C GLN E 85 -0.28 21.85 38.67
N SER E 86 0.90 22.12 39.23
CA SER E 86 2.13 21.78 38.53
C SER E 86 2.38 20.27 38.55
N SER E 87 2.13 19.63 39.69
CA SER E 87 2.36 18.20 39.83
C SER E 87 1.42 17.38 38.96
N ALA E 88 0.27 17.93 38.59
CA ALA E 88 -0.59 17.25 37.63
C ALA E 88 0.07 17.24 36.25
N VAL E 89 0.78 18.31 35.89
CA VAL E 89 1.52 18.31 34.65
C VAL E 89 2.66 17.31 34.71
N MET E 90 3.27 17.17 35.90
CA MET E 90 4.22 16.08 36.12
C MET E 90 3.56 14.72 35.92
N ALA E 91 2.31 14.58 36.35
CA ALA E 91 1.65 13.28 36.29
C ALA E 91 1.31 12.90 34.86
N LEU E 92 0.81 13.85 34.09
CA LEU E 92 0.60 13.59 32.66
C LEU E 92 1.92 13.36 31.94
N GLN E 93 3.01 13.95 32.42
CA GLN E 93 4.31 13.63 31.87
C GLN E 93 4.70 12.19 32.16
N GLU E 94 4.29 11.67 33.31
CA GLU E 94 4.59 10.28 33.62
C GLU E 94 3.75 9.34 32.76
N ALA E 95 2.49 9.70 32.51
CA ALA E 95 1.68 8.85 31.65
C ALA E 95 2.17 8.88 30.22
N SER E 96 2.69 10.03 29.79
CA SER E 96 3.26 10.14 28.45
C SER E 96 4.50 9.27 28.30
N GLU E 97 5.41 9.32 29.27
CA GLU E 97 6.61 8.50 29.15
C GLU E 97 6.30 7.02 29.31
N ALA E 98 5.35 6.66 30.17
CA ALA E 98 5.05 5.24 30.36
C ALA E 98 4.38 4.66 29.14
N TYR E 99 3.42 5.38 28.57
CA TYR E 99 2.69 4.85 27.44
C TYR E 99 3.52 4.86 26.17
N LEU E 100 4.30 5.92 25.93
CA LEU E 100 5.14 5.92 24.75
C LEU E 100 6.26 4.90 24.86
N VAL E 101 6.95 4.87 26.02
CA VAL E 101 8.07 3.96 26.22
C VAL E 101 7.64 2.51 26.11
N ALA E 102 6.50 2.16 26.71
CA ALA E 102 6.01 0.79 26.56
C ALA E 102 5.59 0.50 25.14
N LEU E 103 5.08 1.52 24.44
CA LEU E 103 4.75 1.32 23.03
C LEU E 103 6.01 1.10 22.19
N PHE E 104 7.16 1.65 22.59
CA PHE E 104 8.40 1.31 21.86
C PHE E 104 8.96 -0.03 22.28
N GLU E 105 8.66 -0.49 23.49
CA GLU E 105 8.99 -1.87 23.85
C GLU E 105 8.32 -2.85 22.90
N ASP E 106 7.00 -2.73 22.79
CA ASP E 106 6.27 -3.69 21.96
C ASP E 106 6.51 -3.45 20.48
N THR E 107 6.73 -2.19 20.07
CA THR E 107 7.06 -1.91 18.68
C THR E 107 8.43 -2.48 18.31
N ASN E 108 9.37 -2.42 19.25
CA ASN E 108 10.70 -2.96 19.02
C ASN E 108 10.67 -4.47 18.90
N LEU E 109 9.86 -5.13 19.74
CA LEU E 109 9.73 -6.58 19.59
C LEU E 109 9.02 -6.94 18.30
N CYS E 110 8.12 -6.07 17.84
CA CYS E 110 7.47 -6.27 16.55
C CYS E 110 8.46 -6.25 15.40
N ALA E 111 9.30 -5.21 15.35
CA ALA E 111 10.23 -5.10 14.23
C ALA E 111 11.37 -6.12 14.31
N ILE E 112 11.80 -6.48 15.52
CA ILE E 112 12.77 -7.57 15.67
C ILE E 112 12.17 -8.88 15.20
N HIS E 113 10.87 -9.03 15.37
CA HIS E 113 10.23 -10.23 14.85
C HIS E 113 10.04 -10.21 13.33
N ALA E 114 10.50 -9.15 12.65
CA ALA E 114 10.57 -9.13 11.18
C ALA E 114 11.98 -9.31 10.67
N LYS E 115 12.92 -9.71 11.54
CA LYS E 115 14.37 -9.67 11.30
C LYS E 115 14.82 -8.30 10.79
N ARG E 116 14.37 -7.26 11.49
CA ARG E 116 14.77 -5.89 11.29
C ARG E 116 15.19 -5.29 12.63
N VAL E 117 16.22 -4.46 12.61
CA VAL E 117 16.67 -3.79 13.82
C VAL E 117 16.29 -2.32 13.80
N THR E 118 15.35 -1.94 12.94
CA THR E 118 14.93 -0.55 12.84
C THR E 118 13.42 -0.50 12.77
N ILE E 119 12.82 0.25 13.68
CA ILE E 119 11.37 0.31 13.74
C ILE E 119 10.86 1.25 12.67
N MET E 120 9.62 1.01 12.23
CA MET E 120 8.98 1.67 11.11
C MET E 120 7.51 1.84 11.48
N PRO E 121 6.79 2.79 10.86
CA PRO E 121 5.47 3.17 11.40
C PRO E 121 4.42 2.09 11.35
N LYS E 122 4.52 1.15 10.41
CA LYS E 122 3.60 0.02 10.40
C LYS E 122 3.77 -0.87 11.62
N ASP E 123 4.94 -0.87 12.26
CA ASP E 123 5.13 -1.64 13.48
C ASP E 123 4.41 -0.98 14.65
N ILE E 124 4.48 0.34 14.72
CA ILE E 124 3.68 1.13 15.67
C ILE E 124 2.21 0.81 15.50
N GLN E 125 1.75 0.79 14.25
CA GLN E 125 0.36 0.47 13.95
C GLN E 125 0.02 -0.96 14.35
N LEU E 126 0.98 -1.88 14.25
CA LEU E 126 0.72 -3.26 14.62
C LEU E 126 0.53 -3.40 16.12
N ALA E 127 1.47 -2.89 16.91
CA ALA E 127 1.35 -3.01 18.36
C ALA E 127 0.15 -2.26 18.90
N ARG E 128 -0.25 -1.16 18.25
CA ARG E 128 -1.47 -0.50 18.66
C ARG E 128 -2.71 -1.32 18.34
N ARG E 129 -2.71 -2.06 17.22
CA ARG E 129 -3.88 -2.90 17.00
C ARG E 129 -3.89 -4.11 17.93
N ILE E 130 -2.71 -4.64 18.26
CA ILE E 130 -2.64 -5.82 19.13
C ILE E 130 -3.08 -5.47 20.55
N ARG E 131 -2.69 -4.30 21.03
CA ARG E 131 -3.22 -3.87 22.31
C ARG E 131 -4.69 -3.45 22.24
N GLY E 132 -5.27 -3.35 21.05
CA GLY E 132 -6.64 -2.89 20.93
C GLY E 132 -6.75 -1.40 21.12
N GLU E 133 -6.15 -0.63 20.23
CA GLU E 133 -6.17 0.82 20.30
C GLU E 133 -6.73 1.43 19.01
N ARG E 134 -7.71 0.75 18.43
CA ARG E 134 -8.49 1.29 17.33
C ARG E 134 -9.97 1.01 17.55
N ARG F 23 2.94 28.79 20.05
CA ARG F 23 2.70 28.32 18.70
C ARG F 23 3.21 26.88 18.51
N ASP F 24 2.44 26.09 17.78
CA ASP F 24 2.78 24.69 17.51
C ASP F 24 3.15 23.94 18.78
N ASN F 25 2.19 23.79 19.68
CA ASN F 25 2.41 23.08 20.94
C ASN F 25 2.81 21.63 20.70
N ILE F 26 2.12 20.98 19.77
CA ILE F 26 2.41 19.55 19.44
C ILE F 26 3.86 19.41 18.94
N GLN F 27 4.25 20.22 17.94
CA GLN F 27 5.62 20.15 17.38
C GLN F 27 6.65 20.31 18.51
N GLY F 28 6.25 20.95 19.61
CA GLY F 28 7.16 21.16 20.73
C GLY F 28 7.77 19.89 21.27
N ILE F 29 7.14 18.74 21.01
CA ILE F 29 7.75 17.46 21.29
C ILE F 29 8.86 17.28 20.28
N THR F 30 10.09 17.47 20.71
CA THR F 30 11.20 17.56 19.78
C THR F 30 11.53 16.18 19.22
N LYS F 31 12.09 16.18 18.02
CA LYS F 31 12.67 14.96 17.47
C LYS F 31 13.75 14.34 18.35
N PRO F 32 14.66 15.09 19.01
CA PRO F 32 15.52 14.43 19.99
C PRO F 32 14.80 13.89 21.21
N ALA F 33 13.64 14.44 21.59
CA ALA F 33 12.95 13.88 22.76
C ALA F 33 12.33 12.52 22.43
N ILE F 34 11.74 12.40 21.25
CA ILE F 34 11.24 11.11 20.79
C ILE F 34 12.38 10.12 20.59
N ARG F 35 13.55 10.63 20.14
CA ARG F 35 14.74 9.80 20.13
C ARG F 35 15.11 9.32 21.52
N ARG F 36 15.03 10.20 22.51
CA ARG F 36 15.45 9.85 23.86
C ARG F 36 14.52 8.83 24.50
N LEU F 37 13.22 8.98 24.29
CA LEU F 37 12.27 7.99 24.79
C LEU F 37 12.45 6.65 24.08
N ALA F 38 12.80 6.68 22.80
CA ALA F 38 13.15 5.43 22.13
C ALA F 38 14.43 4.83 22.69
N ARG F 39 15.37 5.67 23.13
CA ARG F 39 16.60 5.15 23.72
C ARG F 39 16.34 4.51 25.07
N ARG F 40 15.39 5.06 25.84
CA ARG F 40 15.02 4.39 27.08
C ARG F 40 14.25 3.12 26.79
N GLY F 41 13.47 3.10 25.72
CA GLY F 41 12.78 1.88 25.37
C GLY F 41 13.67 0.78 24.84
N GLY F 42 14.92 1.09 24.50
CA GLY F 42 15.76 0.09 23.90
C GLY F 42 15.58 -0.03 22.41
N VAL F 43 15.43 1.10 21.72
CA VAL F 43 15.27 1.14 20.27
C VAL F 43 16.54 1.70 19.68
N LYS F 44 17.12 0.98 18.73
CA LYS F 44 18.42 1.37 18.21
C LYS F 44 18.29 2.47 17.17
N ARG F 45 17.56 2.19 16.09
CA ARG F 45 17.50 3.08 14.94
C ARG F 45 16.07 3.45 14.62
N ILE F 46 15.84 4.72 14.30
CA ILE F 46 14.51 5.29 14.12
C ILE F 46 14.33 5.73 12.67
N SER F 47 13.24 5.32 12.05
CA SER F 47 13.00 5.63 10.64
C SER F 47 12.51 7.07 10.48
N GLY F 48 12.04 7.39 9.29
CA GLY F 48 11.71 8.75 8.92
C GLY F 48 10.45 9.32 9.53
N LEU F 49 9.30 8.75 9.19
CA LEU F 49 8.02 9.30 9.59
C LEU F 49 7.57 8.80 10.95
N ILE F 50 8.50 8.36 11.79
CA ILE F 50 8.16 7.90 13.13
C ILE F 50 7.65 9.06 13.97
N TYR F 51 8.17 10.26 13.72
CA TYR F 51 7.93 11.38 14.62
C TYR F 51 6.52 11.94 14.45
N GLU F 52 6.03 11.96 13.22
CA GLU F 52 4.66 12.39 12.94
C GLU F 52 3.65 11.50 13.66
N GLU F 53 3.79 10.19 13.48
CA GLU F 53 2.91 9.25 14.14
C GLU F 53 3.10 9.25 15.65
N THR F 54 4.31 9.57 16.11
CA THR F 54 4.55 9.61 17.54
C THR F 54 3.82 10.79 18.19
N ARG F 55 3.87 11.95 17.54
CA ARG F 55 3.09 13.09 18.00
C ARG F 55 1.60 12.81 17.91
N GLY F 56 1.19 12.03 16.91
CA GLY F 56 -0.22 11.68 16.80
C GLY F 56 -0.69 10.77 17.92
N VAL F 57 0.11 9.75 18.26
CA VAL F 57 -0.28 8.79 19.29
C VAL F 57 -0.28 9.44 20.66
N LEU F 58 0.77 10.22 20.95
CA LEU F 58 0.81 11.01 22.18
C LEU F 58 -0.36 11.98 22.24
N LYS F 59 -0.72 12.54 21.10
CA LYS F 59 -1.86 13.46 21.04
C LYS F 59 -3.16 12.75 21.38
N VAL F 60 -3.35 11.54 20.87
CA VAL F 60 -4.58 10.80 21.15
C VAL F 60 -4.66 10.42 22.61
N PHE F 61 -3.55 9.94 23.17
CA PHE F 61 -3.54 9.50 24.56
C PHE F 61 -3.78 10.67 25.51
N LEU F 62 -3.13 11.80 25.27
CA LEU F 62 -3.39 12.97 26.11
C LEU F 62 -4.78 13.53 25.89
N GLU F 63 -5.36 13.35 24.70
CA GLU F 63 -6.74 13.79 24.49
C GLU F 63 -7.71 12.97 25.34
N ASN F 64 -7.51 11.66 25.42
CA ASN F 64 -8.40 10.85 26.24
C ASN F 64 -8.21 11.13 27.73
N VAL F 65 -6.95 11.19 28.17
CA VAL F 65 -6.67 11.39 29.59
C VAL F 65 -7.12 12.77 30.05
N ILE F 66 -6.89 13.80 29.23
CA ILE F 66 -7.33 15.14 29.59
C ILE F 66 -8.84 15.26 29.57
N ARG F 67 -9.50 14.62 28.59
CA ARG F 67 -10.97 14.62 28.55
C ARG F 67 -11.58 14.01 29.80
N ASP F 68 -11.01 12.91 30.26
CA ASP F 68 -11.54 12.28 31.46
C ASP F 68 -11.17 13.06 32.71
N ALA F 69 -10.04 13.75 32.69
CA ALA F 69 -9.66 14.56 33.83
C ALA F 69 -10.52 15.80 33.96
N VAL F 70 -10.83 16.43 32.83
CA VAL F 70 -11.75 17.57 32.81
C VAL F 70 -13.13 17.13 33.27
N THR F 71 -13.55 15.94 32.86
CA THR F 71 -14.82 15.40 33.36
C THR F 71 -14.77 15.19 34.87
N TYR F 72 -13.63 14.75 35.39
CA TYR F 72 -13.43 14.68 36.83
C TYR F 72 -13.38 16.04 37.50
N THR F 73 -13.12 17.11 36.76
CA THR F 73 -12.93 18.40 37.41
C THR F 73 -14.16 19.29 37.32
N GLU F 74 -14.93 19.17 36.25
CA GLU F 74 -16.19 19.90 36.15
C GLU F 74 -17.22 19.38 37.13
N HIS F 75 -17.09 18.12 37.57
CA HIS F 75 -18.09 17.54 38.45
C HIS F 75 -17.98 18.09 39.87
N ALA F 76 -16.77 18.43 40.30
CA ALA F 76 -16.62 19.15 41.55
C ALA F 76 -16.85 20.64 41.38
N LYS F 77 -17.14 21.10 40.15
CA LYS F 77 -17.45 22.49 39.81
C LYS F 77 -16.28 23.42 40.15
N ARG F 78 -15.07 22.93 39.95
CA ARG F 78 -13.86 23.65 40.30
C ARG F 78 -13.11 24.02 39.03
N LYS F 79 -12.54 25.23 39.02
CA LYS F 79 -11.85 25.73 37.84
C LYS F 79 -10.44 25.18 37.71
N THR F 80 -9.91 24.55 38.75
CA THR F 80 -8.51 24.14 38.78
C THR F 80 -8.42 22.62 38.79
N VAL F 81 -7.66 22.08 37.86
CA VAL F 81 -7.42 20.65 37.79
C VAL F 81 -6.27 20.30 38.73
N THR F 82 -6.49 19.31 39.60
CA THR F 82 -5.46 18.88 40.52
C THR F 82 -4.79 17.62 40.00
N ALA F 83 -3.88 17.08 40.80
CA ALA F 83 -3.16 15.87 40.45
C ALA F 83 -3.92 14.61 40.81
N MET F 84 -4.72 14.65 41.88
CA MET F 84 -5.58 13.53 42.22
C MET F 84 -6.62 13.28 41.15
N ASP F 85 -7.07 14.34 40.48
CA ASP F 85 -7.92 14.25 39.31
C ASP F 85 -7.34 13.29 38.28
N VAL F 86 -6.10 13.52 37.88
CA VAL F 86 -5.55 12.76 36.79
C VAL F 86 -4.94 11.44 37.21
N VAL F 87 -4.61 11.25 38.49
CA VAL F 87 -4.27 9.92 38.93
C VAL F 87 -5.51 9.04 38.96
N TYR F 88 -6.66 9.63 39.32
CA TYR F 88 -7.92 8.93 39.19
C TYR F 88 -8.25 8.59 37.74
N ALA F 89 -8.05 9.57 36.84
CA ALA F 89 -8.32 9.33 35.42
C ALA F 89 -7.37 8.31 34.82
N LEU F 90 -6.14 8.23 35.32
CA LEU F 90 -5.26 7.19 34.85
C LEU F 90 -5.59 5.85 35.46
N LYS F 91 -6.16 5.84 36.67
CA LYS F 91 -6.56 4.58 37.27
C LYS F 91 -7.70 3.95 36.50
N ARG F 92 -8.66 4.77 36.08
CA ARG F 92 -9.86 4.24 35.46
C ARG F 92 -9.57 3.66 34.08
N GLN F 93 -8.59 4.20 33.38
CA GLN F 93 -8.20 3.63 32.10
C GLN F 93 -7.24 2.48 32.22
N GLY F 94 -7.08 1.91 33.41
CA GLY F 94 -6.20 0.77 33.59
C GLY F 94 -4.73 1.09 33.44
N ARG F 95 -4.30 2.27 33.85
CA ARG F 95 -2.92 2.73 33.71
C ARG F 95 -2.48 3.40 35.01
N THR F 96 -2.66 2.71 36.12
CA THR F 96 -2.51 3.32 37.44
C THR F 96 -1.07 3.72 37.73
N LEU F 97 -0.92 4.88 38.38
CA LEU F 97 0.34 5.59 38.53
C LEU F 97 0.46 6.05 39.96
N TYR F 98 1.40 5.49 40.71
CA TYR F 98 1.55 5.89 42.10
C TYR F 98 2.38 7.15 42.16
N GLY F 99 2.61 7.66 43.36
CA GLY F 99 3.51 8.78 43.52
C GLY F 99 2.87 10.14 43.47
N PHE F 100 1.54 10.21 43.46
CA PHE F 100 0.87 11.50 43.59
C PHE F 100 -0.32 11.38 44.53
N GLY F 101 -0.44 10.29 45.27
CA GLY F 101 -1.55 10.08 46.16
C GLY F 101 -2.64 9.27 45.50
N GLY F 102 -3.30 8.40 46.25
CA GLY F 102 -4.46 7.67 45.76
C GLY F 102 -4.21 6.61 44.70
N GLY G 8 -58.19 9.89 55.47
CA GLY G 8 -58.12 8.45 55.77
C GLY G 8 -58.15 7.60 54.51
N LYS G 9 -57.12 7.73 53.66
CA LYS G 9 -57.04 6.95 52.40
C LYS G 9 -55.61 7.02 51.85
N THR G 10 -55.14 5.93 51.23
CA THR G 10 -53.78 5.86 50.65
C THR G 10 -53.87 5.68 49.13
N ARG G 11 -55.07 5.89 48.57
CA ARG G 11 -55.29 5.74 47.10
C ARG G 11 -54.69 6.94 46.37
N ALA G 12 -55.47 8.02 46.22
CA ALA G 12 -55.02 9.25 45.54
C ALA G 12 -54.42 8.91 44.17
N LYS G 13 -55.23 8.39 43.25
CA LYS G 13 -54.76 8.03 41.92
C LYS G 13 -53.39 7.36 41.98
N ALA G 14 -53.29 6.15 41.47
CA ALA G 14 -52.02 5.41 41.44
C ALA G 14 -51.32 5.68 40.12
N LYS G 15 -50.29 6.52 40.15
CA LYS G 15 -49.55 6.87 38.94
C LYS G 15 -48.20 6.17 38.82
N THR G 16 -47.96 5.20 39.69
CA THR G 16 -46.70 4.44 39.69
C THR G 16 -45.45 5.34 39.67
N ARG G 17 -44.47 4.96 38.87
CA ARG G 17 -43.23 5.73 38.75
C ARG G 17 -42.72 5.74 37.32
N SER G 18 -42.76 4.57 36.68
CA SER G 18 -42.30 4.43 35.30
C SER G 18 -42.98 5.46 34.38
N SER G 19 -44.30 5.42 34.35
CA SER G 19 -45.06 6.35 33.53
C SER G 19 -44.69 7.78 33.91
N ARG G 20 -44.92 8.11 35.17
CA ARG G 20 -44.60 9.45 35.68
C ARG G 20 -43.52 10.11 34.83
N ALA G 21 -42.49 9.35 34.47
CA ALA G 21 -41.41 9.86 33.66
C ALA G 21 -41.59 9.60 32.17
N GLY G 22 -42.55 8.79 31.77
CA GLY G 22 -42.74 8.50 30.37
C GLY G 22 -41.73 7.52 29.81
N LEU G 23 -41.44 6.45 30.55
CA LEU G 23 -40.48 5.46 30.10
C LEU G 23 -41.11 4.08 30.13
N GLN G 24 -40.29 3.04 29.90
CA GLN G 24 -40.74 1.67 30.01
C GLN G 24 -39.74 0.82 30.78
N PHE G 25 -39.07 1.40 31.77
CA PHE G 25 -38.13 0.71 32.63
C PHE G 25 -38.52 0.81 34.09
N PRO G 26 -38.23 -0.23 34.90
CA PRO G 26 -38.67 -0.22 36.29
C PRO G 26 -37.83 0.72 37.15
N VAL G 27 -38.44 1.84 37.53
CA VAL G 27 -37.73 2.77 38.41
C VAL G 27 -37.59 2.16 39.79
N GLY G 28 -38.58 1.40 40.23
CA GLY G 28 -38.52 0.83 41.56
C GLY G 28 -37.52 -0.30 41.67
N ARG G 29 -37.45 -1.16 40.65
CA ARG G 29 -36.54 -2.30 40.70
C ARG G 29 -35.09 -1.84 40.55
N VAL G 30 -34.82 -0.95 39.59
CA VAL G 30 -33.50 -0.36 39.43
C VAL G 30 -33.13 0.43 40.68
N HIS G 31 -34.11 1.13 41.26
CA HIS G 31 -33.89 1.93 42.45
C HIS G 31 -33.50 1.07 43.65
N ARG G 32 -34.22 -0.04 43.83
CA ARG G 32 -33.86 -1.01 44.86
C ARG G 32 -32.47 -1.57 44.61
N LEU G 33 -32.13 -1.81 43.35
CA LEU G 33 -30.80 -2.30 43.04
C LEU G 33 -29.72 -1.25 43.24
N LEU G 34 -30.06 0.03 43.20
CA LEU G 34 -29.06 1.02 43.58
C LEU G 34 -28.93 1.11 45.09
N ARG G 35 -30.00 0.88 45.84
CA ARG G 35 -29.84 0.98 47.28
C ARG G 35 -29.22 -0.27 47.88
N LYS G 36 -29.26 -1.39 47.19
CA LYS G 36 -28.88 -2.65 47.81
C LYS G 36 -27.64 -3.25 47.18
N GLY G 37 -26.64 -2.43 46.94
CA GLY G 37 -25.36 -2.93 46.52
C GLY G 37 -24.26 -2.18 47.21
N ASN G 38 -24.64 -1.38 48.22
CA ASN G 38 -23.75 -0.54 49.00
C ASN G 38 -22.90 0.37 48.10
N TYR G 39 -23.59 1.28 47.42
CA TYR G 39 -22.88 2.24 46.59
C TYR G 39 -22.77 3.61 47.22
N ALA G 40 -23.75 3.97 48.05
CA ALA G 40 -23.76 5.19 48.84
C ALA G 40 -24.79 5.01 49.93
N GLU G 41 -24.51 5.57 51.10
CA GLU G 41 -25.43 5.43 52.23
C GLU G 41 -26.76 6.11 51.96
N ARG G 42 -26.75 7.19 51.19
CA ARG G 42 -27.96 7.85 50.76
C ARG G 42 -28.04 7.77 49.24
N VAL G 43 -29.25 7.59 48.70
CA VAL G 43 -29.47 7.56 47.27
C VAL G 43 -30.56 8.55 46.95
N GLY G 44 -30.28 9.45 46.01
CA GLY G 44 -31.08 10.65 45.79
C GLY G 44 -32.48 10.39 45.22
N ALA G 45 -33.12 11.49 44.85
CA ALA G 45 -34.52 11.45 44.47
C ALA G 45 -34.71 10.85 43.09
N GLY G 46 -34.10 11.45 42.07
CA GLY G 46 -34.40 11.10 40.70
C GLY G 46 -33.29 10.41 39.96
N ALA G 47 -32.43 9.71 40.70
CA ALA G 47 -31.27 9.07 40.07
C ALA G 47 -31.64 7.87 39.18
N PRO G 48 -32.44 6.88 39.61
CA PRO G 48 -32.75 5.79 38.68
C PRO G 48 -33.71 6.18 37.56
N VAL G 49 -34.35 7.34 37.64
CA VAL G 49 -35.03 7.90 36.48
C VAL G 49 -34.01 8.18 35.38
N TYR G 50 -32.94 8.88 35.74
CA TYR G 50 -31.88 9.22 34.81
C TYR G 50 -31.22 7.96 34.29
N LEU G 51 -30.95 7.01 35.18
CA LEU G 51 -30.19 5.83 34.78
C LEU G 51 -31.04 4.89 33.94
N ALA G 52 -32.33 4.78 34.25
CA ALA G 52 -33.24 4.01 33.42
C ALA G 52 -33.40 4.64 32.05
N ALA G 53 -33.30 5.97 31.96
CA ALA G 53 -33.29 6.61 30.64
C ALA G 53 -32.08 6.19 29.82
N VAL G 54 -30.90 6.17 30.47
CA VAL G 54 -29.69 5.82 29.75
C VAL G 54 -29.73 4.37 29.27
N LEU G 55 -30.18 3.47 30.13
CA LEU G 55 -30.26 2.07 29.72
C LEU G 55 -31.35 1.82 28.69
N GLU G 56 -32.41 2.63 28.68
CA GLU G 56 -33.41 2.49 27.62
C GLU G 56 -32.85 2.91 26.28
N TYR G 57 -32.03 3.97 26.28
CA TYR G 57 -31.38 4.38 25.04
C TYR G 57 -30.44 3.30 24.53
N LEU G 58 -29.66 2.70 25.43
CA LEU G 58 -28.68 1.71 24.98
C LEU G 58 -29.35 0.44 24.47
N THR G 59 -30.35 -0.04 25.20
CA THR G 59 -31.16 -1.19 24.77
C THR G 59 -31.79 -0.93 23.42
N ALA G 60 -32.34 0.28 23.22
CA ALA G 60 -32.96 0.63 21.95
C ALA G 60 -31.95 0.67 20.81
N GLU G 61 -30.71 1.07 21.10
CA GLU G 61 -29.69 1.11 20.06
C GLU G 61 -29.29 -0.28 19.61
N ILE G 62 -28.96 -1.17 20.55
CA ILE G 62 -28.51 -2.50 20.19
C ILE G 62 -29.63 -3.29 19.53
N LEU G 63 -30.84 -3.26 20.12
CA LEU G 63 -31.94 -3.98 19.50
C LEU G 63 -32.34 -3.36 18.16
N GLU G 64 -32.11 -2.06 17.99
CA GLU G 64 -32.37 -1.44 16.70
C GLU G 64 -31.43 -1.98 15.63
N LEU G 65 -30.13 -2.02 15.92
CA LEU G 65 -29.17 -2.49 14.92
C LEU G 65 -29.30 -3.99 14.69
N ALA G 66 -29.70 -4.75 15.70
CA ALA G 66 -30.01 -6.16 15.46
C ALA G 66 -31.31 -6.32 14.69
N GLY G 67 -32.19 -5.31 14.73
CA GLY G 67 -33.36 -5.36 13.88
C GLY G 67 -33.01 -5.10 12.42
N ASN G 68 -32.17 -4.09 12.17
CA ASN G 68 -31.75 -3.78 10.81
C ASN G 68 -30.95 -4.93 10.22
N ALA G 69 -30.01 -5.47 10.99
CA ALA G 69 -29.32 -6.67 10.53
C ALA G 69 -30.23 -7.88 10.53
N ALA G 70 -31.32 -7.85 11.29
CA ALA G 70 -32.23 -8.99 11.33
C ALA G 70 -33.03 -9.10 10.03
N ARG G 71 -33.49 -7.97 9.49
CA ARG G 71 -34.03 -8.04 8.14
C ARG G 71 -32.93 -8.30 7.13
N ASP G 72 -31.78 -7.65 7.32
CA ASP G 72 -30.73 -7.72 6.30
C ASP G 72 -29.92 -9.02 6.33
N ASN G 73 -30.35 -10.01 7.11
CA ASN G 73 -29.90 -11.38 6.87
C ASN G 73 -31.08 -12.34 6.90
N LYS G 74 -32.28 -11.83 6.59
CA LYS G 74 -33.44 -12.62 6.16
C LYS G 74 -33.92 -13.59 7.23
N LYS G 75 -34.22 -13.05 8.40
CA LYS G 75 -34.96 -13.76 9.44
C LYS G 75 -36.04 -12.82 9.97
N THR G 76 -36.86 -13.34 10.89
CA THR G 76 -37.85 -12.52 11.58
C THR G 76 -37.68 -12.62 13.08
N ARG G 77 -36.45 -12.88 13.54
CA ARG G 77 -36.22 -13.18 14.95
C ARG G 77 -34.75 -12.95 15.25
N ILE G 78 -34.48 -12.15 16.28
CA ILE G 78 -33.10 -11.83 16.65
C ILE G 78 -32.49 -13.03 17.35
N ILE G 79 -31.38 -13.51 16.80
CA ILE G 79 -30.57 -14.57 17.41
C ILE G 79 -29.31 -13.89 17.93
N PRO G 80 -28.52 -14.51 18.82
CA PRO G 80 -27.30 -13.85 19.30
C PRO G 80 -26.25 -13.59 18.23
N ARG G 81 -26.28 -14.28 17.09
CA ARG G 81 -25.38 -13.96 15.98
C ARG G 81 -25.61 -12.55 15.49
N HIS G 82 -26.87 -12.16 15.35
CA HIS G 82 -27.19 -10.79 15.03
C HIS G 82 -26.80 -9.82 16.13
N LEU G 83 -26.67 -10.27 17.38
CA LEU G 83 -26.11 -9.38 18.39
C LEU G 83 -24.60 -9.25 18.25
N GLN G 84 -23.94 -10.32 17.79
CA GLN G 84 -22.52 -10.25 17.49
C GLN G 84 -22.23 -9.24 16.40
N LEU G 85 -22.78 -9.46 15.19
CA LEU G 85 -22.42 -8.49 14.16
C LEU G 85 -23.24 -7.22 14.24
N ALA G 86 -24.26 -7.19 15.09
CA ALA G 86 -24.93 -5.92 15.36
C ALA G 86 -24.03 -5.03 16.19
N VAL G 87 -23.46 -5.57 17.26
CA VAL G 87 -22.62 -4.75 18.13
C VAL G 87 -21.29 -4.43 17.45
N ARG G 88 -20.67 -5.42 16.81
CA ARG G 88 -19.31 -5.20 16.31
C ARG G 88 -19.24 -4.32 15.07
N ASN G 89 -20.35 -3.85 14.52
CA ASN G 89 -20.29 -2.99 13.34
C ASN G 89 -20.35 -1.51 13.66
N ASP G 90 -21.06 -1.10 14.71
CA ASP G 90 -20.89 0.27 15.17
C ASP G 90 -19.54 0.38 15.87
N GLU G 91 -18.92 1.54 15.75
CA GLU G 91 -17.63 1.75 16.39
C GLU G 91 -17.80 1.90 17.90
N GLU G 92 -18.75 2.72 18.31
CA GLU G 92 -18.81 3.12 19.71
C GLU G 92 -19.42 2.05 20.61
N LEU G 93 -20.39 1.31 20.09
CA LEU G 93 -20.91 0.16 20.82
C LEU G 93 -19.86 -0.92 20.96
N ASN G 94 -18.98 -1.06 19.97
CA ASN G 94 -17.85 -1.98 20.10
C ASN G 94 -16.87 -1.48 21.14
N LYS G 95 -16.65 -0.17 21.21
CA LYS G 95 -15.72 0.36 22.19
C LYS G 95 -16.27 0.26 23.62
N LEU G 96 -17.59 0.25 23.77
CA LEU G 96 -18.10 -0.01 25.11
C LEU G 96 -17.97 -1.48 25.47
N LEU G 97 -18.02 -2.37 24.49
CA LEU G 97 -18.08 -3.81 24.73
C LEU G 97 -16.86 -4.55 24.21
N GLY G 98 -15.71 -3.88 24.18
CA GLY G 98 -14.54 -4.46 23.56
C GLY G 98 -13.86 -5.55 24.33
N ARG G 99 -14.20 -5.71 25.61
CA ARG G 99 -13.62 -6.76 26.43
C ARG G 99 -14.65 -7.83 26.74
N VAL G 100 -15.76 -7.87 26.02
CA VAL G 100 -16.87 -8.73 26.34
C VAL G 100 -17.08 -9.72 25.21
N THR G 101 -16.92 -11.00 25.53
CA THR G 101 -17.34 -12.04 24.62
C THR G 101 -18.83 -12.25 24.84
N ILE G 102 -19.56 -12.51 23.76
CA ILE G 102 -20.94 -12.94 23.84
C ILE G 102 -21.07 -14.31 23.19
N ALA G 103 -21.66 -15.25 23.93
CA ALA G 103 -21.67 -16.65 23.54
C ALA G 103 -22.56 -16.87 22.33
N GLN G 104 -22.22 -17.91 21.56
CA GLN G 104 -22.83 -18.18 20.25
C GLN G 104 -22.78 -16.96 19.34
N GLY G 105 -21.68 -16.22 19.40
CA GLY G 105 -21.53 -15.05 18.58
C GLY G 105 -20.72 -15.31 17.33
N GLY G 106 -19.62 -16.02 17.46
CA GLY G 106 -18.74 -16.20 16.33
C GLY G 106 -17.96 -14.92 16.03
N VAL G 107 -17.51 -14.83 14.78
CA VAL G 107 -16.64 -13.75 14.34
C VAL G 107 -17.30 -13.04 13.17
N LEU G 108 -17.30 -11.71 13.20
CA LEU G 108 -17.68 -10.93 12.04
C LEU G 108 -16.66 -11.16 10.92
N PRO G 109 -17.11 -11.31 9.66
CA PRO G 109 -16.20 -11.75 8.60
C PRO G 109 -15.13 -10.74 8.22
N ASN G 110 -13.92 -11.02 8.68
CA ASN G 110 -12.74 -10.21 8.38
C ASN G 110 -11.75 -11.12 7.67
N ILE G 111 -11.21 -10.63 6.56
CA ILE G 111 -10.21 -11.35 5.78
C ILE G 111 -9.07 -10.38 5.51
N GLN G 112 -7.86 -10.75 5.89
CA GLN G 112 -6.71 -9.91 5.60
C GLN G 112 -6.41 -9.89 4.10
N SER G 113 -5.75 -8.81 3.67
CA SER G 113 -5.64 -8.54 2.25
C SER G 113 -4.69 -9.50 1.55
N VAL G 114 -3.69 -10.02 2.27
CA VAL G 114 -2.76 -10.95 1.63
C VAL G 114 -3.35 -12.32 1.45
N LEU G 115 -4.49 -12.61 2.08
CA LEU G 115 -5.08 -13.94 1.94
C LEU G 115 -5.96 -14.03 0.72
N LEU G 116 -6.55 -12.91 0.30
CA LEU G 116 -7.36 -12.89 -0.92
C LEU G 116 -6.50 -13.19 -2.13
N PRO G 117 -7.01 -13.94 -3.10
CA PRO G 117 -6.15 -14.49 -4.15
C PRO G 117 -5.60 -13.44 -5.10
N LYS G 118 -4.41 -13.74 -5.61
CA LYS G 118 -3.63 -12.82 -6.45
C LYS G 118 -3.92 -13.03 -7.93
N LYS G 119 -5.21 -12.98 -8.28
CA LYS G 119 -5.67 -13.34 -9.60
C LYS G 119 -5.48 -12.15 -10.56
N THR G 120 -6.04 -12.29 -11.75
CA THR G 120 -6.05 -11.21 -12.73
C THR G 120 -7.48 -10.77 -12.98
N LYS H 24 -43.12 -31.63 42.37
CA LYS H 24 -44.27 -31.41 41.46
C LYS H 24 -45.20 -30.35 42.06
N LYS H 25 -45.79 -30.64 43.23
CA LYS H 25 -46.70 -29.69 43.91
C LYS H 25 -45.98 -29.06 45.11
N ARG H 26 -45.19 -28.01 44.86
CA ARG H 26 -44.44 -27.31 45.94
C ARG H 26 -44.05 -25.91 45.45
N ARG H 27 -43.94 -24.95 46.38
CA ARG H 27 -43.57 -23.55 46.01
C ARG H 27 -42.18 -23.56 45.37
N LYS H 28 -41.99 -22.75 44.33
CA LYS H 28 -40.69 -22.67 43.61
C LYS H 28 -39.78 -21.65 44.32
N THR H 29 -39.44 -20.56 43.64
CA THR H 29 -38.56 -19.51 44.21
C THR H 29 -38.68 -18.23 43.38
N ARG H 30 -39.44 -17.25 43.86
CA ARG H 30 -39.61 -15.96 43.12
C ARG H 30 -38.29 -15.60 42.43
N LYS H 31 -38.38 -15.08 41.20
CA LYS H 31 -37.17 -14.70 40.42
C LYS H 31 -37.43 -13.36 39.71
N GLU H 32 -36.36 -12.71 39.23
CA GLU H 32 -36.48 -11.41 38.52
C GLU H 32 -35.85 -11.53 37.13
N SER H 33 -35.66 -10.40 36.44
CA SER H 33 -35.09 -10.37 35.10
C SER H 33 -35.19 -8.96 34.55
N TYR H 34 -35.03 -8.83 33.25
CA TYR H 34 -35.39 -7.62 32.51
C TYR H 34 -36.19 -7.95 31.27
N ALA H 35 -36.55 -9.23 31.08
CA ALA H 35 -36.85 -9.75 29.75
C ALA H 35 -38.11 -9.16 29.15
N ILE H 36 -39.12 -8.86 29.98
CA ILE H 36 -40.32 -8.25 29.44
C ILE H 36 -40.07 -6.79 29.07
N TYR H 37 -39.07 -6.15 29.69
CA TYR H 37 -38.80 -4.77 29.33
C TYR H 37 -38.06 -4.71 28.00
N VAL H 38 -37.07 -5.59 27.82
CA VAL H 38 -36.36 -5.71 26.55
C VAL H 38 -37.34 -6.09 25.44
N TYR H 39 -38.32 -6.93 25.77
CA TYR H 39 -39.36 -7.22 24.82
C TYR H 39 -40.20 -5.98 24.50
N LYS H 40 -40.41 -5.11 25.49
CA LYS H 40 -41.20 -3.90 25.23
C LYS H 40 -40.45 -2.91 24.36
N VAL H 41 -39.14 -2.77 24.56
CA VAL H 41 -38.39 -1.86 23.70
C VAL H 41 -38.28 -2.45 22.30
N LEU H 42 -38.27 -3.79 22.20
CA LEU H 42 -38.35 -4.44 20.90
C LEU H 42 -39.68 -4.14 20.22
N LYS H 43 -40.76 -4.06 20.99
CA LYS H 43 -42.04 -3.63 20.44
C LYS H 43 -42.00 -2.15 20.03
N GLN H 44 -41.17 -1.34 20.68
CA GLN H 44 -41.10 0.06 20.26
C GLN H 44 -40.30 0.25 18.97
N VAL H 45 -39.19 -0.48 18.80
CA VAL H 45 -38.28 -0.17 17.71
C VAL H 45 -38.73 -0.82 16.41
N HIS H 46 -38.75 -2.16 16.37
CA HIS H 46 -39.28 -2.92 15.24
C HIS H 46 -40.44 -3.74 15.77
N PRO H 47 -41.67 -3.23 15.64
CA PRO H 47 -42.79 -3.81 16.41
C PRO H 47 -43.20 -5.20 15.97
N ASP H 48 -42.94 -5.57 14.73
CA ASP H 48 -43.32 -6.89 14.23
C ASP H 48 -42.03 -7.62 13.86
N THR H 49 -41.37 -8.19 14.85
CA THR H 49 -40.07 -8.84 14.75
C THR H 49 -39.84 -9.59 16.04
N GLY H 50 -39.37 -10.84 15.93
CA GLY H 50 -39.17 -11.67 17.10
C GLY H 50 -37.76 -11.58 17.68
N ILE H 51 -37.54 -12.36 18.73
CA ILE H 51 -36.24 -12.46 19.40
C ILE H 51 -36.14 -13.85 20.01
N SER H 52 -34.94 -14.43 19.98
CA SER H 52 -34.76 -15.76 20.51
C SER H 52 -34.40 -15.70 22.00
N SER H 53 -34.41 -16.87 22.65
CA SER H 53 -34.34 -16.92 24.11
C SER H 53 -32.93 -16.66 24.63
N LYS H 54 -31.92 -17.27 24.02
CA LYS H 54 -30.56 -17.02 24.47
C LYS H 54 -30.12 -15.60 24.16
N ALA H 55 -30.68 -14.99 23.12
CA ALA H 55 -30.41 -13.58 22.87
C ALA H 55 -31.05 -12.72 23.95
N MET H 56 -32.20 -13.14 24.46
CA MET H 56 -32.82 -12.44 25.57
C MET H 56 -31.97 -12.54 26.82
N SER H 57 -31.35 -13.70 27.06
CA SER H 57 -30.44 -13.79 28.19
C SER H 57 -29.14 -13.01 27.95
N ILE H 58 -28.73 -12.85 26.68
CA ILE H 58 -27.60 -11.97 26.37
C ILE H 58 -27.92 -10.55 26.77
N MET H 59 -29.08 -10.05 26.35
CA MET H 59 -29.45 -8.67 26.69
C MET H 59 -29.65 -8.49 28.18
N ASN H 60 -30.13 -9.53 28.86
CA ASN H 60 -30.27 -9.47 30.32
C ASN H 60 -28.92 -9.27 30.99
N SER H 61 -27.94 -10.11 30.62
CA SER H 61 -26.60 -9.94 31.20
C SER H 61 -25.92 -8.67 30.74
N PHE H 62 -26.31 -8.13 29.58
CA PHE H 62 -25.78 -6.85 29.14
C PHE H 62 -26.26 -5.73 30.03
N VAL H 63 -27.56 -5.70 30.32
CA VAL H 63 -28.14 -4.69 31.17
C VAL H 63 -27.58 -4.77 32.58
N ASN H 64 -27.35 -5.99 33.09
CA ASN H 64 -26.68 -6.10 34.39
C ASN H 64 -25.25 -5.59 34.34
N ASP H 65 -24.52 -5.90 33.26
CA ASP H 65 -23.10 -5.51 33.16
C ASP H 65 -22.93 -4.00 33.12
N VAL H 66 -23.69 -3.33 32.25
CA VAL H 66 -23.64 -1.86 32.21
C VAL H 66 -24.10 -1.29 33.54
N PHE H 67 -25.11 -1.92 34.14
CA PHE H 67 -25.67 -1.43 35.40
C PHE H 67 -24.66 -1.44 36.53
N GLU H 68 -23.83 -2.49 36.64
CA GLU H 68 -22.79 -2.40 37.66
C GLU H 68 -21.60 -1.54 37.21
N ARG H 69 -21.43 -1.30 35.91
CA ARG H 69 -20.37 -0.38 35.49
C ARG H 69 -20.65 1.04 35.94
N ILE H 70 -21.79 1.62 35.51
CA ILE H 70 -22.09 2.98 35.96
C ILE H 70 -22.50 3.04 37.43
N ALA H 71 -22.96 1.93 38.02
CA ALA H 71 -23.19 1.96 39.46
C ALA H 71 -21.86 2.07 40.21
N GLY H 72 -20.84 1.32 39.77
CA GLY H 72 -19.55 1.43 40.43
C GLY H 72 -18.87 2.76 40.17
N GLU H 73 -19.00 3.27 38.95
CA GLU H 73 -18.48 4.61 38.64
C GLU H 73 -19.18 5.68 39.46
N ALA H 74 -20.48 5.50 39.72
CA ALA H 74 -21.15 6.39 40.64
C ALA H 74 -20.64 6.21 42.06
N SER H 75 -20.20 5.00 42.40
CA SER H 75 -19.73 4.74 43.76
C SER H 75 -18.42 5.47 44.03
N ARG H 76 -17.41 5.25 43.20
CA ARG H 76 -16.14 5.88 43.51
C ARG H 76 -16.12 7.33 43.07
N LEU H 77 -16.91 7.68 42.04
CA LEU H 77 -17.04 9.07 41.63
C LEU H 77 -17.77 9.88 42.68
N ALA H 78 -18.66 9.25 43.44
CA ALA H 78 -19.23 9.94 44.59
C ALA H 78 -18.33 9.85 45.80
N HIS H 79 -17.40 8.89 45.80
CA HIS H 79 -16.53 8.77 46.96
C HIS H 79 -15.42 9.81 46.93
N TYR H 80 -15.07 10.29 45.73
CA TYR H 80 -13.93 11.21 45.62
C TYR H 80 -14.25 12.56 46.21
N ASN H 81 -15.48 13.04 46.04
CA ASN H 81 -15.85 14.39 46.42
C ASN H 81 -16.33 14.50 47.85
N LYS H 82 -16.06 13.49 48.69
CA LYS H 82 -16.45 13.45 50.10
C LYS H 82 -17.95 13.56 50.28
N ARG H 83 -18.71 13.02 49.32
CA ARG H 83 -20.15 12.97 49.39
C ARG H 83 -20.60 11.62 49.91
N SER H 84 -21.90 11.49 50.15
CA SER H 84 -22.49 10.23 50.57
C SER H 84 -23.84 10.00 49.90
N THR H 85 -24.02 10.54 48.69
CA THR H 85 -25.32 10.55 48.03
C THR H 85 -25.09 10.46 46.52
N ILE H 86 -25.86 9.60 45.87
CA ILE H 86 -25.82 9.47 44.42
C ILE H 86 -27.02 10.22 43.85
N THR H 87 -26.77 11.35 43.21
CA THR H 87 -27.80 12.11 42.50
C THR H 87 -27.54 12.07 41.01
N SER H 88 -28.42 12.74 40.26
CA SER H 88 -28.39 12.62 38.81
C SER H 88 -27.20 13.32 38.16
N ARG H 89 -26.59 14.28 38.86
CA ARG H 89 -25.37 14.89 38.33
C ARG H 89 -24.24 13.86 38.29
N GLU H 90 -24.20 12.98 39.29
CA GLU H 90 -23.18 11.94 39.35
C GLU H 90 -23.39 10.91 38.25
N ILE H 91 -24.64 10.56 37.98
CA ILE H 91 -24.89 9.62 36.90
C ILE H 91 -24.61 10.29 35.56
N GLN H 92 -24.81 11.60 35.45
CA GLN H 92 -24.47 12.31 34.22
C GLN H 92 -22.98 12.31 33.97
N THR H 93 -22.19 12.54 35.01
CA THR H 93 -20.74 12.48 34.87
C THR H 93 -20.28 11.07 34.51
N ALA H 94 -20.80 10.06 35.21
CA ALA H 94 -20.34 8.70 35.01
C ALA H 94 -20.75 8.15 33.64
N VAL H 95 -21.91 8.57 33.13
CA VAL H 95 -22.26 8.24 31.76
C VAL H 95 -21.34 8.98 30.80
N ARG H 96 -20.98 10.23 31.13
CA ARG H 96 -19.97 10.90 30.30
C ARG H 96 -18.57 10.35 30.48
N LEU H 97 -18.35 9.37 31.35
CA LEU H 97 -17.09 8.66 31.36
C LEU H 97 -17.16 7.33 30.63
N LEU H 98 -18.25 6.58 30.76
CA LEU H 98 -18.25 5.27 30.11
C LEU H 98 -18.75 5.31 28.68
N LEU H 99 -19.67 6.18 28.38
CA LEU H 99 -20.28 6.15 27.06
C LEU H 99 -19.41 6.90 26.06
N PRO H 100 -19.02 6.29 24.97
CA PRO H 100 -18.04 6.92 24.08
C PRO H 100 -18.61 7.99 23.15
N GLY H 101 -18.70 9.24 23.61
CA GLY H 101 -18.84 10.34 22.69
C GLY H 101 -20.24 10.63 22.19
N GLU H 102 -20.54 10.23 20.94
CA GLU H 102 -21.88 10.35 20.40
C GLU H 102 -22.88 9.55 21.21
N LEU H 103 -22.46 8.40 21.72
CA LEU H 103 -23.27 7.62 22.65
C LEU H 103 -23.46 8.31 23.98
N ALA H 104 -22.56 9.22 24.36
CA ALA H 104 -22.80 9.95 25.61
C ALA H 104 -23.88 11.00 25.43
N LYS H 105 -23.89 11.68 24.28
CA LYS H 105 -24.67 12.90 24.12
C LYS H 105 -26.16 12.61 24.11
N HIS H 106 -26.59 11.62 23.33
CA HIS H 106 -28.00 11.30 23.28
C HIS H 106 -28.46 10.62 24.55
N ALA H 107 -27.55 9.95 25.25
CA ALA H 107 -27.86 9.44 26.57
C ALA H 107 -28.12 10.57 27.55
N VAL H 108 -27.37 11.67 27.43
CA VAL H 108 -27.59 12.80 28.32
C VAL H 108 -28.85 13.57 27.90
N SER H 109 -29.18 13.59 26.61
CA SER H 109 -30.39 14.27 26.17
C SER H 109 -31.64 13.51 26.60
N GLU H 110 -31.62 12.18 26.46
CA GLU H 110 -32.71 11.37 26.98
C GLU H 110 -32.75 11.40 28.51
N GLY H 111 -31.58 11.56 29.15
CA GLY H 111 -31.55 11.60 30.59
C GLY H 111 -32.16 12.87 31.14
N THR H 112 -31.79 14.02 30.58
CA THR H 112 -32.38 15.28 31.00
C THR H 112 -33.85 15.35 30.61
N LYS H 113 -34.21 14.75 29.48
CA LYS H 113 -35.61 14.70 29.08
C LYS H 113 -36.43 13.84 30.04
N ALA H 114 -35.82 12.81 30.62
CA ALA H 114 -36.56 11.99 31.57
C ALA H 114 -36.58 12.57 32.97
N VAL H 115 -35.52 13.28 33.36
CA VAL H 115 -35.54 13.98 34.64
C VAL H 115 -36.58 15.09 34.63
N THR H 116 -36.53 15.95 33.60
CA THR H 116 -37.47 17.06 33.52
C THR H 116 -38.88 16.56 33.24
N LYS H 117 -39.00 15.57 32.35
CA LYS H 117 -40.30 15.00 32.04
C LYS H 117 -40.91 14.27 33.24
N TYR H 118 -40.06 13.74 34.11
CA TYR H 118 -40.54 13.25 35.40
C TYR H 118 -40.96 14.40 36.29
N THR H 119 -40.15 15.45 36.35
CA THR H 119 -40.29 16.50 37.34
C THR H 119 -41.50 17.37 37.08
N SER H 120 -41.96 17.44 35.83
CA SER H 120 -43.09 18.29 35.47
C SER H 120 -44.41 17.81 36.08
N ALA H 121 -44.49 16.55 36.50
CA ALA H 121 -45.66 16.08 37.22
C ALA H 121 -45.55 16.42 38.70
N GLY K 3 12.35 45.77 11.58
CA GLY K 3 12.33 44.99 10.36
C GLY K 3 13.39 45.40 9.36
N SER K 4 13.44 44.69 8.25
CA SER K 4 14.41 45.01 7.21
C SER K 4 13.83 45.17 5.82
N ARG K 5 14.70 45.63 4.92
CA ARG K 5 14.38 45.81 3.52
C ARG K 5 15.21 44.84 2.67
N LYS K 6 16.03 44.03 3.34
CA LYS K 6 16.93 43.11 2.63
C LYS K 6 16.34 41.69 2.55
N CYS K 7 16.79 40.93 1.55
CA CYS K 7 16.28 39.57 1.34
C CYS K 7 17.17 38.52 2.00
N GLU K 8 16.55 37.46 2.49
CA GLU K 8 17.27 36.33 3.08
C GLU K 8 18.28 35.73 2.12
N LYS K 9 17.84 35.46 0.89
CA LYS K 9 18.65 34.75 -0.09
C LYS K 9 19.95 35.48 -0.41
N ALA K 10 21.06 34.74 -0.35
CA ALA K 10 22.36 35.28 -0.70
C ALA K 10 22.47 35.43 -2.21
N GLY K 11 22.81 36.64 -2.65
CA GLY K 11 23.03 36.88 -4.07
C GLY K 11 21.79 37.37 -4.80
N CYS K 12 20.70 37.56 -4.07
CA CYS K 12 19.48 38.07 -4.67
C CYS K 12 19.63 39.54 -5.04
N THR K 13 19.28 39.87 -6.27
CA THR K 13 19.45 41.23 -6.77
C THR K 13 18.23 42.11 -6.54
N ALA K 14 17.31 41.64 -5.71
CA ALA K 14 16.11 42.42 -5.38
C ALA K 14 16.45 43.54 -4.39
N THR K 15 16.67 44.74 -4.92
CA THR K 15 17.02 45.89 -4.10
C THR K 15 15.81 46.54 -3.43
N CYS K 16 14.62 46.01 -3.72
CA CYS K 16 13.39 46.51 -3.12
C CYS K 16 12.29 45.45 -3.09
N PRO K 17 12.42 44.48 -2.18
CA PRO K 17 11.42 43.41 -2.02
C PRO K 17 10.03 43.97 -1.72
N VAL K 18 9.01 43.40 -2.36
CA VAL K 18 7.62 43.75 -2.07
C VAL K 18 6.81 42.46 -1.93
N CYS K 19 5.78 42.47 -1.10
CA CYS K 19 5.02 41.25 -0.90
C CYS K 19 3.92 41.04 -1.95
N PHE K 20 3.95 39.86 -2.57
CA PHE K 20 2.97 39.52 -3.61
C PHE K 20 1.71 38.94 -2.98
N ALA K 21 1.85 38.41 -1.77
CA ALA K 21 0.74 37.71 -1.12
C ALA K 21 -0.38 38.63 -0.62
N SER K 22 -0.01 39.65 0.16
CA SER K 22 -0.97 40.53 0.82
C SER K 22 -2.15 39.74 1.37
N ALA K 23 -1.83 38.70 2.14
CA ALA K 23 -2.85 37.82 2.70
C ALA K 23 -3.18 38.25 4.12
N SER K 24 -2.16 38.67 4.86
CA SER K 24 -2.34 39.13 6.23
C SER K 24 -2.87 40.56 6.23
N GLU K 25 -3.79 40.86 7.14
CA GLU K 25 -4.24 42.23 7.32
C GLU K 25 -3.06 43.09 7.79
N ARG K 26 -1.98 42.42 8.16
CA ARG K 26 -0.77 43.01 8.63
C ARG K 26 0.38 43.02 7.62
N CYS K 27 0.06 42.68 6.36
CA CYS K 27 1.07 42.61 5.32
C CYS K 27 1.96 43.84 5.28
N ALA K 28 3.26 43.62 5.13
CA ALA K 28 4.24 44.70 5.12
C ALA K 28 4.30 45.49 3.81
N LYS K 29 3.76 44.93 2.73
CA LYS K 29 3.80 45.57 1.41
C LYS K 29 5.25 45.83 1.04
N ASN K 30 5.54 47.10 0.75
CA ASN K 30 6.85 47.53 0.29
C ASN K 30 7.71 48.05 1.43
N GLY K 31 7.27 47.83 2.65
CA GLY K 31 7.94 48.39 3.82
C GLY K 31 8.82 47.42 4.58
N TYR K 32 8.91 47.63 5.89
CA TYR K 32 9.76 46.81 6.74
C TYR K 32 9.05 45.57 7.26
N THR K 33 9.81 44.49 7.36
CA THR K 33 9.31 43.24 7.92
C THR K 33 10.49 42.53 8.59
N SER K 34 10.19 41.68 9.56
CA SER K 34 11.25 40.95 10.26
C SER K 34 12.05 40.08 9.30
N ARG K 35 11.40 39.60 8.25
CA ARG K 35 12.06 38.74 7.27
C ARG K 35 11.33 38.70 5.94
N TRP K 36 12.08 38.91 4.86
CA TRP K 36 11.54 38.73 3.51
C TRP K 36 11.83 37.32 3.01
N TYR K 37 10.78 36.57 2.71
CA TYR K 37 10.94 35.21 2.18
C TYR K 37 11.01 35.22 0.66
N HIS K 38 12.01 34.52 0.14
CA HIS K 38 12.36 34.59 -1.28
C HIS K 38 11.86 33.38 -2.07
N LEU K 39 11.16 33.64 -3.17
CA LEU K 39 10.72 32.59 -4.10
C LEU K 39 11.54 32.65 -5.38
N SER K 40 11.75 33.88 -5.86
CA SER K 40 12.64 34.11 -6.99
C SER K 40 13.23 35.52 -6.84
N CYS K 41 14.07 35.92 -7.77
CA CYS K 41 14.69 37.25 -7.69
C CYS K 41 13.66 38.37 -7.76
N GLY K 42 12.46 38.06 -8.25
CA GLY K 42 11.44 39.08 -8.41
C GLY K 42 10.21 38.87 -7.56
N GLU K 43 10.23 37.84 -6.72
CA GLU K 43 9.05 37.44 -5.96
C GLU K 43 9.39 37.14 -4.50
N HIS K 44 8.76 37.89 -3.60
CA HIS K 44 8.96 37.69 -2.16
C HIS K 44 7.65 37.84 -1.41
N PHE K 45 7.61 37.30 -0.19
CA PHE K 45 6.49 37.55 0.71
C PHE K 45 7.00 37.82 2.13
N CYS K 46 6.33 38.74 2.81
CA CYS K 46 6.77 39.22 4.12
C CYS K 46 6.48 38.22 5.23
N ASN K 47 7.18 38.40 6.36
CA ASN K 47 7.02 37.49 7.50
C ASN K 47 5.60 37.46 8.07
N GLU K 48 4.85 38.54 7.86
CA GLU K 48 3.47 38.58 8.36
C GLU K 48 2.57 37.62 7.58
N CYS K 49 2.70 37.65 6.25
CA CYS K 49 1.88 36.77 5.41
C CYS K 49 2.33 35.32 5.54
N PHE K 50 3.64 35.12 5.71
CA PHE K 50 4.18 33.82 6.09
C PHE K 50 3.45 33.27 7.30
N ASP K 51 3.48 34.03 8.40
CA ASP K 51 2.80 33.62 9.63
C ASP K 51 1.29 33.44 9.42
N HIS K 52 0.73 34.23 8.51
CA HIS K 52 -0.71 34.17 8.25
C HIS K 52 -1.19 32.75 7.94
N TYR K 53 -0.33 31.99 7.25
CA TYR K 53 -0.67 30.60 6.90
C TYR K 53 0.01 29.61 7.83
N TYR K 54 1.25 29.90 8.20
CA TYR K 54 2.09 28.96 8.95
C TYR K 54 1.68 28.80 10.42
N ARG K 55 1.17 29.87 11.03
CA ARG K 55 0.82 29.85 12.45
C ARG K 55 -0.62 29.40 12.69
N SER K 56 -0.81 28.53 13.66
CA SER K 56 -2.13 27.94 13.93
C SER K 56 -3.19 28.96 14.33
N HIS K 57 -2.75 30.06 14.94
CA HIS K 57 -3.67 31.08 15.44
C HIS K 57 -3.95 32.18 14.41
N LYS K 58 -3.56 31.93 13.17
CA LYS K 58 -3.78 32.90 12.09
C LYS K 58 -4.86 32.43 11.12
N ASP K 59 -5.50 33.39 10.45
CA ASP K 59 -6.69 33.13 9.63
C ASP K 59 -6.41 32.26 8.39
N GLY K 60 -5.17 32.25 7.92
CA GLY K 60 -4.84 31.52 6.70
C GLY K 60 -4.31 30.13 6.96
N TYR K 61 -4.38 29.70 8.22
CA TYR K 61 -3.84 28.41 8.62
C TYR K 61 -4.67 27.26 8.09
N ASP K 62 -5.99 27.42 8.13
CA ASP K 62 -6.91 26.44 7.58
C ASP K 62 -6.54 26.13 6.13
N LYS K 63 -6.52 27.16 5.31
CA LYS K 63 -6.22 27.03 3.88
C LYS K 63 -4.88 26.34 3.64
N TYR K 64 -3.94 26.52 4.55
CA TYR K 64 -2.61 25.95 4.40
C TYR K 64 -2.54 24.49 4.87
N THR K 65 -3.35 24.15 5.88
CA THR K 65 -3.40 22.78 6.36
C THR K 65 -4.19 21.86 5.43
N THR K 66 -5.25 22.38 4.85
CA THR K 66 -6.05 21.62 3.89
C THR K 66 -5.21 21.29 2.66
N TRP K 67 -4.58 22.30 2.09
CA TRP K 67 -3.67 22.12 0.97
C TRP K 67 -2.55 21.16 1.35
N LYS K 68 -2.10 21.24 2.59
CA LYS K 68 -1.03 20.38 3.07
C LYS K 68 -1.47 18.92 3.11
N LYS K 69 -2.77 18.70 3.22
CA LYS K 69 -3.34 17.35 3.26
C LYS K 69 -3.48 16.76 1.86
N ILE K 70 -4.05 17.53 0.94
CA ILE K 70 -4.16 17.12 -0.45
C ILE K 70 -2.77 16.82 -1.00
N TRP K 71 -1.84 17.71 -0.69
CA TRP K 71 -0.45 17.56 -1.12
C TRP K 71 0.20 16.33 -0.50
N THR K 72 -0.48 15.69 0.45
CA THR K 72 0.07 14.50 1.08
C THR K 72 -0.52 13.23 0.48
N SER K 73 -1.83 13.23 0.23
CA SER K 73 -2.47 12.08 -0.39
C SER K 73 -2.19 12.02 -1.90
N ASN K 74 -1.32 12.91 -2.38
CA ASN K 74 -1.13 13.12 -3.80
C ASN K 74 0.32 13.33 -4.26
N GLY K 75 1.19 13.72 -3.34
CA GLY K 75 2.57 14.02 -3.72
C GLY K 75 3.70 13.44 -2.85
N LYS K 76 4.95 13.65 -3.30
CA LYS K 76 6.15 13.09 -2.66
C LYS K 76 7.11 14.19 -2.23
N THR K 77 6.72 15.44 -2.49
CA THR K 77 7.52 16.56 -2.01
C THR K 77 6.92 17.13 -0.73
N GLU K 78 7.77 17.71 0.10
CA GLU K 78 7.32 18.24 1.39
C GLU K 78 6.54 19.52 1.17
N PRO K 79 5.36 19.61 1.80
CA PRO K 79 4.50 20.80 1.73
C PRO K 79 5.06 21.93 2.59
N SER K 80 5.95 22.74 2.04
CA SER K 80 6.48 23.89 2.76
C SER K 80 5.63 25.12 2.45
N PRO K 81 5.70 26.15 3.30
CA PRO K 81 4.95 27.37 3.01
C PRO K 81 5.36 27.96 1.66
N LYS K 82 6.64 27.89 1.33
CA LYS K 82 7.11 28.38 0.04
C LYS K 82 6.48 27.60 -1.12
N ALA K 83 6.34 26.29 -0.93
CA ALA K 83 5.69 25.45 -1.93
C ALA K 83 4.21 25.83 -2.03
N PHE K 84 3.57 26.05 -0.89
CA PHE K 84 2.18 26.47 -0.86
C PHE K 84 2.02 27.79 -1.61
N MET K 85 2.96 28.70 -1.39
CA MET K 85 2.92 30.01 -2.02
C MET K 85 3.03 29.90 -3.54
N ALA K 86 4.06 29.20 -4.00
CA ALA K 86 4.31 29.01 -5.43
C ALA K 86 3.18 28.28 -6.12
N ASP K 87 2.46 27.47 -5.36
CA ASP K 87 1.41 26.61 -5.90
C ASP K 87 0.03 27.24 -5.78
N GLN K 88 -0.15 28.15 -4.84
CA GLN K 88 -1.49 28.61 -4.48
C GLN K 88 -1.72 30.11 -4.50
N GLN K 89 -0.68 30.89 -4.22
CA GLN K 89 -0.88 32.34 -4.05
C GLN K 89 -0.18 33.20 -5.08
N LEU K 90 0.95 32.74 -5.61
CA LEU K 90 1.70 33.52 -6.60
C LEU K 90 0.79 33.93 -7.75
N PRO K 91 0.79 35.23 -8.10
CA PRO K 91 0.02 35.73 -9.23
C PRO K 91 0.49 35.09 -10.54
N TYR K 92 -0.42 34.95 -11.49
CA TYR K 92 -0.08 34.43 -12.80
C TYR K 92 0.46 35.55 -13.68
N TRP K 93 1.23 35.15 -14.69
CA TRP K 93 1.73 36.07 -15.70
C TRP K 93 1.33 35.56 -17.08
N VAL K 94 0.98 36.47 -17.97
CA VAL K 94 0.52 36.09 -19.30
C VAL K 94 1.05 37.07 -20.31
N GLN K 95 1.38 36.56 -21.50
CA GLN K 95 2.02 37.41 -22.49
C GLN K 95 1.02 38.00 -23.47
N CYS K 96 1.04 39.30 -23.66
CA CYS K 96 0.18 39.98 -24.61
C CYS K 96 0.31 39.35 -25.99
N THR K 97 -0.79 39.08 -26.66
CA THR K 97 -0.75 38.46 -27.96
C THR K 97 -0.72 39.43 -29.14
N LYS K 98 -0.88 40.70 -28.88
CA LYS K 98 -0.73 41.67 -29.96
C LYS K 98 0.69 41.55 -30.53
N PRO K 99 0.78 41.22 -31.83
CA PRO K 99 2.05 40.97 -32.51
C PRO K 99 3.13 42.00 -32.21
N GLU K 100 2.80 43.28 -32.29
CA GLU K 100 3.80 44.34 -32.13
C GLU K 100 4.01 44.77 -30.67
N CYS K 101 3.36 44.08 -29.75
CA CYS K 101 3.57 44.33 -28.32
C CYS K 101 4.33 43.17 -27.68
N ARG K 102 3.60 42.09 -27.42
CA ARG K 102 4.18 40.88 -26.83
C ARG K 102 4.80 41.12 -25.44
N LYS K 103 4.24 42.08 -24.72
CA LYS K 103 4.69 42.34 -23.35
C LYS K 103 4.08 41.33 -22.39
N TRP K 104 4.86 40.94 -21.38
CA TRP K 104 4.36 40.08 -20.31
C TRP K 104 3.69 40.92 -19.23
N ARG K 105 2.53 40.46 -18.75
CA ARG K 105 1.74 41.15 -17.76
C ARG K 105 1.39 40.32 -16.54
N GLN K 106 1.44 40.93 -15.36
CA GLN K 106 1.00 40.26 -14.15
C GLN K 106 -0.53 40.37 -14.01
N LEU K 107 -1.20 39.25 -13.80
CA LEU K 107 -2.64 39.26 -13.57
C LEU K 107 -2.93 39.49 -12.09
N THR K 108 -4.04 40.16 -11.81
CA THR K 108 -4.40 40.43 -10.41
C THR K 108 -4.63 39.12 -9.66
N LYS K 109 -4.36 39.14 -8.36
CA LYS K 109 -4.23 37.93 -7.56
C LYS K 109 -5.46 37.04 -7.54
N GLU K 110 -6.62 37.57 -7.92
CA GLU K 110 -7.84 36.77 -7.88
C GLU K 110 -8.08 36.04 -9.21
N ILE K 111 -7.39 36.48 -10.26
CA ILE K 111 -7.58 35.90 -11.59
C ILE K 111 -6.86 34.56 -11.73
N GLN K 112 -7.59 33.56 -12.21
CA GLN K 112 -7.04 32.22 -12.44
C GLN K 112 -6.77 32.01 -13.92
N LEU K 113 -5.49 31.99 -14.30
CA LEU K 113 -5.12 31.86 -15.71
C LEU K 113 -5.58 30.54 -16.30
N THR K 114 -6.21 30.61 -17.48
CA THR K 114 -6.63 29.43 -18.21
C THR K 114 -6.01 29.44 -19.60
N PRO K 115 -6.06 28.30 -20.29
CA PRO K 115 -5.56 28.27 -21.68
C PRO K 115 -6.31 29.25 -22.58
N GLN K 116 -7.61 29.39 -22.39
CA GLN K 116 -8.39 30.29 -23.23
C GLN K 116 -7.97 31.74 -23.01
N ILE K 117 -7.72 32.11 -21.75
CA ILE K 117 -7.24 33.44 -21.46
C ILE K 117 -5.88 33.69 -22.11
N ALA K 118 -4.98 32.73 -22.00
CA ALA K 118 -3.63 32.92 -22.52
C ALA K 118 -3.63 32.97 -24.05
N LYS K 119 -4.59 32.26 -24.63
CA LYS K 119 -4.66 32.13 -26.09
C LYS K 119 -4.95 33.47 -26.75
N THR K 120 -5.77 34.29 -26.12
CA THR K 120 -6.21 35.54 -26.73
C THR K 120 -5.83 36.81 -25.98
N TYR K 121 -5.11 36.67 -24.87
CA TYR K 121 -4.84 37.81 -23.99
C TYR K 121 -4.19 39.00 -24.68
N ARG K 122 -4.68 40.19 -24.36
CA ARG K 122 -3.99 41.43 -24.71
C ARG K 122 -3.90 42.30 -23.47
N CYS K 123 -2.93 43.20 -23.44
CA CYS K 123 -2.77 44.11 -22.31
C CYS K 123 -4.09 44.79 -21.97
N GLY K 124 -4.39 44.87 -20.68
CA GLY K 124 -5.60 45.54 -20.23
C GLY K 124 -6.84 44.67 -20.13
N MET K 125 -6.81 43.46 -20.67
CA MET K 125 -8.01 42.62 -20.64
C MET K 125 -8.44 42.32 -19.20
N LYS K 126 -9.57 42.88 -18.80
CA LYS K 126 -10.04 42.71 -17.42
C LYS K 126 -11.08 41.60 -17.33
N SER K 136 -6.96 54.01 -22.62
CA SER K 136 -5.56 54.26 -22.94
C SER K 136 -4.94 53.11 -23.72
N ASP K 137 -3.73 53.35 -24.25
CA ASP K 137 -2.97 52.29 -24.90
C ASP K 137 -2.28 51.44 -23.84
N HIS K 138 -3.01 50.43 -23.35
CA HIS K 138 -2.46 49.53 -22.34
C HIS K 138 -1.15 48.87 -22.78
N CYS K 139 -1.02 48.69 -24.09
CA CYS K 139 0.18 48.06 -24.65
C CYS K 139 1.41 48.96 -24.58
N SER K 140 1.21 50.24 -24.25
CA SER K 140 2.32 51.19 -24.22
C SER K 140 2.93 51.32 -22.82
N LEU K 141 2.17 50.93 -21.81
CA LEU K 141 2.70 50.89 -20.45
C LEU K 141 3.94 50.00 -20.39
N PRO K 142 5.01 50.51 -19.78
CA PRO K 142 6.27 49.75 -19.76
C PRO K 142 6.09 48.37 -19.15
N GLU K 143 6.85 47.39 -19.64
CA GLU K 143 6.83 46.05 -19.09
C GLU K 143 7.51 46.05 -17.73
N ASP K 144 6.91 45.36 -16.76
CA ASP K 144 7.52 45.19 -15.45
C ASP K 144 8.97 44.76 -15.63
N LEU K 145 9.89 45.52 -15.04
CA LEU K 145 11.32 45.27 -15.20
C LEU K 145 11.73 43.86 -14.80
N ARG K 146 10.93 43.21 -13.96
CA ARG K 146 11.24 41.86 -13.50
C ARG K 146 11.21 40.82 -14.62
N VAL K 147 10.48 41.11 -15.69
CA VAL K 147 10.31 40.17 -16.77
C VAL K 147 11.63 39.87 -17.50
N LEU K 148 12.38 40.91 -17.83
CA LEU K 148 13.68 40.74 -18.49
C LEU K 148 14.61 39.86 -17.67
N GLU K 149 14.62 40.06 -16.35
CA GLU K 149 15.50 39.32 -15.45
C GLU K 149 15.40 37.82 -15.66
N VAL K 150 14.20 37.36 -15.98
CA VAL K 150 13.93 35.93 -16.09
C VAL K 150 14.84 35.23 -17.11
N SER K 151 15.29 35.98 -18.11
CA SER K 151 16.12 35.40 -19.16
C SER K 151 17.62 35.53 -18.87
N ASN K 152 17.96 35.69 -17.59
CA ASN K 152 19.34 35.56 -17.14
C ASN K 152 19.56 34.16 -16.60
N HIS K 153 20.61 33.49 -17.07
CA HIS K 153 20.82 32.08 -16.72
C HIS K 153 20.84 31.85 -15.21
N TRP K 154 21.32 32.85 -14.46
CA TRP K 154 21.37 32.74 -13.02
C TRP K 154 20.00 32.95 -12.37
N TRP K 155 19.04 33.43 -13.15
CA TRP K 155 17.69 33.65 -12.62
C TRP K 155 17.12 32.34 -12.10
N TYR K 156 17.19 31.30 -12.92
CA TYR K 156 16.66 30.00 -12.53
C TYR K 156 17.42 29.45 -11.33
N SER K 157 18.72 29.71 -11.29
CA SER K 157 19.58 29.17 -10.24
C SER K 157 19.14 29.68 -8.89
N MET K 158 18.53 30.86 -8.87
CA MET K 158 18.03 31.44 -7.63
C MET K 158 16.53 31.28 -7.45
N LEU K 159 15.95 30.35 -8.20
CA LEU K 159 14.59 29.91 -7.96
C LEU K 159 14.66 28.85 -6.88
N ILE K 160 13.86 28.98 -5.82
CA ILE K 160 13.88 28.02 -4.73
C ILE K 160 13.33 26.66 -5.16
N LEU K 161 12.10 26.64 -5.66
CA LEU K 161 11.46 25.40 -6.09
C LEU K 161 11.20 25.39 -7.59
N PRO K 162 11.30 24.20 -8.21
CA PRO K 162 11.01 24.00 -9.63
C PRO K 162 9.52 24.19 -9.93
N PRO K 163 9.21 24.63 -11.16
CA PRO K 163 7.82 24.79 -11.58
C PRO K 163 7.09 23.45 -11.58
N LEU K 164 5.81 23.47 -11.22
CA LEU K 164 4.96 22.30 -11.33
C LEU K 164 3.73 22.70 -12.14
N LEU K 165 3.51 22.02 -13.26
CA LEU K 165 2.43 22.40 -14.16
C LEU K 165 1.06 22.00 -13.62
N LYS K 166 0.06 22.81 -13.97
CA LYS K 166 -1.31 22.54 -13.58
C LYS K 166 -2.11 22.05 -14.79
N ASP K 167 -2.97 21.07 -14.56
CA ASP K 167 -3.84 20.53 -15.62
C ASP K 167 -3.10 20.21 -16.91
N SER K 168 -1.93 19.60 -16.78
CA SER K 168 -1.17 19.16 -17.95
C SER K 168 -1.98 18.19 -18.80
N VAL K 169 -1.90 18.37 -20.11
CA VAL K 169 -2.53 17.44 -21.05
C VAL K 169 -1.97 16.03 -20.83
N ALA K 170 -0.77 15.94 -20.29
CA ALA K 170 -0.13 14.66 -20.00
C ALA K 170 -0.69 13.98 -18.74
N ALA K 171 -1.31 14.77 -17.86
CA ALA K 171 -1.76 14.26 -16.57
C ALA K 171 -2.54 12.93 -16.59
N PRO K 172 -3.59 12.83 -17.41
CA PRO K 172 -4.42 11.63 -17.43
C PRO K 172 -3.67 10.37 -17.87
N LEU K 173 -2.54 10.55 -18.54
CA LEU K 173 -1.75 9.42 -19.00
C LEU K 173 -0.75 9.00 -17.94
N LEU K 174 -0.68 9.77 -16.85
CA LEU K 174 0.35 9.56 -15.85
C LEU K 174 -0.22 9.40 -14.43
N SER K 175 -1.46 8.93 -14.32
CA SER K 175 -2.11 8.85 -13.02
C SER K 175 -1.41 7.88 -12.06
N ALA K 176 -0.44 7.13 -12.56
CA ALA K 176 0.26 6.14 -11.73
C ALA K 176 1.50 6.70 -11.05
N TYR K 177 1.89 7.92 -11.44
CA TYR K 177 3.07 8.54 -10.88
C TYR K 177 2.68 9.64 -9.90
N TYR K 178 3.58 9.94 -8.96
CA TYR K 178 3.41 11.13 -8.14
C TYR K 178 3.59 12.34 -9.04
N PRO K 179 2.53 13.14 -9.17
CA PRO K 179 2.52 14.32 -10.06
C PRO K 179 3.78 15.17 -9.94
N ASP K 180 4.27 15.39 -8.72
CA ASP K 180 5.44 16.24 -8.53
C ASP K 180 6.76 15.56 -8.90
N CYS K 181 6.68 14.28 -9.26
CA CYS K 181 7.86 13.56 -9.73
C CYS K 181 7.95 13.62 -11.26
N VAL K 182 6.87 14.08 -11.89
CA VAL K 182 6.86 14.26 -13.33
C VAL K 182 6.56 15.70 -13.72
N GLY K 183 6.81 16.63 -12.81
CA GLY K 183 6.70 18.05 -13.08
C GLY K 183 5.29 18.63 -13.02
N MET K 184 4.40 17.92 -12.34
CA MET K 184 3.02 18.38 -12.24
C MET K 184 2.66 18.63 -10.77
N SER K 185 1.61 19.39 -10.54
CA SER K 185 1.22 19.76 -9.17
C SER K 185 0.23 18.78 -8.54
N PRO K 186 0.60 18.21 -7.39
CA PRO K 186 -0.21 17.30 -6.58
C PRO K 186 -1.60 17.83 -6.25
N SER K 187 -1.81 19.14 -6.33
CA SER K 187 -3.09 19.72 -5.92
C SER K 187 -4.08 19.93 -7.06
N CYS K 188 -3.90 19.20 -8.16
CA CYS K 188 -4.79 19.33 -9.31
C CYS K 188 -5.88 18.27 -9.35
N THR K 189 -6.50 18.12 -10.53
CA THR K 189 -7.57 17.16 -10.77
C THR K 189 -8.62 17.18 -9.66
N GLY K 218 -10.31 10.12 -25.47
CA GLY K 218 -10.47 9.19 -26.57
C GLY K 218 -9.25 9.17 -27.47
N MET K 219 -8.10 8.74 -26.92
CA MET K 219 -6.86 8.69 -27.68
C MET K 219 -6.71 7.32 -28.36
N ASN K 220 -6.12 7.30 -29.54
CA ASN K 220 -5.83 6.03 -30.21
C ASN K 220 -5.18 5.07 -29.21
N ARG K 221 -5.76 3.89 -29.07
CA ARG K 221 -5.29 2.92 -28.08
C ARG K 221 -3.83 2.52 -28.30
N TYR K 222 -3.32 2.80 -29.50
CA TYR K 222 -1.94 2.46 -29.85
C TYR K 222 -0.93 3.51 -29.39
N PHE K 223 -1.40 4.67 -28.96
CA PHE K 223 -0.50 5.71 -28.47
C PHE K 223 -0.23 5.54 -26.98
N GLN K 224 0.91 4.97 -26.65
CA GLN K 224 1.32 4.78 -25.26
C GLN K 224 2.76 5.24 -25.06
N PRO K 225 2.98 6.56 -25.17
CA PRO K 225 4.30 7.19 -25.19
C PRO K 225 5.06 7.07 -23.88
N PHE K 226 4.35 6.92 -22.76
CA PHE K 226 5.00 6.88 -21.45
C PHE K 226 5.01 5.48 -20.85
N TYR K 227 6.18 5.03 -20.40
CA TYR K 227 6.27 3.81 -19.61
C TYR K 227 5.41 3.92 -18.37
N GLN K 228 4.66 2.87 -18.06
CA GLN K 228 3.94 2.79 -16.81
C GLN K 228 4.82 2.11 -15.77
N PRO K 229 4.63 2.47 -14.50
CA PRO K 229 5.44 1.87 -13.43
C PRO K 229 5.40 0.33 -13.49
N ASN K 230 6.57 -0.28 -13.38
CA ASN K 230 6.68 -1.74 -13.34
C ASN K 230 6.30 -2.44 -14.64
N GLU K 231 6.57 -1.76 -15.76
CA GLU K 231 6.26 -2.31 -17.07
C GLU K 231 7.47 -3.00 -17.68
N CYS K 232 7.22 -4.07 -18.41
CA CYS K 232 8.25 -4.67 -19.24
C CYS K 232 8.57 -3.68 -20.36
N GLY K 233 9.76 -3.79 -20.93
CA GLY K 233 10.14 -2.88 -22.00
C GLY K 233 9.18 -2.95 -23.16
N LYS K 234 8.96 -1.81 -23.80
CA LYS K 234 8.30 -1.80 -25.11
C LYS K 234 8.82 -0.64 -25.96
N ALA K 235 8.76 -0.81 -27.28
CA ALA K 235 9.44 0.09 -28.20
C ALA K 235 8.90 1.51 -28.16
N LEU K 236 9.80 2.49 -28.31
CA LEU K 236 9.45 3.90 -28.43
C LEU K 236 8.68 4.46 -27.23
N CYS K 237 9.08 4.02 -26.04
CA CYS K 237 8.53 4.53 -24.80
C CYS K 237 9.56 5.41 -24.10
N VAL K 238 9.11 6.44 -23.41
CA VAL K 238 10.00 7.24 -22.57
C VAL K 238 9.56 7.22 -21.12
N ARG K 239 10.52 7.34 -20.21
CA ARG K 239 10.18 7.50 -18.81
C ARG K 239 9.77 8.94 -18.54
N PRO K 240 8.60 9.13 -17.92
CA PRO K 240 8.06 10.46 -17.62
C PRO K 240 8.92 11.17 -16.57
N ASP K 241 9.64 10.39 -15.77
CA ASP K 241 10.36 10.92 -14.62
C ASP K 241 11.87 10.92 -14.78
N VAL K 242 12.35 10.50 -15.95
CA VAL K 242 13.79 10.45 -16.20
C VAL K 242 14.13 10.96 -17.61
N MET K 243 15.20 11.73 -17.73
CA MET K 243 15.64 12.19 -19.03
C MET K 243 16.41 11.10 -19.77
N GLU K 244 16.17 10.98 -21.08
CA GLU K 244 16.88 10.02 -21.90
C GLU K 244 18.29 10.52 -22.16
N LEU K 245 19.17 9.62 -22.61
CA LEU K 245 20.58 9.96 -22.78
C LEU K 245 20.77 11.13 -23.74
N ASP K 246 20.09 11.11 -24.87
CA ASP K 246 20.22 12.19 -25.86
C ASP K 246 19.68 13.51 -25.30
N GLU K 247 18.72 13.41 -24.39
CA GLU K 247 18.15 14.59 -23.76
C GLU K 247 19.15 15.27 -22.81
N LEU K 248 19.81 14.47 -21.98
CA LEU K 248 20.86 15.00 -21.10
C LEU K 248 21.98 15.60 -21.94
N TYR K 249 22.23 15.01 -23.10
CA TYR K 249 23.29 15.47 -23.99
C TYR K 249 22.98 16.87 -24.51
N GLU K 250 21.73 17.08 -24.90
CA GLU K 250 21.30 18.34 -25.47
C GLU K 250 21.04 19.40 -24.41
N PHE K 251 20.56 18.96 -23.25
CA PHE K 251 20.20 19.87 -22.17
C PHE K 251 20.85 19.49 -20.83
N PRO K 252 22.19 19.63 -20.76
CA PRO K 252 22.97 19.28 -19.58
C PRO K 252 22.54 20.08 -18.35
N GLU K 253 22.06 21.30 -18.58
CA GLU K 253 21.66 22.18 -17.48
C GLU K 253 20.52 21.61 -16.64
N TYR K 254 19.97 20.46 -17.05
CA TYR K 254 18.86 19.86 -16.31
C TYR K 254 19.25 18.57 -15.58
N SER K 255 20.52 18.20 -15.64
CA SER K 255 20.97 16.98 -14.98
C SER K 255 20.77 17.03 -13.46
N ARG K 256 20.96 18.20 -12.89
CA ARG K 256 20.78 18.43 -11.46
C ARG K 256 19.29 18.36 -11.10
N ASP K 257 18.47 19.08 -11.84
CA ASP K 257 17.03 19.08 -11.61
C ASP K 257 16.25 19.09 -12.93
N PRO K 258 15.76 17.92 -13.35
CA PRO K 258 15.07 17.75 -14.64
C PRO K 258 13.58 18.08 -14.59
N THR K 259 13.11 18.54 -13.43
CA THR K 259 11.68 18.78 -13.23
C THR K 259 11.05 19.59 -14.37
N MET K 260 11.58 20.78 -14.62
CA MET K 260 10.98 21.66 -15.63
C MET K 260 10.99 21.03 -17.02
N TYR K 261 12.09 20.40 -17.37
CA TYR K 261 12.20 19.76 -18.68
C TYR K 261 11.16 18.66 -18.87
N LEU K 262 11.09 17.74 -17.91
CA LEU K 262 10.16 16.62 -17.97
C LEU K 262 8.72 17.08 -18.14
N ALA K 263 8.33 18.12 -17.40
CA ALA K 263 6.98 18.65 -17.49
C ALA K 263 6.68 19.14 -18.90
N LEU K 264 7.65 19.84 -19.48
CA LEU K 264 7.48 20.42 -20.81
C LEU K 264 7.55 19.35 -21.90
N ARG K 265 8.50 18.43 -21.77
CA ARG K 265 8.59 17.32 -22.70
C ARG K 265 7.34 16.47 -22.64
N ASN K 266 6.90 16.10 -21.44
CA ASN K 266 5.69 15.29 -21.32
C ASN K 266 4.47 15.99 -21.91
N LEU K 267 4.34 17.28 -21.64
CA LEU K 267 3.24 18.06 -22.18
C LEU K 267 3.27 18.03 -23.70
N ILE K 268 4.47 18.24 -24.26
CA ILE K 268 4.64 18.28 -25.71
C ILE K 268 4.22 16.96 -26.39
N LEU K 269 4.67 15.83 -25.84
CA LEU K 269 4.27 14.53 -26.35
C LEU K 269 2.77 14.29 -26.24
N ALA K 270 2.20 14.66 -25.09
CA ALA K 270 0.76 14.50 -24.89
C ALA K 270 -0.01 15.29 -25.94
N LEU K 271 0.43 16.51 -26.19
CA LEU K 271 -0.22 17.37 -27.19
C LEU K 271 -0.10 16.81 -28.60
N TRP K 272 1.08 16.29 -28.94
CA TRP K 272 1.29 15.69 -30.25
C TRP K 272 0.35 14.52 -30.46
N TYR K 273 0.27 13.63 -29.47
CA TYR K 273 -0.54 12.43 -29.60
C TYR K 273 -2.02 12.71 -29.49
N THR K 274 -2.36 13.83 -28.87
CA THR K 274 -3.73 14.29 -28.77
C THR K 274 -4.23 14.74 -30.14
N ASN K 275 -3.34 15.36 -30.91
CA ASN K 275 -3.66 15.74 -32.28
C ASN K 275 -2.46 15.63 -33.21
N CYS K 276 -2.31 14.47 -33.85
CA CYS K 276 -1.13 14.20 -34.65
C CYS K 276 -1.31 14.64 -36.11
N LYS K 277 -2.42 15.31 -36.41
CA LYS K 277 -2.70 15.72 -37.78
C LYS K 277 -2.25 17.14 -38.11
N GLU K 278 -1.74 17.86 -37.10
CA GLU K 278 -1.24 19.21 -37.28
C GLU K 278 0.16 19.34 -36.71
N ALA K 279 0.95 20.24 -37.29
CA ALA K 279 2.24 20.56 -36.70
C ALA K 279 2.00 21.15 -35.31
N LEU K 280 2.73 20.64 -34.32
CA LEU K 280 2.66 21.20 -32.98
C LEU K 280 3.66 22.36 -32.87
N THR K 281 3.14 23.55 -32.61
CA THR K 281 3.97 24.76 -32.53
C THR K 281 4.02 25.33 -31.12
N PRO K 282 4.93 26.27 -30.87
CA PRO K 282 5.04 26.85 -29.53
C PRO K 282 3.75 27.58 -29.17
N GLN K 283 3.21 28.29 -30.12
CA GLN K 283 1.91 28.93 -29.99
C GLN K 283 0.82 28.00 -29.49
N LYS K 284 0.82 26.74 -29.90
CA LYS K 284 -0.19 25.81 -29.47
C LYS K 284 0.13 25.30 -28.11
N CYS K 285 1.41 25.25 -27.78
CA CYS K 285 1.77 24.70 -26.48
C CYS K 285 1.56 25.70 -25.35
N ILE K 286 1.95 26.94 -25.60
CA ILE K 286 1.99 27.96 -24.56
C ILE K 286 0.71 28.05 -23.71
N PRO K 287 -0.46 28.09 -24.37
CA PRO K 287 -1.71 28.19 -23.60
C PRO K 287 -1.90 27.03 -22.63
N HIS K 288 -1.24 25.91 -22.90
CA HIS K 288 -1.39 24.72 -22.06
C HIS K 288 -0.33 24.64 -20.98
N ILE K 289 0.52 25.65 -20.91
CA ILE K 289 1.49 25.77 -19.82
C ILE K 289 0.89 26.66 -18.72
N ILE K 290 0.37 26.02 -17.68
CA ILE K 290 -0.26 26.76 -16.59
C ILE K 290 0.49 26.55 -15.27
N VAL K 291 1.16 27.61 -14.84
CA VAL K 291 1.87 27.61 -13.56
C VAL K 291 1.99 29.05 -13.08
N ARG K 292 1.92 29.26 -11.78
CA ARG K 292 1.98 30.60 -11.20
C ARG K 292 3.40 31.16 -11.19
N GLY K 293 3.49 32.48 -11.19
CA GLY K 293 4.77 33.13 -11.00
C GLY K 293 5.52 33.47 -12.26
N LEU K 294 6.60 34.23 -12.09
CA LEU K 294 7.46 34.61 -13.20
C LEU K 294 8.06 33.39 -13.87
N VAL K 295 8.12 32.28 -13.13
CA VAL K 295 8.70 31.07 -13.68
C VAL K 295 7.97 30.64 -14.95
N ARG K 296 6.68 30.97 -15.04
CA ARG K 296 5.92 30.62 -16.24
C ARG K 296 6.54 31.22 -17.48
N ILE K 297 7.16 32.39 -17.33
CA ILE K 297 7.89 33.04 -18.41
C ILE K 297 9.09 32.19 -18.82
N ARG K 298 9.82 31.67 -17.84
CA ARG K 298 10.96 30.82 -18.13
C ARG K 298 10.51 29.51 -18.79
N CYS K 299 9.40 28.94 -18.32
CA CYS K 299 8.81 27.75 -18.95
C CYS K 299 8.46 28.02 -20.43
N VAL K 300 7.80 29.14 -20.69
CA VAL K 300 7.41 29.50 -22.07
C VAL K 300 8.64 29.69 -22.96
N GLN K 301 9.72 30.21 -22.38
CA GLN K 301 10.94 30.44 -23.13
C GLN K 301 11.66 29.13 -23.47
N GLU K 302 11.47 28.10 -22.64
CA GLU K 302 12.12 26.80 -22.83
C GLU K 302 11.38 25.89 -23.80
N VAL K 303 10.06 26.04 -23.86
CA VAL K 303 9.21 25.14 -24.65
C VAL K 303 9.64 25.08 -26.12
N GLU K 304 10.11 26.21 -26.64
CA GLU K 304 10.51 26.30 -28.03
C GLU K 304 11.77 25.47 -28.30
N ARG K 305 12.73 25.55 -27.39
CA ARG K 305 13.96 24.78 -27.49
C ARG K 305 13.66 23.28 -27.51
N ILE K 306 12.83 22.85 -26.57
CA ILE K 306 12.47 21.44 -26.42
C ILE K 306 11.63 20.95 -27.60
N LEU K 307 10.78 21.82 -28.11
CA LEU K 307 9.92 21.48 -29.24
C LEU K 307 10.78 21.13 -30.47
N TYR K 308 11.76 21.98 -30.76
CA TYR K 308 12.62 21.79 -31.91
C TYR K 308 13.52 20.56 -31.80
N PHE K 309 13.95 20.26 -30.58
CA PHE K 309 14.72 19.06 -30.31
C PHE K 309 13.86 17.83 -30.55
N MET K 310 12.64 17.85 -30.02
CA MET K 310 11.70 16.75 -30.21
C MET K 310 11.39 16.54 -31.69
N THR K 311 11.23 17.64 -32.42
CA THR K 311 10.94 17.58 -33.85
C THR K 311 12.11 16.99 -34.62
N ARG K 312 13.31 17.51 -34.37
CA ARG K 312 14.50 17.03 -35.07
C ARG K 312 14.70 15.53 -34.88
N LYS K 313 14.49 15.07 -33.66
CA LYS K 313 14.70 13.66 -33.30
C LYS K 313 13.60 12.74 -33.84
N GLY K 314 12.47 13.33 -34.24
CA GLY K 314 11.40 12.56 -34.85
C GLY K 314 10.37 12.00 -33.89
N LEU K 315 10.26 12.62 -32.71
CA LEU K 315 9.28 12.22 -31.71
C LEU K 315 7.90 12.82 -31.93
N ILE K 316 7.88 14.00 -32.55
CA ILE K 316 6.62 14.71 -32.82
C ILE K 316 6.75 15.34 -34.20
N ASN K 317 5.65 15.89 -34.70
CA ASN K 317 5.65 16.57 -35.98
C ASN K 317 6.28 15.71 -37.07
N THR K 318 5.79 14.49 -37.17
CA THR K 318 6.43 13.49 -38.02
C THR K 318 5.36 12.61 -38.67
N GLY K 319 5.75 11.45 -39.17
CA GLY K 319 4.81 10.61 -39.90
C GLY K 319 4.51 11.23 -41.25
N VAL K 320 3.26 11.15 -41.69
CA VAL K 320 2.87 11.69 -43.00
C VAL K 320 2.45 13.15 -42.95
N LEU K 321 2.61 13.78 -41.79
CA LEU K 321 2.38 15.21 -41.66
C LEU K 321 3.17 15.92 -42.75
N SER K 322 2.51 16.82 -43.47
CA SER K 322 3.16 17.57 -44.52
C SER K 322 3.17 19.05 -44.18
N VAL K 323 4.29 19.70 -44.48
CA VAL K 323 4.46 21.10 -44.14
C VAL K 323 5.17 21.78 -45.31
N GLY K 324 4.68 22.97 -45.68
CA GLY K 324 5.18 23.63 -46.87
C GLY K 324 5.92 24.93 -46.62
N ALA K 325 6.32 25.59 -47.70
CA ALA K 325 7.04 26.85 -47.62
C ALA K 325 6.40 27.78 -46.58
N ASP K 326 7.22 28.30 -45.69
CA ASP K 326 6.74 29.14 -44.59
C ASP K 326 5.95 28.35 -43.56
N GLN K 327 6.22 27.05 -43.49
CA GLN K 327 5.65 26.19 -42.45
C GLN K 327 6.72 25.23 -41.93
N TYR K 328 7.96 25.45 -42.36
CA TYR K 328 9.06 24.55 -42.00
C TYR K 328 9.18 24.34 -40.49
N LEU K 329 9.47 23.10 -40.09
CA LEU K 329 9.38 22.67 -38.69
C LEU K 329 10.60 23.01 -37.86
N LEU K 330 11.68 23.44 -38.52
CA LEU K 330 12.89 23.85 -37.80
C LEU K 330 13.34 25.24 -38.23
N PRO K 331 13.87 26.03 -37.28
CA PRO K 331 14.32 27.40 -37.54
C PRO K 331 15.19 27.51 -38.78
N LYS K 332 15.25 28.70 -39.37
CA LYS K 332 16.05 28.95 -40.57
C LYS K 332 17.52 28.55 -40.39
N ASP K 333 17.92 28.32 -39.14
CA ASP K 333 19.31 28.01 -38.82
C ASP K 333 19.73 26.65 -39.35
N TYR K 334 18.76 25.75 -39.56
CA TYR K 334 19.06 24.41 -40.05
C TYR K 334 18.97 24.30 -41.57
N HIS K 335 18.43 25.34 -42.22
CA HIS K 335 18.01 25.23 -43.60
C HIS K 335 19.14 25.17 -44.65
N ASN K 336 20.19 25.96 -44.43
CA ASN K 336 21.34 26.00 -45.33
C ASN K 336 22.13 24.68 -45.31
N LYS K 337 21.86 23.83 -46.30
CA LYS K 337 22.52 22.54 -46.42
C LYS K 337 21.80 21.82 -47.55
N SER K 338 22.38 20.74 -48.04
CA SER K 338 21.70 19.94 -49.08
C SER K 338 22.03 18.48 -49.02
N VAL K 339 21.11 17.68 -49.51
CA VAL K 339 21.22 16.29 -49.33
C VAL K 339 20.72 15.50 -50.57
N ILE K 340 21.43 14.44 -50.91
CA ILE K 340 20.97 13.48 -51.90
C ILE K 340 20.61 12.19 -51.19
N ILE K 341 19.37 11.78 -51.41
CA ILE K 341 18.93 10.51 -50.85
C ILE K 341 18.84 9.46 -51.94
N ILE K 342 19.49 8.33 -51.73
CA ILE K 342 19.53 7.26 -52.70
C ILE K 342 18.59 6.16 -52.27
N GLY K 343 17.56 5.94 -53.07
CA GLY K 343 16.54 4.95 -52.78
C GLY K 343 15.26 5.61 -52.27
N ALA K 344 14.13 5.21 -52.84
CA ALA K 344 12.83 5.74 -52.45
C ALA K 344 11.91 4.65 -51.89
N GLY K 345 12.45 3.82 -51.00
CA GLY K 345 11.63 2.91 -50.22
C GLY K 345 11.29 3.61 -48.92
N PRO K 346 10.78 2.87 -47.94
CA PRO K 346 10.37 3.44 -46.65
C PRO K 346 11.48 4.26 -45.97
N ALA K 347 12.72 3.79 -46.05
CA ALA K 347 13.83 4.49 -45.39
C ALA K 347 14.18 5.82 -46.08
N GLY K 348 14.34 5.79 -47.39
CA GLY K 348 14.67 6.98 -48.14
C GLY K 348 13.58 8.03 -48.05
N LEU K 349 12.34 7.57 -48.16
CA LEU K 349 11.19 8.47 -48.10
C LEU K 349 10.96 9.02 -46.69
N ALA K 350 11.26 8.24 -45.67
CA ALA K 350 11.18 8.74 -44.31
C ALA K 350 12.14 9.91 -44.10
N ALA K 351 13.40 9.72 -44.49
CA ALA K 351 14.42 10.74 -44.31
C ALA K 351 14.10 11.96 -45.16
N ALA K 352 13.64 11.73 -46.39
CA ALA K 352 13.30 12.82 -47.28
C ALA K 352 12.14 13.65 -46.74
N ARG K 353 11.11 12.96 -46.24
CA ARG K 353 9.95 13.63 -45.66
C ARG K 353 10.39 14.47 -44.48
N GLN K 354 11.17 13.87 -43.59
CA GLN K 354 11.68 14.58 -42.42
C GLN K 354 12.50 15.81 -42.81
N LEU K 355 13.53 15.60 -43.62
CA LEU K 355 14.40 16.69 -44.01
C LEU K 355 13.65 17.81 -44.72
N HIS K 356 12.74 17.44 -45.61
CA HIS K 356 11.95 18.42 -46.35
C HIS K 356 11.14 19.27 -45.39
N ASN K 357 10.39 18.61 -44.51
CA ASN K 357 9.60 19.31 -43.50
C ASN K 357 10.47 20.22 -42.62
N PHE K 358 11.74 19.86 -42.47
CA PHE K 358 12.67 20.64 -41.67
C PHE K 358 13.07 21.94 -42.35
N GLY K 359 12.93 21.95 -43.68
CA GLY K 359 13.33 23.10 -44.48
C GLY K 359 14.65 22.86 -45.18
N ILE K 360 15.09 21.60 -45.18
CA ILE K 360 16.36 21.25 -45.80
C ILE K 360 16.18 20.80 -47.25
N LYS K 361 17.12 21.21 -48.11
CA LYS K 361 17.03 20.93 -49.54
C LYS K 361 17.37 19.46 -49.82
N VAL K 362 16.41 18.74 -50.40
CA VAL K 362 16.56 17.30 -50.59
C VAL K 362 16.19 16.83 -51.99
N THR K 363 17.04 15.97 -52.56
CA THR K 363 16.73 15.31 -53.82
C THR K 363 16.84 13.79 -53.65
N VAL K 364 15.83 13.07 -54.12
CA VAL K 364 15.82 11.61 -53.99
C VAL K 364 16.08 10.95 -55.34
N LEU K 365 17.09 10.09 -55.38
CA LEU K 365 17.37 9.34 -56.61
C LEU K 365 16.95 7.88 -56.46
N GLU K 366 16.00 7.45 -57.30
CA GLU K 366 15.49 6.08 -57.26
C GLU K 366 15.83 5.32 -58.56
N ALA K 367 16.32 4.10 -58.41
CA ALA K 367 16.75 3.31 -59.55
C ALA K 367 15.60 2.87 -60.46
N LYS K 368 14.48 2.50 -59.85
CA LYS K 368 13.36 1.89 -60.58
C LYS K 368 12.42 2.93 -61.18
N ASP K 369 11.42 2.46 -61.91
CA ASP K 369 10.42 3.36 -62.49
C ASP K 369 9.25 3.63 -61.52
N ARG K 370 9.47 3.32 -60.25
CA ARG K 370 8.44 3.50 -59.22
C ARG K 370 9.08 3.65 -57.85
N ILE K 371 8.40 4.35 -56.96
CA ILE K 371 8.85 4.46 -55.58
C ILE K 371 8.28 3.28 -54.79
N GLY K 372 8.75 3.11 -53.56
CA GLY K 372 8.18 2.10 -52.69
C GLY K 372 9.14 1.00 -52.26
N GLY K 373 10.02 0.61 -53.17
CA GLY K 373 10.95 -0.47 -52.91
C GLY K 373 10.24 -1.78 -52.62
N ARG K 374 10.47 -2.33 -51.43
CA ARG K 374 9.84 -3.60 -51.06
C ARG K 374 8.39 -3.43 -50.64
N VAL K 375 7.91 -2.19 -50.69
CA VAL K 375 6.48 -1.92 -50.64
C VAL K 375 5.98 -1.80 -52.07
N TRP K 376 5.10 -2.72 -52.47
CA TRP K 376 4.56 -2.72 -53.82
C TRP K 376 3.21 -3.43 -53.81
N ASP K 377 2.13 -2.66 -53.94
CA ASP K 377 0.78 -3.20 -53.81
C ASP K 377 0.07 -3.41 -55.13
N ASP K 378 -0.67 -4.52 -55.21
CA ASP K 378 -1.48 -4.81 -56.37
C ASP K 378 -2.90 -4.41 -56.05
N LYS K 379 -3.42 -3.41 -56.78
CA LYS K 379 -4.75 -2.89 -56.52
C LYS K 379 -5.76 -3.38 -57.55
N SER K 380 -5.35 -4.37 -58.34
CA SER K 380 -6.18 -4.85 -59.44
C SER K 380 -7.15 -5.94 -59.01
N PHE K 381 -6.94 -6.52 -57.82
CA PHE K 381 -7.84 -7.54 -57.31
C PHE K 381 -9.17 -6.92 -56.90
N LYS K 382 -10.24 -7.69 -57.11
CA LYS K 382 -11.60 -7.22 -56.86
C LYS K 382 -11.86 -6.86 -55.40
N GLY K 383 -11.99 -5.57 -55.12
CA GLY K 383 -12.40 -5.09 -53.81
C GLY K 383 -11.36 -5.22 -52.69
N VAL K 384 -10.13 -5.51 -53.06
CA VAL K 384 -9.09 -5.78 -52.08
C VAL K 384 -7.73 -5.31 -52.57
N THR K 385 -6.86 -4.90 -51.65
CA THR K 385 -5.48 -4.54 -51.99
C THR K 385 -4.54 -5.63 -51.49
N VAL K 386 -3.72 -6.16 -52.38
CA VAL K 386 -2.80 -7.23 -52.02
C VAL K 386 -1.35 -6.81 -52.22
N GLY K 387 -0.59 -6.81 -51.13
CA GLY K 387 0.83 -6.50 -51.21
C GLY K 387 1.63 -7.59 -51.87
N ARG K 388 2.47 -7.21 -52.84
CA ARG K 388 3.43 -8.14 -53.40
C ARG K 388 4.61 -8.19 -52.45
N GLY K 389 4.76 -7.10 -51.68
CA GLY K 389 5.79 -7.02 -50.66
C GLY K 389 5.17 -6.96 -49.28
N ALA K 390 5.61 -6.00 -48.48
CA ALA K 390 5.14 -5.87 -47.11
C ALA K 390 3.65 -5.54 -47.05
N GLN K 391 2.96 -6.06 -46.03
CA GLN K 391 1.58 -5.68 -45.77
C GLN K 391 1.17 -5.88 -44.32
N ILE K 392 2.03 -6.48 -43.52
CA ILE K 392 1.71 -6.73 -42.12
C ILE K 392 2.41 -5.72 -41.20
N VAL K 393 1.75 -5.33 -40.12
CA VAL K 393 2.34 -4.45 -39.12
C VAL K 393 2.57 -5.24 -37.83
N ASN K 394 3.83 -5.44 -37.47
CA ASN K 394 4.18 -6.28 -36.34
C ASN K 394 4.32 -5.49 -35.05
N GLY K 395 3.23 -5.37 -34.30
CA GLY K 395 3.24 -4.65 -33.04
C GLY K 395 2.89 -3.19 -33.22
N CYS K 396 1.62 -2.86 -33.06
CA CYS K 396 1.10 -1.53 -33.39
C CYS K 396 1.32 -0.47 -32.32
N ILE K 397 1.50 -0.90 -31.07
CA ILE K 397 1.67 0.04 -29.98
C ILE K 397 2.92 0.91 -30.16
N ASN K 398 2.71 2.22 -30.23
CA ASN K 398 3.78 3.19 -30.46
C ASN K 398 4.46 3.04 -31.82
N ASN K 399 3.90 2.19 -32.68
CA ASN K 399 4.45 2.01 -34.01
C ASN K 399 4.19 3.22 -34.88
N PRO K 400 5.23 3.75 -35.52
CA PRO K 400 5.09 4.85 -36.50
C PRO K 400 3.99 4.57 -37.51
N VAL K 401 3.84 3.31 -37.90
CA VAL K 401 2.82 2.94 -38.89
C VAL K 401 1.41 3.17 -38.33
N ALA K 402 1.22 2.85 -37.05
CA ALA K 402 -0.06 3.09 -36.41
C ALA K 402 -0.36 4.58 -36.33
N LEU K 403 0.67 5.38 -36.06
CA LEU K 403 0.52 6.83 -36.06
C LEU K 403 0.08 7.30 -37.43
N MET K 404 0.75 6.81 -38.46
CA MET K 404 0.46 7.27 -39.81
C MET K 404 -0.92 6.84 -40.29
N CYS K 405 -1.40 5.69 -39.82
CA CYS K 405 -2.77 5.28 -40.11
C CYS K 405 -3.78 6.24 -39.47
N GLU K 406 -3.48 6.64 -38.25
CA GLU K 406 -4.28 7.64 -37.55
C GLU K 406 -4.35 8.92 -38.35
N GLN K 407 -3.21 9.41 -38.80
CA GLN K 407 -3.12 10.65 -39.56
C GLN K 407 -3.92 10.56 -40.85
N LEU K 408 -4.00 9.35 -41.40
CA LEU K 408 -4.66 9.13 -42.69
C LEU K 408 -6.12 8.71 -42.56
N GLY K 409 -6.54 8.38 -41.33
CA GLY K 409 -7.88 7.91 -41.10
C GLY K 409 -8.06 6.51 -41.66
N ILE K 410 -7.02 5.69 -41.52
CA ILE K 410 -7.01 4.33 -42.01
C ILE K 410 -7.21 3.35 -40.86
N SER K 411 -7.99 2.30 -41.12
CA SER K 411 -8.22 1.27 -40.12
C SER K 411 -7.42 0.02 -40.50
N MET K 412 -6.81 -0.61 -39.50
CA MET K 412 -6.10 -1.86 -39.73
C MET K 412 -6.92 -3.03 -39.21
N HIS K 413 -6.65 -4.22 -39.72
CA HIS K 413 -7.31 -5.41 -39.20
C HIS K 413 -6.40 -6.19 -38.27
N LYS K 414 -6.83 -6.36 -37.03
CA LYS K 414 -6.06 -7.13 -36.05
C LYS K 414 -6.25 -8.63 -36.26
N PHE K 415 -5.14 -9.35 -36.44
CA PHE K 415 -5.21 -10.80 -36.64
C PHE K 415 -5.75 -11.50 -35.39
N GLY K 416 -6.59 -12.51 -35.61
CA GLY K 416 -6.98 -13.40 -34.54
C GLY K 416 -5.84 -14.38 -34.30
N GLU K 417 -5.97 -15.20 -33.25
CA GLU K 417 -4.89 -16.11 -32.88
C GLU K 417 -4.94 -17.45 -33.62
N ARG K 418 -6.13 -17.89 -33.97
CA ARG K 418 -6.29 -19.24 -34.47
C ARG K 418 -5.59 -19.46 -35.79
N CYS K 419 -4.85 -20.54 -35.84
CA CYS K 419 -4.23 -20.98 -37.09
C CYS K 419 -4.10 -22.49 -37.07
N ASP K 420 -5.14 -23.18 -37.51
CA ASP K 420 -5.15 -24.64 -37.56
C ASP K 420 -4.03 -25.17 -38.45
N LEU K 421 -3.45 -26.29 -38.05
CA LEU K 421 -2.44 -26.96 -38.86
C LEU K 421 -3.07 -28.08 -39.71
N ILE K 422 -3.35 -27.79 -40.94
CA ILE K 422 -4.08 -28.72 -41.81
C ILE K 422 -3.13 -29.61 -42.61
N GLN K 423 -3.37 -30.91 -42.57
CA GLN K 423 -2.54 -31.88 -43.27
C GLN K 423 -3.02 -32.11 -44.70
N GLU K 424 -2.09 -32.47 -45.57
CA GLU K 424 -2.44 -33.11 -46.82
C GLU K 424 -2.83 -34.53 -46.44
N GLY K 425 -4.07 -34.93 -46.72
CA GLY K 425 -5.03 -34.08 -47.39
C GLY K 425 -6.35 -34.04 -46.64
N GLY K 426 -6.60 -32.93 -45.96
CA GLY K 426 -7.88 -32.70 -45.33
C GLY K 426 -7.86 -32.59 -43.81
N ARG K 427 -7.10 -33.44 -43.16
CA ARG K 427 -7.17 -33.58 -41.70
C ARG K 427 -6.61 -32.39 -40.93
N ILE K 428 -7.44 -31.82 -40.05
CA ILE K 428 -6.99 -30.80 -39.13
C ILE K 428 -6.25 -31.48 -37.98
N THR K 429 -5.07 -30.98 -37.65
CA THR K 429 -4.23 -31.63 -36.65
C THR K 429 -4.85 -31.67 -35.25
N ASP K 430 -4.85 -32.85 -34.66
CA ASP K 430 -5.32 -33.06 -33.30
C ASP K 430 -4.74 -32.02 -32.35
N PRO K 431 -5.60 -31.36 -31.56
CA PRO K 431 -5.20 -30.33 -30.60
C PRO K 431 -4.11 -30.78 -29.64
N THR K 432 -4.10 -32.06 -29.26
CA THR K 432 -3.09 -32.55 -28.31
C THR K 432 -1.75 -32.76 -29.00
N ILE K 433 -1.78 -33.25 -30.23
CA ILE K 433 -0.58 -33.39 -31.05
C ILE K 433 -0.01 -32.00 -31.30
N ASP K 434 -0.90 -31.06 -31.58
CA ASP K 434 -0.53 -29.67 -31.82
C ASP K 434 0.22 -29.10 -30.63
N LYS K 435 -0.37 -29.25 -29.44
CA LYS K 435 0.22 -28.72 -28.22
C LYS K 435 1.53 -29.43 -27.86
N ARG K 436 1.57 -30.73 -28.09
CA ARG K 436 2.74 -31.54 -27.74
C ARG K 436 3.97 -31.11 -28.53
N MET K 437 3.79 -30.84 -29.81
CA MET K 437 4.92 -30.51 -30.69
C MET K 437 5.31 -29.04 -30.58
N ASP K 438 4.34 -28.17 -30.32
CA ASP K 438 4.65 -26.77 -30.04
C ASP K 438 5.57 -26.69 -28.84
N PHE K 439 5.22 -27.43 -27.80
CA PHE K 439 6.00 -27.47 -26.57
C PHE K 439 7.43 -27.96 -26.85
N HIS K 440 7.55 -29.06 -27.59
CA HIS K 440 8.87 -29.59 -27.92
C HIS K 440 9.68 -28.64 -28.80
N PHE K 441 9.03 -28.07 -29.82
CA PHE K 441 9.71 -27.12 -30.69
C PHE K 441 10.32 -26.00 -29.87
N ASN K 442 9.52 -25.36 -29.03
CA ASN K 442 10.01 -24.26 -28.21
C ASN K 442 11.02 -24.68 -27.15
N ALA K 443 10.92 -25.93 -26.70
CA ALA K 443 11.89 -26.48 -25.76
C ALA K 443 13.26 -26.58 -26.44
N LEU K 444 13.25 -26.88 -27.74
CA LEU K 444 14.48 -26.93 -28.50
C LEU K 444 15.13 -25.55 -28.56
N LEU K 445 14.31 -24.52 -28.74
CA LEU K 445 14.81 -23.15 -28.74
C LEU K 445 15.39 -22.75 -27.39
N ASP K 446 14.79 -23.23 -26.30
CA ASP K 446 15.30 -22.92 -24.98
C ASP K 446 16.74 -23.42 -24.84
N VAL K 447 16.98 -24.68 -25.19
CA VAL K 447 18.31 -25.25 -25.03
C VAL K 447 19.34 -24.61 -25.96
N VAL K 448 18.91 -24.20 -27.15
CA VAL K 448 19.79 -23.42 -28.02
C VAL K 448 20.22 -22.15 -27.31
N SER K 449 19.25 -21.41 -26.78
CA SER K 449 19.55 -20.17 -26.07
C SER K 449 20.46 -20.44 -24.88
N GLU K 450 20.43 -21.68 -24.38
CA GLU K 450 21.28 -22.05 -23.26
C GLU K 450 22.68 -22.41 -23.75
N TRP K 451 22.76 -23.07 -24.89
CA TRP K 451 24.03 -23.48 -25.48
C TRP K 451 24.88 -22.28 -25.89
N ARG K 452 24.23 -21.23 -26.39
CA ARG K 452 24.94 -20.09 -26.97
C ARG K 452 25.56 -19.15 -25.92
N LYS K 453 25.11 -19.26 -24.68
CA LYS K 453 25.52 -18.32 -23.64
C LYS K 453 27.04 -18.13 -23.53
N ASP K 454 27.81 -19.20 -23.73
CA ASP K 454 29.25 -19.09 -23.57
C ASP K 454 30.01 -19.21 -24.90
N LYS K 455 29.30 -19.07 -26.02
CA LYS K 455 29.95 -19.18 -27.32
C LYS K 455 30.21 -17.81 -27.93
N THR K 456 31.35 -17.66 -28.61
CA THR K 456 31.67 -16.42 -29.30
C THR K 456 31.33 -16.56 -30.78
N GLN K 457 31.41 -15.45 -31.52
CA GLN K 457 31.13 -15.48 -32.95
C GLN K 457 32.00 -16.52 -33.64
N LEU K 458 33.21 -16.73 -33.14
CA LEU K 458 34.15 -17.67 -33.75
C LEU K 458 33.72 -19.12 -33.53
N GLN K 459 32.74 -19.33 -32.67
CA GLN K 459 32.23 -20.68 -32.40
C GLN K 459 30.78 -20.85 -32.82
N ASP K 460 30.28 -19.93 -33.65
CA ASP K 460 28.88 -19.96 -34.05
C ASP K 460 28.56 -21.16 -34.95
N VAL K 461 27.38 -21.75 -34.73
CA VAL K 461 26.91 -22.82 -35.59
C VAL K 461 25.50 -22.48 -36.06
N PRO K 462 25.10 -23.01 -37.23
CA PRO K 462 23.77 -22.68 -37.78
C PRO K 462 22.63 -23.12 -36.86
N LEU K 463 21.62 -22.26 -36.73
CA LEU K 463 20.47 -22.55 -35.89
C LEU K 463 19.85 -23.89 -36.24
N GLY K 464 19.70 -24.13 -37.54
CA GLY K 464 19.08 -25.36 -38.02
C GLY K 464 19.83 -26.60 -37.57
N GLU K 465 21.15 -26.56 -37.74
CA GLU K 465 22.00 -27.66 -37.36
C GLU K 465 21.92 -27.90 -35.86
N LYS K 466 21.94 -26.82 -35.10
CA LYS K 466 21.89 -26.91 -33.64
C LYS K 466 20.58 -27.56 -33.18
N ILE K 467 19.47 -27.06 -33.70
CA ILE K 467 18.16 -27.64 -33.40
C ILE K 467 18.11 -29.14 -33.71
N GLU K 468 18.60 -29.50 -34.90
CA GLU K 468 18.64 -30.90 -35.33
C GLU K 468 19.37 -31.78 -34.32
N GLU K 469 20.63 -31.42 -34.05
CA GLU K 469 21.45 -32.15 -33.09
C GLU K 469 20.74 -32.32 -31.74
N ILE K 470 20.24 -31.22 -31.20
CA ILE K 470 19.58 -31.24 -29.91
C ILE K 470 18.36 -32.17 -29.94
N TYR K 471 17.71 -32.22 -31.09
CA TYR K 471 16.53 -33.06 -31.29
C TYR K 471 16.90 -34.54 -31.29
N LYS K 472 17.89 -34.91 -32.11
CA LYS K 472 18.37 -36.28 -32.17
C LYS K 472 18.90 -36.75 -30.81
N ALA K 473 19.65 -35.88 -30.15
CA ALA K 473 20.27 -36.22 -28.88
C ALA K 473 19.22 -36.34 -27.77
N PHE K 474 18.03 -35.83 -28.03
CA PHE K 474 16.93 -35.92 -27.08
C PHE K 474 16.18 -37.24 -27.24
N ILE K 475 15.95 -37.64 -28.49
CA ILE K 475 15.30 -38.91 -28.78
C ILE K 475 16.21 -40.06 -28.33
N LYS K 476 17.51 -39.86 -28.47
CA LYS K 476 18.50 -40.80 -27.96
C LYS K 476 18.38 -40.91 -26.45
N GLU K 477 18.59 -39.78 -25.77
CA GLU K 477 18.49 -39.72 -24.31
C GLU K 477 17.22 -40.39 -23.80
N SER K 478 16.08 -39.78 -24.12
CA SER K 478 14.79 -40.33 -23.73
C SER K 478 14.22 -41.19 -24.86
N GLY K 479 13.87 -42.44 -24.53
CA GLY K 479 13.41 -43.39 -25.52
C GLY K 479 12.20 -42.96 -26.32
N ILE K 480 11.60 -41.84 -25.95
CA ILE K 480 10.43 -41.32 -26.65
C ILE K 480 10.64 -41.32 -28.15
N GLN K 481 9.59 -41.68 -28.90
CA GLN K 481 9.64 -41.64 -30.35
C GLN K 481 8.38 -41.01 -30.91
N PHE K 482 8.55 -40.01 -31.78
CA PHE K 482 7.43 -39.28 -32.33
C PHE K 482 6.95 -39.92 -33.63
N SER K 483 5.65 -39.83 -33.89
CA SER K 483 5.09 -40.34 -35.12
C SER K 483 5.63 -39.53 -36.30
N GLU K 484 5.31 -39.97 -37.51
CA GLU K 484 5.72 -39.23 -38.70
C GLU K 484 5.03 -37.87 -38.72
N LEU K 485 3.77 -37.85 -38.31
CA LEU K 485 2.99 -36.63 -38.28
C LEU K 485 3.55 -35.64 -37.27
N GLU K 486 3.90 -36.14 -36.09
CA GLU K 486 4.49 -35.32 -35.06
C GLU K 486 5.76 -34.69 -35.58
N GLY K 487 6.54 -35.47 -36.34
CA GLY K 487 7.73 -34.97 -36.98
C GLY K 487 7.41 -33.92 -38.04
N GLN K 488 6.31 -34.13 -38.74
CA GLN K 488 5.90 -33.20 -39.79
C GLN K 488 5.40 -31.88 -39.21
N VAL K 489 4.80 -31.94 -38.03
CA VAL K 489 4.30 -30.75 -37.36
C VAL K 489 5.47 -29.90 -36.89
N LEU K 490 6.50 -30.59 -36.39
CA LEU K 490 7.73 -29.93 -36.00
C LEU K 490 8.32 -29.20 -37.21
N GLN K 491 8.21 -29.83 -38.38
CA GLN K 491 8.70 -29.22 -39.62
C GLN K 491 7.95 -27.93 -39.94
N PHE K 492 6.66 -27.88 -39.64
CA PHE K 492 5.91 -26.65 -39.87
C PHE K 492 6.53 -25.50 -39.10
N HIS K 493 6.77 -25.75 -37.81
CA HIS K 493 7.34 -24.73 -36.95
C HIS K 493 8.72 -24.31 -37.44
N LEU K 494 9.48 -25.26 -37.96
CA LEU K 494 10.79 -24.92 -38.46
C LEU K 494 10.62 -24.02 -39.65
N SER K 495 9.63 -24.33 -40.47
CA SER K 495 9.37 -23.55 -41.66
C SER K 495 9.01 -22.11 -41.32
N ASN K 496 8.39 -21.96 -40.19
CA ASN K 496 7.90 -20.68 -39.74
C ASN K 496 9.07 -19.80 -39.30
N LEU K 497 10.13 -20.44 -38.80
CA LEU K 497 11.37 -19.76 -38.47
C LEU K 497 12.04 -19.26 -39.74
N GLU K 498 11.98 -20.09 -40.77
CA GLU K 498 12.64 -19.77 -42.04
C GLU K 498 11.92 -18.62 -42.73
N TYR K 499 10.59 -18.62 -42.66
CA TYR K 499 9.82 -17.49 -43.14
C TYR K 499 10.26 -16.20 -42.42
N ALA K 500 10.37 -16.28 -41.09
CA ALA K 500 10.73 -15.12 -40.28
C ALA K 500 12.10 -14.55 -40.64
N CYS K 501 13.05 -15.44 -40.92
CA CYS K 501 14.42 -15.01 -41.20
C CYS K 501 14.66 -14.77 -42.70
N GLY K 502 13.77 -15.29 -43.53
CA GLY K 502 13.96 -15.24 -44.96
C GLY K 502 15.12 -16.11 -45.40
N SER K 503 15.34 -17.21 -44.69
CA SER K 503 16.42 -18.13 -45.01
C SER K 503 16.23 -19.54 -44.45
N ASN K 504 16.78 -20.52 -45.16
CA ASN K 504 16.89 -21.87 -44.63
C ASN K 504 17.68 -21.77 -43.33
N LEU K 505 17.29 -22.55 -42.32
CA LEU K 505 17.88 -22.41 -40.99
C LEU K 505 19.36 -22.78 -40.90
N HIS K 506 19.89 -23.44 -41.92
CA HIS K 506 21.30 -23.84 -41.88
C HIS K 506 22.21 -22.70 -42.30
N GLN K 507 21.61 -21.56 -42.61
CA GLN K 507 22.33 -20.33 -42.94
C GLN K 507 22.29 -19.35 -41.75
N VAL K 508 21.28 -19.47 -40.90
CA VAL K 508 21.08 -18.48 -39.86
C VAL K 508 21.82 -18.79 -38.55
N SER K 509 22.32 -17.73 -37.92
CA SER K 509 23.13 -17.85 -36.70
C SER K 509 22.33 -18.37 -35.51
N ALA K 510 22.84 -19.42 -34.88
CA ALA K 510 22.25 -19.89 -33.63
C ALA K 510 22.44 -18.84 -32.53
N ARG K 511 23.59 -18.19 -32.52
CA ARG K 511 23.89 -17.18 -31.50
C ARG K 511 23.03 -15.91 -31.63
N SER K 512 22.75 -15.50 -32.86
CA SER K 512 22.27 -14.14 -33.09
C SER K 512 20.97 -14.02 -33.87
N TRP K 513 20.29 -15.14 -34.15
CA TRP K 513 19.09 -15.10 -34.99
C TRP K 513 18.03 -14.13 -34.45
N ASP K 514 17.94 -14.04 -33.13
CA ASP K 514 16.92 -13.21 -32.46
C ASP K 514 17.56 -12.06 -31.68
N HIS K 515 18.74 -11.65 -32.12
CA HIS K 515 19.53 -10.62 -31.45
C HIS K 515 18.74 -9.38 -31.06
N ASN K 516 17.82 -8.96 -31.93
CA ASN K 516 17.14 -7.68 -31.73
C ASN K 516 16.28 -7.64 -30.47
N GLU K 517 15.85 -8.80 -30.00
CA GLU K 517 15.01 -8.86 -28.80
C GLU K 517 15.76 -8.51 -27.52
N PHE K 518 17.06 -8.29 -27.63
CA PHE K 518 17.82 -7.70 -26.52
C PHE K 518 17.22 -6.32 -26.21
N PHE K 519 16.67 -5.68 -27.25
CA PHE K 519 16.08 -4.35 -27.09
C PHE K 519 14.56 -4.44 -27.02
N ALA K 520 13.95 -3.44 -26.37
CA ALA K 520 12.49 -3.38 -26.26
C ALA K 520 11.87 -3.40 -27.65
N GLN K 521 10.90 -4.28 -27.84
CA GLN K 521 10.25 -4.44 -29.14
C GLN K 521 8.83 -3.86 -29.15
N PHE K 522 8.25 -3.78 -30.35
CA PHE K 522 6.91 -3.22 -30.50
C PHE K 522 5.85 -4.17 -29.96
N ALA K 523 5.14 -3.71 -28.94
CA ALA K 523 4.11 -4.51 -28.30
C ALA K 523 2.78 -4.39 -29.02
N GLY K 524 1.82 -5.21 -28.63
CA GLY K 524 0.45 -5.05 -29.08
C GLY K 524 0.12 -5.74 -30.39
N ASP K 525 -1.06 -5.44 -30.90
CA ASP K 525 -1.61 -6.10 -32.08
C ASP K 525 -0.64 -6.24 -33.24
N HIS K 526 -0.69 -7.39 -33.90
CA HIS K 526 -0.18 -7.54 -35.26
C HIS K 526 -1.38 -7.38 -36.17
N THR K 527 -1.24 -6.58 -37.22
CA THR K 527 -2.38 -6.26 -38.07
C THR K 527 -2.09 -6.45 -39.55
N LEU K 528 -3.15 -6.57 -40.32
CA LEU K 528 -3.07 -6.51 -41.75
C LEU K 528 -3.36 -5.11 -42.14
N LEU K 529 -2.42 -4.50 -42.84
CA LEU K 529 -2.63 -3.16 -43.37
C LEU K 529 -3.48 -3.28 -44.64
N THR K 530 -4.79 -3.39 -44.44
CA THR K 530 -5.69 -3.73 -45.54
C THR K 530 -5.61 -2.79 -46.76
N PRO K 531 -5.50 -1.48 -46.54
CA PRO K 531 -5.33 -0.56 -47.68
C PRO K 531 -3.93 -0.69 -48.31
N GLY K 532 -3.00 -1.33 -47.62
CA GLY K 532 -1.66 -1.51 -48.14
C GLY K 532 -0.70 -0.40 -47.73
N TYR K 533 0.59 -0.75 -47.60
CA TYR K 533 1.61 0.22 -47.21
C TYR K 533 1.77 1.33 -48.25
N SER K 534 1.34 1.06 -49.48
CA SER K 534 1.51 2.02 -50.56
C SER K 534 0.83 3.36 -50.27
N VAL K 535 -0.26 3.35 -49.51
CA VAL K 535 -0.94 4.61 -49.20
C VAL K 535 -0.04 5.49 -48.35
N ILE K 536 0.69 4.88 -47.43
CA ILE K 536 1.61 5.60 -46.59
C ILE K 536 2.78 6.10 -47.42
N ILE K 537 3.27 5.22 -48.29
CA ILE K 537 4.37 5.54 -49.18
C ILE K 537 4.04 6.75 -50.06
N GLU K 538 2.90 6.69 -50.70
CA GLU K 538 2.48 7.78 -51.57
C GLU K 538 2.49 9.08 -50.83
N LYS K 539 1.97 9.02 -49.64
CA LYS K 539 1.78 10.20 -48.82
C LYS K 539 3.11 10.81 -48.39
N LEU K 540 4.08 9.95 -48.08
CA LEU K 540 5.40 10.43 -47.70
C LEU K 540 6.07 11.13 -48.86
N ALA K 541 5.93 10.56 -50.06
CA ALA K 541 6.63 11.04 -51.24
C ALA K 541 5.99 12.26 -51.87
N GLU K 542 4.71 12.48 -51.57
CA GLU K 542 3.95 13.53 -52.23
C GLU K 542 4.62 14.90 -52.13
N GLY K 543 5.03 15.45 -53.27
CA GLY K 543 5.57 16.79 -53.33
C GLY K 543 7.07 16.87 -53.10
N LEU K 544 7.72 15.72 -52.98
CA LEU K 544 9.17 15.72 -52.83
C LEU K 544 9.82 15.70 -54.21
N ASP K 545 11.09 16.10 -54.25
CA ASP K 545 11.86 16.06 -55.49
C ASP K 545 12.44 14.67 -55.67
N ILE K 546 11.77 13.86 -56.47
CA ILE K 546 12.16 12.46 -56.65
C ILE K 546 12.47 12.18 -58.11
N GLN K 547 13.65 11.66 -58.38
CA GLN K 547 14.06 11.27 -59.73
C GLN K 547 13.98 9.76 -59.90
N LEU K 548 13.06 9.30 -60.73
CA LEU K 548 12.94 7.87 -61.01
C LEU K 548 13.89 7.45 -62.12
N LYS K 549 14.05 6.14 -62.29
CA LYS K 549 14.93 5.58 -63.33
C LYS K 549 16.31 6.25 -63.29
N SER K 550 16.79 6.48 -62.08
CA SER K 550 18.08 7.11 -61.89
C SER K 550 18.95 6.28 -60.96
N PRO K 551 19.44 5.15 -61.45
CA PRO K 551 20.26 4.25 -60.62
C PRO K 551 21.60 4.88 -60.33
N VAL K 552 21.95 5.04 -59.06
CA VAL K 552 23.26 5.59 -58.71
C VAL K 552 24.33 4.54 -58.92
N GLN K 553 25.46 4.96 -59.48
CA GLN K 553 26.55 4.03 -59.74
C GLN K 553 27.82 4.46 -59.03
N CYS K 554 27.99 5.77 -58.89
CA CYS K 554 29.18 6.32 -58.25
C CYS K 554 28.84 7.34 -57.17
N ILE K 555 29.53 7.22 -56.04
CA ILE K 555 29.47 8.24 -55.00
C ILE K 555 30.90 8.67 -54.63
N ASP K 556 31.21 9.93 -54.86
CA ASP K 556 32.56 10.44 -54.54
C ASP K 556 32.49 11.53 -53.48
N TYR K 557 32.99 11.21 -52.29
CA TYR K 557 33.02 12.16 -51.19
C TYR K 557 34.44 12.56 -50.79
N SER K 558 35.32 12.69 -51.78
CA SER K 558 36.70 13.05 -51.53
C SER K 558 36.93 14.56 -51.63
N GLY K 559 35.99 15.26 -52.25
CA GLY K 559 36.09 16.69 -52.43
C GLY K 559 35.22 17.49 -51.49
N ASP K 560 35.04 18.77 -51.80
CA ASP K 560 34.29 19.69 -50.93
C ASP K 560 32.84 19.27 -50.75
N GLU K 561 32.22 18.73 -51.80
CA GLU K 561 30.89 18.14 -51.66
C GLU K 561 30.73 16.87 -52.48
N VAL K 562 29.73 16.09 -52.12
CA VAL K 562 29.56 14.76 -52.70
C VAL K 562 29.14 14.83 -54.16
N GLN K 563 29.88 14.12 -55.00
CA GLN K 563 29.52 13.96 -56.41
C GLN K 563 28.86 12.60 -56.59
N VAL K 564 27.61 12.63 -57.06
CA VAL K 564 26.85 11.41 -57.31
C VAL K 564 26.58 11.27 -58.81
N THR K 565 26.92 10.12 -59.38
CA THR K 565 26.73 9.87 -60.81
C THR K 565 25.86 8.64 -61.05
N THR K 566 24.85 8.78 -61.90
CA THR K 566 23.97 7.65 -62.25
C THR K 566 24.61 6.75 -63.30
N THR K 567 23.95 5.62 -63.58
CA THR K 567 24.44 4.65 -64.55
C THR K 567 24.51 5.22 -65.97
N ASP K 568 23.74 6.25 -66.27
CA ASP K 568 23.79 6.86 -67.59
C ASP K 568 24.70 8.09 -67.64
N GLY K 569 25.38 8.38 -66.53
CA GLY K 569 26.39 9.43 -66.49
C GLY K 569 25.89 10.78 -66.00
N THR K 570 24.64 10.83 -65.56
CA THR K 570 24.07 12.08 -65.07
C THR K 570 24.65 12.47 -63.72
N GLY K 571 25.05 13.73 -63.59
CA GLY K 571 25.72 14.19 -62.38
C GLY K 571 24.83 14.91 -61.38
N TYR K 572 25.00 14.56 -60.11
CA TYR K 572 24.33 15.25 -59.02
C TYR K 572 25.36 15.59 -57.95
N SER K 573 25.10 16.66 -57.20
CA SER K 573 26.00 17.03 -56.13
C SER K 573 25.25 17.64 -54.95
N ALA K 574 25.75 17.38 -53.75
CA ALA K 574 25.18 17.94 -52.54
C ALA K 574 26.20 17.87 -51.42
N GLN K 575 25.91 18.56 -50.33
CA GLN K 575 26.82 18.57 -49.20
C GLN K 575 26.87 17.21 -48.51
N LYS K 576 25.73 16.53 -48.45
CA LYS K 576 25.64 15.24 -47.78
C LYS K 576 24.84 14.21 -48.60
N VAL K 577 25.14 12.93 -48.40
CA VAL K 577 24.44 11.87 -49.11
C VAL K 577 23.99 10.77 -48.16
N LEU K 578 22.77 10.29 -48.36
CA LEU K 578 22.25 9.18 -47.57
C LEU K 578 21.97 7.99 -48.48
N VAL K 579 22.54 6.84 -48.18
CA VAL K 579 22.28 5.65 -48.97
C VAL K 579 21.36 4.70 -48.21
N THR K 580 20.30 4.25 -48.89
CA THR K 580 19.28 3.41 -48.27
C THR K 580 19.03 2.18 -49.12
N VAL K 581 19.98 1.85 -49.98
CA VAL K 581 19.82 0.71 -50.88
C VAL K 581 19.81 -0.59 -50.06
N PRO K 582 19.14 -1.63 -50.58
CA PRO K 582 19.02 -2.90 -49.88
C PRO K 582 20.37 -3.56 -49.60
N LEU K 583 20.43 -4.35 -48.53
CA LEU K 583 21.64 -5.03 -48.14
C LEU K 583 22.30 -5.76 -49.31
N ALA K 584 21.50 -6.50 -50.07
CA ALA K 584 22.02 -7.26 -51.21
C ALA K 584 22.80 -6.37 -52.19
N LEU K 585 22.33 -5.16 -52.41
CA LEU K 585 22.99 -4.26 -53.36
C LEU K 585 24.32 -3.74 -52.82
N LEU K 586 24.39 -3.54 -51.51
CA LEU K 586 25.66 -3.22 -50.86
C LEU K 586 26.63 -4.38 -50.97
N GLN K 587 26.11 -5.59 -50.79
CA GLN K 587 26.91 -6.81 -50.89
C GLN K 587 27.43 -7.02 -52.31
N LYS K 588 26.61 -6.68 -53.30
CA LYS K 588 27.01 -6.82 -54.70
C LYS K 588 28.00 -5.74 -55.12
N GLY K 589 28.06 -4.67 -54.35
CA GLY K 589 28.95 -3.57 -54.67
C GLY K 589 28.53 -2.81 -55.92
N ALA K 590 27.22 -2.64 -56.08
CA ALA K 590 26.68 -1.99 -57.27
C ALA K 590 27.00 -0.48 -57.29
N ILE K 591 27.27 0.08 -56.13
CA ILE K 591 27.67 1.48 -56.06
C ILE K 591 29.17 1.58 -55.79
N GLN K 592 29.86 2.35 -56.63
CA GLN K 592 31.28 2.61 -56.45
C GLN K 592 31.51 3.78 -55.47
N PHE K 593 32.07 3.47 -54.30
CA PHE K 593 32.38 4.47 -53.29
C PHE K 593 33.83 4.96 -53.39
N ASN K 594 34.01 6.27 -53.37
CA ASN K 594 35.36 6.84 -53.33
C ASN K 594 35.46 7.96 -52.31
N PRO K 595 36.26 7.76 -51.26
CA PRO K 595 37.04 6.56 -50.97
C PRO K 595 36.16 5.34 -50.66
N PRO K 596 36.72 4.13 -50.76
CA PRO K 596 35.93 2.90 -50.58
C PRO K 596 35.48 2.72 -49.14
N LEU K 597 34.35 2.03 -48.94
CA LEU K 597 33.89 1.71 -47.61
C LEU K 597 34.98 0.98 -46.85
N SER K 598 35.00 1.14 -45.54
CA SER K 598 36.04 0.54 -44.71
C SER K 598 35.95 -0.98 -44.73
N GLU K 599 37.07 -1.64 -44.44
CA GLU K 599 37.07 -3.08 -44.30
C GLU K 599 36.12 -3.50 -43.18
N LYS K 600 36.07 -2.70 -42.11
CA LYS K 600 35.17 -3.00 -41.00
C LYS K 600 33.71 -3.03 -41.48
N LYS K 601 33.31 -2.00 -42.22
CA LYS K 601 31.97 -1.95 -42.79
C LYS K 601 31.69 -3.14 -43.70
N MET K 602 32.64 -3.48 -44.56
CA MET K 602 32.44 -4.59 -45.50
C MET K 602 32.21 -5.91 -44.78
N LYS K 603 32.96 -6.15 -43.70
CA LYS K 603 32.79 -7.35 -42.90
C LYS K 603 31.39 -7.42 -42.29
N ALA K 604 30.91 -6.29 -41.79
CA ALA K 604 29.56 -6.23 -41.23
C ALA K 604 28.51 -6.45 -42.32
N ILE K 605 28.71 -5.80 -43.46
CA ILE K 605 27.78 -5.93 -44.58
C ILE K 605 27.65 -7.39 -45.00
N ASN K 606 28.79 -8.09 -45.09
CA ASN K 606 28.80 -9.48 -45.50
C ASN K 606 28.43 -10.47 -44.40
N SER K 607 28.41 -10.02 -43.15
CA SER K 607 28.07 -10.91 -42.04
C SER K 607 26.55 -11.07 -41.91
N LEU K 608 25.80 -10.19 -42.55
CA LEU K 608 24.35 -10.32 -42.57
C LEU K 608 23.89 -11.01 -43.85
N GLY K 609 22.73 -11.67 -43.78
CA GLY K 609 22.19 -12.36 -44.94
C GLY K 609 21.10 -11.56 -45.61
N ALA K 610 21.16 -11.49 -46.94
CA ALA K 610 20.07 -10.92 -47.71
C ALA K 610 18.93 -11.93 -47.78
N GLY K 611 18.09 -11.95 -46.75
CA GLY K 611 16.99 -12.91 -46.66
C GLY K 611 15.98 -12.74 -47.77
N ILE K 612 15.27 -13.83 -48.07
CA ILE K 612 14.33 -13.81 -49.19
C ILE K 612 13.12 -14.68 -48.91
N ILE K 613 11.95 -14.18 -49.34
CA ILE K 613 10.75 -14.98 -49.47
C ILE K 613 10.08 -14.47 -50.72
N GLU K 614 9.16 -15.26 -51.28
CA GLU K 614 8.32 -14.81 -52.38
C GLU K 614 6.86 -15.02 -51.98
N LYS K 615 5.96 -14.26 -52.59
CA LYS K 615 4.54 -14.38 -52.29
C LYS K 615 3.78 -14.79 -53.53
N ILE K 616 2.68 -15.52 -53.32
CA ILE K 616 1.73 -15.79 -54.37
C ILE K 616 0.37 -15.31 -53.89
N ALA K 617 -0.38 -14.68 -54.78
CA ALA K 617 -1.75 -14.28 -54.46
C ALA K 617 -2.68 -14.93 -55.47
N LEU K 618 -3.83 -15.40 -54.99
CA LEU K 618 -4.78 -16.11 -55.85
C LEU K 618 -6.20 -15.60 -55.65
N GLN K 619 -6.88 -15.29 -56.74
CA GLN K 619 -8.28 -14.88 -56.68
C GLN K 619 -9.18 -16.02 -57.10
N PHE K 620 -10.30 -16.17 -56.42
CA PHE K 620 -11.23 -17.26 -56.70
C PHE K 620 -12.64 -16.75 -56.98
N PRO K 621 -13.50 -17.61 -57.57
CA PRO K 621 -14.89 -17.26 -57.85
C PRO K 621 -15.72 -17.16 -56.57
N TYR K 622 -15.33 -17.91 -55.55
CA TYR K 622 -16.06 -17.89 -54.29
C TYR K 622 -15.17 -18.38 -53.14
N ARG K 623 -15.61 -18.12 -51.92
CA ARG K 623 -14.82 -18.42 -50.72
C ARG K 623 -14.90 -19.90 -50.32
N PHE K 624 -14.21 -20.75 -51.07
CA PHE K 624 -14.37 -22.20 -50.90
C PHE K 624 -13.93 -22.72 -49.53
N TRP K 625 -13.15 -21.93 -48.80
CA TRP K 625 -12.56 -22.39 -47.55
C TRP K 625 -13.37 -22.08 -46.29
N ASP K 626 -14.48 -21.35 -46.43
CA ASP K 626 -15.22 -20.88 -45.25
C ASP K 626 -15.71 -22.01 -44.34
N SER K 627 -16.24 -23.08 -44.91
CA SER K 627 -16.74 -24.19 -44.12
C SER K 627 -15.69 -24.70 -43.14
N LYS K 628 -14.54 -25.07 -43.68
CA LYS K 628 -13.47 -25.66 -42.88
C LYS K 628 -12.69 -24.65 -42.03
N VAL K 629 -12.44 -23.46 -42.59
CA VAL K 629 -11.58 -22.50 -41.93
C VAL K 629 -12.32 -21.66 -40.88
N GLN K 630 -13.61 -21.46 -41.09
CA GLN K 630 -14.48 -20.84 -40.09
C GLN K 630 -14.05 -19.44 -39.66
N GLY K 631 -13.61 -18.62 -40.60
CA GLY K 631 -13.36 -17.22 -40.32
C GLY K 631 -11.97 -16.88 -39.80
N ALA K 632 -11.12 -17.90 -39.64
CA ALA K 632 -9.75 -17.65 -39.18
C ALA K 632 -9.01 -16.80 -40.20
N ASP K 633 -8.11 -15.95 -39.73
CA ASP K 633 -7.38 -15.06 -40.62
C ASP K 633 -6.41 -15.84 -41.53
N PHE K 634 -5.97 -16.99 -41.04
CA PHE K 634 -5.02 -17.80 -41.77
C PHE K 634 -5.13 -19.26 -41.37
N PHE K 635 -4.53 -20.14 -42.18
CA PHE K 635 -4.42 -21.54 -41.84
C PHE K 635 -3.05 -22.10 -42.24
N GLY K 636 -2.57 -23.06 -41.47
CA GLY K 636 -1.26 -23.64 -41.70
C GLY K 636 -1.31 -24.87 -42.58
N HIS K 637 -0.17 -25.22 -43.13
CA HIS K 637 -0.05 -26.36 -44.03
C HIS K 637 1.05 -27.29 -43.51
N VAL K 638 0.66 -28.46 -43.04
CA VAL K 638 1.65 -29.40 -42.51
C VAL K 638 2.47 -29.96 -43.66
N PRO K 639 3.80 -29.87 -43.56
CA PRO K 639 4.73 -30.31 -44.61
C PRO K 639 4.78 -31.83 -44.72
N PRO K 640 4.71 -32.36 -45.94
CA PRO K 640 4.86 -33.80 -46.18
C PRO K 640 6.30 -34.23 -45.89
N SER K 641 7.25 -33.32 -46.08
CA SER K 641 8.65 -33.62 -45.86
C SER K 641 9.43 -32.36 -45.48
N ALA K 642 10.61 -32.56 -44.90
CA ALA K 642 11.45 -31.44 -44.51
C ALA K 642 11.83 -30.58 -45.71
N SER K 643 12.10 -31.22 -46.84
CA SER K 643 12.54 -30.51 -48.03
C SER K 643 11.49 -29.53 -48.56
N LYS K 644 10.22 -29.87 -48.38
CA LYS K 644 9.12 -29.10 -48.95
C LYS K 644 8.48 -28.13 -47.94
N ARG K 645 9.06 -28.04 -46.75
CA ARG K 645 8.39 -27.36 -45.63
C ARG K 645 8.05 -25.87 -45.87
N GLY K 646 8.89 -25.19 -46.65
CA GLY K 646 8.67 -23.77 -46.89
C GLY K 646 7.80 -23.48 -48.11
N LEU K 647 7.20 -24.52 -48.68
CA LEU K 647 6.33 -24.36 -49.84
C LEU K 647 4.89 -24.13 -49.40
N PHE K 648 4.52 -22.87 -49.22
CA PHE K 648 3.17 -22.50 -48.83
C PHE K 648 2.79 -23.02 -47.44
N ALA K 649 3.55 -22.64 -46.43
CA ALA K 649 3.32 -23.12 -45.07
C ALA K 649 2.09 -22.47 -44.41
N VAL K 650 1.79 -21.22 -44.81
CA VAL K 650 0.65 -20.48 -44.25
C VAL K 650 -0.15 -19.82 -45.36
N PHE K 651 -1.47 -19.88 -45.27
CA PHE K 651 -2.34 -19.24 -46.23
C PHE K 651 -3.10 -18.14 -45.53
N TYR K 652 -3.15 -16.97 -46.15
CA TYR K 652 -3.78 -15.80 -45.53
C TYR K 652 -5.05 -15.42 -46.27
N ASP K 653 -6.14 -15.28 -45.52
CA ASP K 653 -7.40 -14.81 -46.08
C ASP K 653 -7.29 -13.30 -46.17
N MET K 654 -7.29 -12.78 -47.39
CA MET K 654 -6.97 -11.37 -47.61
C MET K 654 -8.16 -10.41 -47.53
N ASP K 655 -9.33 -10.92 -47.15
CA ASP K 655 -10.46 -10.04 -46.87
C ASP K 655 -11.05 -10.27 -45.48
N PRO K 656 -10.64 -9.45 -44.52
CA PRO K 656 -11.15 -9.50 -43.15
C PRO K 656 -12.67 -9.30 -43.08
N GLN K 657 -13.28 -8.81 -44.15
CA GLN K 657 -14.73 -8.65 -44.19
C GLN K 657 -15.42 -9.94 -44.64
N LYS K 658 -14.60 -10.93 -45.01
CA LYS K 658 -15.10 -12.25 -45.41
C LYS K 658 -16.06 -12.19 -46.59
N LYS K 659 -15.84 -11.25 -47.50
CA LYS K 659 -16.71 -11.09 -48.65
C LYS K 659 -16.03 -11.52 -49.94
N HIS K 660 -14.78 -11.13 -50.10
CA HIS K 660 -14.05 -11.45 -51.32
C HIS K 660 -13.22 -12.71 -51.14
N SER K 661 -12.73 -13.26 -52.26
CA SER K 661 -12.06 -14.55 -52.24
C SER K 661 -10.63 -14.45 -52.75
N VAL K 662 -9.75 -13.91 -51.94
CA VAL K 662 -8.33 -13.85 -52.29
C VAL K 662 -7.51 -14.53 -51.22
N LEU K 663 -6.69 -15.49 -51.62
CA LEU K 663 -5.73 -16.09 -50.69
C LEU K 663 -4.31 -15.65 -51.01
N MET K 664 -3.50 -15.52 -49.98
CA MET K 664 -2.09 -15.23 -50.16
C MET K 664 -1.27 -16.27 -49.45
N SER K 665 -0.14 -16.66 -50.04
CA SER K 665 0.74 -17.58 -49.37
C SER K 665 2.19 -17.23 -49.66
N VAL K 666 3.10 -17.89 -48.95
CA VAL K 666 4.51 -17.52 -48.99
C VAL K 666 5.38 -18.71 -49.36
N ILE K 667 6.52 -18.42 -49.97
CA ILE K 667 7.52 -19.41 -50.31
C ILE K 667 8.79 -19.07 -49.55
N ALA K 668 9.23 -19.97 -48.67
CA ALA K 668 10.38 -19.70 -47.83
C ALA K 668 11.39 -20.85 -47.80
N GLY K 669 12.54 -20.59 -47.18
CA GLY K 669 13.57 -21.60 -47.02
C GLY K 669 13.99 -22.25 -48.32
N GLU K 670 14.17 -23.57 -48.26
CA GLU K 670 14.61 -24.37 -49.38
C GLU K 670 13.73 -24.16 -50.63
N ALA K 671 12.43 -24.03 -50.40
CA ALA K 671 11.46 -23.89 -51.49
C ALA K 671 11.67 -22.64 -52.35
N VAL K 672 12.35 -21.63 -51.83
CA VAL K 672 12.64 -20.46 -52.66
C VAL K 672 13.55 -20.89 -53.82
N ALA K 673 14.51 -21.76 -53.53
CA ALA K 673 15.42 -22.25 -54.55
C ALA K 673 14.68 -23.12 -55.56
N SER K 674 13.84 -24.02 -55.05
CA SER K 674 13.16 -24.99 -55.90
C SER K 674 12.23 -24.32 -56.90
N VAL K 675 12.01 -23.02 -56.72
CA VAL K 675 11.06 -22.31 -57.56
C VAL K 675 11.74 -21.36 -58.56
N ARG K 676 13.06 -21.25 -58.48
CA ARG K 676 13.78 -20.25 -59.29
C ARG K 676 13.76 -20.54 -60.79
N THR K 677 13.62 -21.81 -61.17
CA THR K 677 13.60 -22.17 -62.59
C THR K 677 12.19 -22.47 -63.06
N LEU K 678 11.21 -22.33 -62.17
CA LEU K 678 9.82 -22.56 -62.53
C LEU K 678 9.19 -21.24 -62.96
N ASP K 679 8.37 -21.27 -64.02
CA ASP K 679 7.65 -20.06 -64.39
C ASP K 679 6.44 -19.86 -63.47
N ASP K 680 5.82 -18.69 -63.55
CA ASP K 680 4.72 -18.35 -62.66
C ASP K 680 3.61 -19.40 -62.72
N LYS K 681 3.24 -19.80 -63.93
CA LYS K 681 2.18 -20.80 -64.10
C LYS K 681 2.49 -22.10 -63.34
N GLN K 682 3.75 -22.53 -63.38
CA GLN K 682 4.16 -23.74 -62.69
C GLN K 682 4.05 -23.58 -61.17
N VAL K 683 4.39 -22.41 -60.66
CA VAL K 683 4.27 -22.16 -59.24
C VAL K 683 2.79 -22.19 -58.84
N LEU K 684 1.96 -21.54 -59.66
CA LEU K 684 0.52 -21.54 -59.46
C LEU K 684 -0.02 -22.97 -59.44
N GLN K 685 0.47 -23.81 -60.35
CA GLN K 685 0.02 -25.21 -60.41
C GLN K 685 0.31 -25.95 -59.11
N GLN K 686 1.49 -25.73 -58.56
CA GLN K 686 1.89 -26.41 -57.32
C GLN K 686 1.09 -25.89 -56.12
N CYS K 687 0.71 -24.62 -56.17
CA CYS K 687 -0.07 -24.03 -55.10
C CYS K 687 -1.50 -24.59 -55.12
N MET K 688 -2.05 -24.67 -56.32
CA MET K 688 -3.39 -25.24 -56.49
C MET K 688 -3.42 -26.72 -56.13
N ALA K 689 -2.34 -27.43 -56.45
CA ALA K 689 -2.24 -28.85 -56.09
C ALA K 689 -2.20 -28.99 -54.57
N THR K 690 -1.51 -28.05 -53.93
CA THR K 690 -1.43 -28.01 -52.47
C THR K 690 -2.80 -27.75 -51.84
N LEU K 691 -3.52 -26.78 -52.39
CA LEU K 691 -4.84 -26.44 -51.87
C LEU K 691 -5.82 -27.60 -52.02
N ARG K 692 -5.78 -28.27 -53.17
CA ARG K 692 -6.66 -29.41 -53.40
C ARG K 692 -6.33 -30.56 -52.45
N GLU K 693 -5.08 -30.62 -51.99
CA GLU K 693 -4.71 -31.57 -50.95
C GLU K 693 -5.25 -31.13 -49.59
N LEU K 694 -5.07 -29.86 -49.26
CA LEU K 694 -5.49 -29.35 -47.95
C LEU K 694 -7.00 -29.43 -47.80
N PHE K 695 -7.71 -29.32 -48.91
CA PHE K 695 -9.16 -29.39 -48.93
C PHE K 695 -9.60 -30.60 -49.74
N LYS K 696 -9.04 -31.75 -49.39
CA LYS K 696 -9.20 -32.97 -50.18
C LYS K 696 -10.64 -33.45 -50.27
N GLU K 697 -11.39 -33.35 -49.16
CA GLU K 697 -12.75 -33.87 -49.13
C GLU K 697 -13.80 -32.92 -49.70
N GLN K 698 -13.33 -31.93 -50.47
CA GLN K 698 -14.24 -31.02 -51.15
C GLN K 698 -13.63 -30.57 -52.46
N GLU K 699 -14.42 -29.83 -53.25
CA GLU K 699 -13.92 -29.33 -54.53
C GLU K 699 -13.33 -27.93 -54.34
N VAL K 700 -12.37 -27.58 -55.19
CA VAL K 700 -11.76 -26.26 -55.16
C VAL K 700 -11.84 -25.62 -56.54
N PRO K 701 -12.40 -24.40 -56.61
CA PRO K 701 -12.57 -23.77 -57.92
C PRO K 701 -11.23 -23.37 -58.51
N ASP K 702 -11.19 -23.09 -59.81
CA ASP K 702 -9.96 -22.61 -60.42
C ASP K 702 -9.76 -21.15 -60.05
N PRO K 703 -8.50 -20.74 -59.92
CA PRO K 703 -8.25 -19.32 -59.68
C PRO K 703 -8.49 -18.53 -60.96
N THR K 704 -8.94 -17.29 -60.83
CA THR K 704 -9.27 -16.45 -61.98
C THR K 704 -8.27 -15.31 -62.18
N LYS K 705 -7.33 -15.18 -61.25
CA LYS K 705 -6.33 -14.12 -61.31
C LYS K 705 -5.30 -14.39 -60.23
N TYR K 706 -4.01 -14.17 -60.54
CA TYR K 706 -2.96 -14.45 -59.58
C TYR K 706 -1.68 -13.68 -59.87
N PHE K 707 -0.80 -13.60 -58.86
CA PHE K 707 0.57 -13.19 -59.11
C PHE K 707 1.57 -14.07 -58.35
N VAL K 708 2.80 -14.09 -58.86
CA VAL K 708 3.91 -14.74 -58.19
C VAL K 708 5.05 -13.74 -58.19
N THR K 709 5.58 -13.42 -57.01
CA THR K 709 6.62 -12.40 -56.92
C THR K 709 8.00 -12.97 -57.25
N ARG K 710 8.89 -12.11 -57.73
CA ARG K 710 10.26 -12.53 -58.03
C ARG K 710 11.23 -11.49 -57.48
N TRP K 711 11.07 -11.17 -56.20
CA TRP K 711 11.96 -10.21 -55.54
C TRP K 711 13.41 -10.62 -55.68
N SER K 712 13.65 -11.93 -55.63
CA SER K 712 14.99 -12.49 -55.69
C SER K 712 15.76 -11.97 -56.89
N THR K 713 15.03 -11.72 -57.99
CA THR K 713 15.66 -11.35 -59.26
C THR K 713 15.31 -9.93 -59.69
N ASP K 714 14.69 -9.16 -58.81
CA ASP K 714 14.55 -7.73 -59.04
C ASP K 714 15.94 -7.13 -58.80
N PRO K 715 16.56 -6.60 -59.87
CA PRO K 715 17.97 -6.17 -59.89
C PRO K 715 18.34 -5.15 -58.82
N TRP K 716 17.43 -4.23 -58.50
CA TRP K 716 17.75 -3.19 -57.54
C TRP K 716 17.29 -3.55 -56.13
N ILE K 717 16.83 -4.78 -55.95
CA ILE K 717 16.37 -5.21 -54.62
C ILE K 717 16.94 -6.58 -54.21
N GLN K 718 16.58 -7.63 -54.93
CA GLN K 718 17.25 -8.93 -54.78
C GLN K 718 17.11 -9.59 -53.40
N MET K 719 16.06 -9.23 -52.66
CA MET K 719 15.87 -9.80 -51.33
C MET K 719 14.51 -9.41 -50.76
N ALA K 720 14.20 -9.93 -49.57
CA ALA K 720 13.01 -9.53 -48.83
C ALA K 720 13.34 -8.77 -47.54
N TYR K 721 14.19 -9.38 -46.72
CA TYR K 721 14.63 -8.75 -45.48
C TYR K 721 15.87 -9.42 -44.90
N SER K 722 16.65 -8.65 -44.16
CA SER K 722 17.93 -9.14 -43.63
C SER K 722 17.77 -10.11 -42.48
N PHE K 723 18.84 -10.85 -42.22
CA PHE K 723 18.95 -11.70 -41.04
C PHE K 723 20.43 -11.85 -40.68
N VAL K 724 20.72 -12.38 -39.50
CA VAL K 724 22.11 -12.59 -39.12
C VAL K 724 22.62 -13.97 -39.56
N LYS K 725 23.57 -13.97 -40.48
CA LYS K 725 24.22 -15.21 -40.92
C LYS K 725 25.11 -15.76 -39.83
N THR K 726 25.30 -17.08 -39.84
CA THR K 726 26.18 -17.75 -38.91
C THR K 726 27.52 -17.01 -38.86
N GLY K 727 28.04 -16.79 -37.66
CA GLY K 727 29.25 -16.01 -37.49
C GLY K 727 28.98 -14.54 -37.22
N GLY K 728 27.75 -14.10 -37.49
CA GLY K 728 27.42 -12.69 -37.39
C GLY K 728 26.93 -12.22 -36.05
N SER K 729 26.91 -10.90 -35.87
CA SER K 729 26.45 -10.26 -34.64
C SER K 729 25.45 -9.17 -34.97
N GLY K 730 24.56 -8.87 -34.01
CA GLY K 730 23.64 -7.76 -34.15
C GLY K 730 24.36 -6.44 -34.33
N GLU K 731 25.56 -6.35 -33.77
CA GLU K 731 26.35 -5.12 -33.85
C GLU K 731 26.56 -4.72 -35.30
N ALA K 732 26.45 -5.69 -36.21
CA ALA K 732 26.62 -5.43 -37.63
C ALA K 732 25.67 -4.33 -38.10
N TYR K 733 24.45 -4.36 -37.59
CA TYR K 733 23.46 -3.34 -37.95
C TYR K 733 23.96 -1.95 -37.58
N ASP K 734 24.55 -1.82 -36.39
CA ASP K 734 25.13 -0.54 -35.94
C ASP K 734 26.28 -0.08 -36.84
N ILE K 735 27.18 -1.01 -37.19
CA ILE K 735 28.35 -0.70 -38.00
C ILE K 735 27.95 -0.21 -39.39
N ILE K 736 26.97 -0.88 -39.98
CA ILE K 736 26.46 -0.46 -41.28
C ILE K 736 25.81 0.91 -41.15
N ALA K 737 25.19 1.15 -40.00
CA ALA K 737 24.46 2.41 -39.75
C ALA K 737 25.38 3.62 -39.59
N GLU K 738 26.62 3.37 -39.23
CA GLU K 738 27.60 4.40 -38.91
C GLU K 738 27.87 5.36 -40.07
N ASP K 739 27.67 6.67 -39.91
CA ASP K 739 27.98 7.63 -40.96
C ASP K 739 29.49 7.66 -41.21
N ILE K 740 29.88 8.11 -42.40
CA ILE K 740 31.29 8.28 -42.72
C ILE K 740 31.60 9.77 -42.77
N GLN K 741 32.38 10.23 -41.80
CA GLN K 741 32.87 11.61 -41.76
C GLN K 741 31.75 12.63 -41.80
N GLY K 742 30.62 12.27 -41.19
CA GLY K 742 29.44 13.12 -41.21
C GLY K 742 29.10 13.59 -42.62
N THR K 743 29.43 12.78 -43.61
CA THR K 743 29.21 13.16 -45.00
C THR K 743 28.36 12.13 -45.74
N VAL K 744 28.66 10.86 -45.51
CA VAL K 744 27.88 9.76 -46.09
C VAL K 744 27.14 9.03 -44.97
N PHE K 745 25.82 8.94 -45.12
CA PHE K 745 24.97 8.34 -44.11
C PHE K 745 24.27 7.11 -44.67
N PHE K 746 23.88 6.19 -43.79
CA PHE K 746 23.23 4.95 -44.19
C PHE K 746 21.92 4.71 -43.45
N ALA K 747 20.89 4.33 -44.18
CA ALA K 747 19.64 3.89 -43.57
C ALA K 747 19.08 2.70 -44.34
N GLY K 748 17.95 2.17 -43.89
CA GLY K 748 17.38 0.96 -44.46
C GLY K 748 17.18 -0.10 -43.39
N GLU K 749 16.32 -1.08 -43.65
CA GLU K 749 16.00 -2.09 -42.64
C GLU K 749 17.24 -2.82 -42.12
N ALA K 750 18.24 -2.98 -42.98
CA ALA K 750 19.47 -3.65 -42.60
C ALA K 750 20.44 -2.76 -41.82
N THR K 751 19.98 -1.59 -41.39
CA THR K 751 20.80 -0.68 -40.58
C THR K 751 20.15 -0.43 -39.21
N ASN K 752 19.01 -1.05 -38.98
CA ASN K 752 18.28 -0.87 -37.73
C ASN K 752 18.42 -2.08 -36.81
N ARG K 753 19.27 -2.09 -35.88
CA ARG K 753 19.59 -3.19 -34.99
C ARG K 753 18.44 -3.52 -34.05
N HIS K 754 17.73 -2.42 -33.62
CA HIS K 754 16.58 -2.63 -32.76
C HIS K 754 15.44 -3.28 -33.54
N PHE K 755 15.19 -2.72 -34.72
CA PHE K 755 14.02 -3.10 -35.50
C PHE K 755 14.40 -3.41 -36.94
N PRO K 756 15.10 -4.54 -37.13
CA PRO K 756 15.50 -5.00 -38.47
C PRO K 756 14.31 -5.51 -39.28
N GLN K 757 14.48 -5.61 -40.60
CA GLN K 757 13.55 -6.35 -41.46
C GLN K 757 12.29 -5.59 -41.89
N THR K 758 11.78 -4.72 -41.03
CA THR K 758 10.43 -4.20 -41.21
C THR K 758 10.34 -2.83 -41.89
N VAL K 759 9.16 -2.54 -42.43
CA VAL K 759 8.89 -1.21 -42.96
C VAL K 759 9.07 -0.19 -41.82
N THR K 760 8.54 -0.52 -40.65
CA THR K 760 8.70 0.32 -39.47
C THR K 760 10.17 0.59 -39.19
N GLY K 761 10.97 -0.47 -39.18
CA GLY K 761 12.39 -0.34 -38.90
C GLY K 761 13.08 0.50 -39.94
N ALA K 762 12.70 0.31 -41.19
CA ALA K 762 13.30 1.08 -42.29
C ALA K 762 12.89 2.54 -42.13
N TYR K 763 11.60 2.75 -41.90
CA TYR K 763 11.10 4.10 -41.64
C TYR K 763 11.86 4.78 -40.52
N LEU K 764 12.06 4.08 -39.41
CA LEU K 764 12.73 4.67 -38.25
C LEU K 764 14.21 4.95 -38.51
N SER K 765 14.85 4.14 -39.35
CA SER K 765 16.24 4.39 -39.69
C SER K 765 16.38 5.66 -40.49
N GLY K 766 15.37 5.99 -41.28
CA GLY K 766 15.36 7.21 -42.05
C GLY K 766 15.17 8.43 -41.16
N VAL K 767 14.27 8.32 -40.18
CA VAL K 767 14.06 9.38 -39.20
C VAL K 767 15.35 9.60 -38.41
N ARG K 768 15.99 8.50 -38.04
CA ARG K 768 17.27 8.54 -37.33
C ARG K 768 18.31 9.37 -38.09
N GLU K 769 18.47 9.06 -39.37
CA GLU K 769 19.47 9.70 -40.20
C GLU K 769 19.11 11.17 -40.49
N ALA K 770 17.83 11.44 -40.67
CA ALA K 770 17.37 12.81 -40.84
C ALA K 770 17.75 13.67 -39.63
N SER K 771 17.61 13.11 -38.44
CA SER K 771 18.02 13.81 -37.22
C SER K 771 19.53 14.08 -37.21
N LYS K 772 20.33 13.06 -37.51
CA LYS K 772 21.78 13.20 -37.59
C LYS K 772 22.19 14.27 -38.61
N ILE K 773 21.56 14.23 -39.77
CA ILE K 773 21.89 15.16 -40.85
C ILE K 773 21.49 16.59 -40.51
N ALA K 774 20.33 16.74 -39.87
CA ALA K 774 19.81 18.05 -39.54
C ALA K 774 20.62 18.74 -38.43
N ALA K 775 21.21 17.93 -37.56
CA ALA K 775 22.02 18.45 -36.46
C ALA K 775 23.21 19.25 -37.00
N PHE K 776 23.83 18.72 -38.04
CA PHE K 776 24.97 19.39 -38.67
C PHE K 776 24.57 20.80 -39.13
N ASP L 70 20.04 0.72 -18.18
CA ASP L 70 19.52 -0.53 -18.76
C ASP L 70 19.10 -0.29 -20.20
N PRO L 71 19.99 -0.61 -21.15
CA PRO L 71 19.83 -0.38 -22.60
C PRO L 71 18.50 -0.89 -23.15
N HIS L 72 17.98 -1.96 -22.56
CA HIS L 72 16.76 -2.60 -23.06
C HIS L 72 15.61 -1.61 -23.30
N PHE L 73 15.32 -0.79 -22.28
CA PHE L 73 14.13 0.05 -22.25
C PHE L 73 14.22 1.35 -23.05
N HIS L 74 15.44 1.87 -23.20
CA HIS L 74 15.67 3.18 -23.80
C HIS L 74 14.87 3.42 -25.08
N HIS L 75 14.41 4.66 -25.25
CA HIS L 75 13.72 5.07 -26.47
C HIS L 75 14.71 5.09 -27.63
N PHE L 76 14.37 4.39 -28.70
CA PHE L 76 15.26 4.22 -29.84
C PHE L 76 15.78 5.54 -30.43
N LEU L 77 14.91 6.54 -30.51
CA LEU L 77 15.28 7.81 -31.15
C LEU L 77 15.96 8.78 -30.19
N LEU L 78 16.07 8.39 -28.92
CA LEU L 78 16.70 9.24 -27.91
C LEU L 78 17.92 8.60 -27.26
N SER L 79 18.52 7.62 -27.94
CA SER L 79 19.71 6.95 -27.44
C SER L 79 20.79 6.86 -28.53
N GLN L 80 20.69 7.74 -29.52
CA GLN L 80 21.63 7.76 -30.62
C GLN L 80 22.92 8.50 -30.22
N THR L 81 22.99 8.87 -28.94
CA THR L 81 24.05 9.72 -28.39
C THR L 81 24.44 10.87 -29.31
N ALA M 1 14.16 -12.52 -38.04
CA ALA M 1 14.05 -12.43 -36.58
C ALA M 1 12.67 -12.92 -36.12
N ARG M 2 12.60 -13.37 -34.87
CA ARG M 2 11.36 -13.90 -34.32
C ARG M 2 10.21 -12.91 -34.49
N THR M 3 10.54 -11.62 -34.36
CA THR M 3 9.56 -10.54 -34.41
C THR M 3 8.81 -10.44 -35.74
N MET M 4 9.33 -11.12 -36.76
CA MET M 4 8.67 -11.14 -38.08
C MET M 4 7.45 -12.05 -38.08
N GLN M 5 7.36 -12.92 -37.07
CA GLN M 5 6.29 -13.91 -37.03
C GLN M 5 4.97 -13.33 -36.55
N THR M 6 3.89 -13.61 -37.29
CA THR M 6 2.56 -13.23 -36.85
C THR M 6 1.77 -14.48 -36.50
N ALA M 7 1.46 -15.30 -37.51
CA ALA M 7 0.81 -16.57 -37.29
C ALA M 7 1.75 -17.54 -36.58
N ARG M 8 1.26 -18.16 -35.51
CA ARG M 8 1.99 -19.24 -34.84
C ARG M 8 3.37 -18.79 -34.40
N LYS M 9 3.43 -17.70 -33.64
CA LYS M 9 4.69 -17.17 -33.14
C LYS M 9 5.42 -18.22 -32.29
N SER M 10 6.74 -18.27 -32.42
CA SER M 10 7.55 -19.11 -31.54
C SER M 10 7.70 -18.38 -30.21
N THR M 11 7.95 -19.13 -29.14
CA THR M 11 8.03 -18.53 -27.80
C THR M 11 9.29 -18.89 -27.04
N GLY M 12 9.90 -20.02 -27.40
CA GLY M 12 11.07 -20.51 -26.68
C GLY M 12 12.33 -19.73 -26.95
N GLY M 13 13.27 -19.80 -26.01
CA GLY M 13 14.58 -19.19 -26.18
C GLY M 13 14.66 -17.73 -25.77
N LYS M 14 13.59 -17.20 -25.19
CA LYS M 14 13.57 -15.79 -24.80
C LYS M 14 14.35 -15.54 -23.51
N ALA M 15 15.08 -14.42 -23.48
CA ALA M 15 15.77 -13.98 -22.28
C ALA M 15 14.75 -13.61 -21.22
N PRO M 16 15.15 -13.63 -19.95
CA PRO M 16 14.26 -13.24 -18.85
C PRO M 16 13.70 -11.84 -19.06
N ARG M 17 12.49 -11.62 -18.54
CA ARG M 17 11.77 -10.38 -18.69
C ARG M 17 12.20 -9.36 -17.65
N LYS M 18 12.53 -8.15 -18.10
CA LYS M 18 12.90 -7.07 -17.18
C LYS M 18 11.70 -6.15 -16.89
N GLN M 19 11.64 -5.63 -15.67
CA GLN M 19 10.48 -4.87 -15.23
C GLN M 19 10.90 -3.56 -14.56
N LEU M 20 10.61 -2.44 -15.22
CA LEU M 20 10.95 -1.11 -14.70
C LEU M 20 10.42 -0.84 -13.29
N ALA M 21 11.31 -0.61 -12.34
CA ALA M 21 10.88 -0.30 -10.97
C ALA M 21 11.27 1.12 -10.58
N THR M 22 10.47 2.10 -11.00
CA THR M 22 10.79 3.50 -10.73
C THR M 22 10.26 3.92 -9.36
N LYS M 23 10.81 4.99 -8.81
CA LYS M 23 10.36 5.48 -7.50
C LYS M 23 9.23 6.51 -7.63
N ALA M 24 9.11 7.09 -8.82
CA ALA M 24 8.12 8.13 -9.05
C ALA M 24 6.71 7.58 -8.96
N ALA M 25 6.64 6.26 -8.78
CA ALA M 25 5.37 5.54 -8.80
C ALA M 25 4.65 5.54 -7.46
N ARG M 26 3.40 5.96 -7.50
CA ARG M 26 2.57 6.03 -6.34
C ARG M 26 2.53 4.69 -5.63
#